data_1EDM
# 
_entry.id   1EDM 
# 
_audit_conform.dict_name       mmcif_pdbx.dic 
_audit_conform.dict_version    5.397 
_audit_conform.dict_location   http://mmcif.pdb.org/dictionaries/ascii/mmcif_pdbx.dic 
# 
loop_
_database_2.database_id 
_database_2.database_code 
_database_2.pdbx_database_accession 
_database_2.pdbx_DOI 
PDB   1EDM         pdb_00001edm 10.2210/pdb1edm/pdb 
WWPDB D_1000173027 ?            ?                   
# 
loop_
_pdbx_audit_revision_history.ordinal 
_pdbx_audit_revision_history.data_content_type 
_pdbx_audit_revision_history.major_revision 
_pdbx_audit_revision_history.minor_revision 
_pdbx_audit_revision_history.revision_date 
1 'Structure model' 1 0 1996-10-14 
2 'Structure model' 1 1 2008-03-24 
3 'Structure model' 1 2 2011-07-13 
4 'Structure model' 1 3 2024-04-03 
5 'Structure model' 1 4 2024-10-09 
# 
_pdbx_audit_revision_details.ordinal             1 
_pdbx_audit_revision_details.revision_ordinal    1 
_pdbx_audit_revision_details.data_content_type   'Structure model' 
_pdbx_audit_revision_details.provider            repository 
_pdbx_audit_revision_details.type                'Initial release' 
_pdbx_audit_revision_details.description         ? 
_pdbx_audit_revision_details.details             ? 
# 
loop_
_pdbx_audit_revision_group.ordinal 
_pdbx_audit_revision_group.revision_ordinal 
_pdbx_audit_revision_group.data_content_type 
_pdbx_audit_revision_group.group 
1 2 'Structure model' 'Version format compliance' 
2 3 'Structure model' 'Version format compliance' 
3 4 'Structure model' 'Data collection'           
4 4 'Structure model' 'Database references'       
5 4 'Structure model' 'Derived calculations'      
6 4 'Structure model' 'Refinement description'    
7 5 'Structure model' 'Structure summary'         
# 
loop_
_pdbx_audit_revision_category.ordinal 
_pdbx_audit_revision_category.revision_ordinal 
_pdbx_audit_revision_category.data_content_type 
_pdbx_audit_revision_category.category 
1 4 'Structure model' chem_comp_atom                
2 4 'Structure model' chem_comp_bond                
3 4 'Structure model' database_2                    
4 4 'Structure model' pdbx_initial_refinement_model 
5 4 'Structure model' pdbx_struct_conn_angle        
6 4 'Structure model' struct_conn                   
7 4 'Structure model' struct_site                   
8 5 'Structure model' pdbx_entry_details            
9 5 'Structure model' pdbx_modification_feature     
# 
loop_
_pdbx_audit_revision_item.ordinal 
_pdbx_audit_revision_item.revision_ordinal 
_pdbx_audit_revision_item.data_content_type 
_pdbx_audit_revision_item.item 
1  4 'Structure model' '_database_2.pdbx_DOI'                        
2  4 'Structure model' '_database_2.pdbx_database_accession'         
3  4 'Structure model' '_pdbx_struct_conn_angle.ptnr1_auth_asym_id'  
4  4 'Structure model' '_pdbx_struct_conn_angle.ptnr1_auth_comp_id'  
5  4 'Structure model' '_pdbx_struct_conn_angle.ptnr1_auth_seq_id'   
6  4 'Structure model' '_pdbx_struct_conn_angle.ptnr1_label_asym_id' 
7  4 'Structure model' '_pdbx_struct_conn_angle.ptnr1_label_atom_id' 
8  4 'Structure model' '_pdbx_struct_conn_angle.ptnr1_label_comp_id' 
9  4 'Structure model' '_pdbx_struct_conn_angle.ptnr1_label_seq_id'  
10 4 'Structure model' '_pdbx_struct_conn_angle.ptnr1_symmetry'      
11 4 'Structure model' '_pdbx_struct_conn_angle.ptnr2_auth_asym_id'  
12 4 'Structure model' '_pdbx_struct_conn_angle.ptnr2_auth_seq_id'   
13 4 'Structure model' '_pdbx_struct_conn_angle.ptnr2_label_asym_id' 
14 4 'Structure model' '_pdbx_struct_conn_angle.ptnr3_auth_asym_id'  
15 4 'Structure model' '_pdbx_struct_conn_angle.ptnr3_auth_comp_id'  
16 4 'Structure model' '_pdbx_struct_conn_angle.ptnr3_auth_seq_id'   
17 4 'Structure model' '_pdbx_struct_conn_angle.ptnr3_label_asym_id' 
18 4 'Structure model' '_pdbx_struct_conn_angle.ptnr3_label_atom_id' 
19 4 'Structure model' '_pdbx_struct_conn_angle.ptnr3_label_comp_id' 
20 4 'Structure model' '_pdbx_struct_conn_angle.ptnr3_label_seq_id'  
21 4 'Structure model' '_pdbx_struct_conn_angle.ptnr3_symmetry'      
22 4 'Structure model' '_pdbx_struct_conn_angle.value'               
23 4 'Structure model' '_struct_conn.pdbx_dist_value'                
24 4 'Structure model' '_struct_conn.ptnr1_auth_asym_id'             
25 4 'Structure model' '_struct_conn.ptnr1_auth_comp_id'             
26 4 'Structure model' '_struct_conn.ptnr1_auth_seq_id'              
27 4 'Structure model' '_struct_conn.ptnr1_label_asym_id'            
28 4 'Structure model' '_struct_conn.ptnr1_label_atom_id'            
29 4 'Structure model' '_struct_conn.ptnr1_label_comp_id'            
30 4 'Structure model' '_struct_conn.ptnr1_label_seq_id'             
31 4 'Structure model' '_struct_conn.ptnr1_symmetry'                 
32 4 'Structure model' '_struct_conn.ptnr2_auth_asym_id'             
33 4 'Structure model' '_struct_conn.ptnr2_auth_comp_id'             
34 4 'Structure model' '_struct_conn.ptnr2_auth_seq_id'              
35 4 'Structure model' '_struct_conn.ptnr2_label_asym_id'            
36 4 'Structure model' '_struct_conn.ptnr2_label_atom_id'            
37 4 'Structure model' '_struct_conn.ptnr2_label_comp_id'            
38 4 'Structure model' '_struct_conn.ptnr2_label_seq_id'             
39 4 'Structure model' '_struct_conn.ptnr2_symmetry'                 
40 4 'Structure model' '_struct_site.pdbx_auth_asym_id'              
41 4 'Structure model' '_struct_site.pdbx_auth_comp_id'              
42 4 'Structure model' '_struct_site.pdbx_auth_seq_id'               
# 
_pdbx_database_status.status_code                     REL 
_pdbx_database_status.entry_id                        1EDM 
_pdbx_database_status.recvd_initial_deposition_date   1996-03-21 
_pdbx_database_status.deposit_site                    ? 
_pdbx_database_status.process_site                    BNL 
_pdbx_database_status.SG_entry                        . 
_pdbx_database_status.pdb_format_compatible           Y 
_pdbx_database_status.status_code_mr                  ? 
_pdbx_database_status.status_code_sf                  ? 
_pdbx_database_status.status_code_cs                  ? 
_pdbx_database_status.status_code_nmr_data            ? 
_pdbx_database_status.methods_development_category    ? 
# 
loop_
_audit_author.name 
_audit_author.pdbx_ordinal 
'Rao, Z.'        1 
'Handford, P.'   2 
'Mayhew, M.'     3 
'Knott, V.'      4 
'Brownlee, G.G.' 5 
'Stuart, D.'     6 
# 
loop_
_citation.id 
_citation.title 
_citation.journal_abbrev 
_citation.journal_volume 
_citation.page_first 
_citation.page_last 
_citation.year 
_citation.journal_id_ASTM 
_citation.country 
_citation.journal_id_ISSN 
_citation.journal_id_CSD 
_citation.book_publisher 
_citation.pdbx_database_id_PubMed 
_citation.pdbx_database_id_DOI 
primary 'The structure of a Ca(2+)-binding epidermal growth factor-like domain: its role in protein-protein interactions.' 
'Cell(Cambridge,Mass.)'    82 131 141 1995 CELLB5 US 0092-8674 0998 ? 7606779 '10.1016/0092-8674(95)90059-4' 
1       'Crystallization of a Calcium-Binding Egf-Like Domain'                                                             
'Acta Crystallogr.,Sect.D' 51 402 ?   1995 ABCRE6 DK 0907-4449 0766 ? ?       ?                              
# 
loop_
_citation_author.citation_id 
_citation_author.name 
_citation_author.ordinal 
_citation_author.identifier_ORCID 
primary 'Rao, Z.'        1  ? 
primary 'Handford, P.'   2  ? 
primary 'Mayhew, M.'     3  ? 
primary 'Knott, V.'      4  ? 
primary 'Brownlee, G.G.' 5  ? 
primary 'Stuart, D.'     6  ? 
1       'Rao, Z.'        7  ? 
1       'Handford, P.'   8  ? 
1       'Mayhew, M.'     9  ? 
1       'Knott, V.'      10 ? 
1       'Brownlee, G.G.' 11 ? 
1       'Stuart, D.'     12 ? 
# 
loop_
_entity.id 
_entity.type 
_entity.src_method 
_entity.pdbx_description 
_entity.formula_weight 
_entity.pdbx_number_of_molecules 
_entity.pdbx_ec 
_entity.pdbx_mutation 
_entity.pdbx_fragment 
_entity.details 
1 polymer     man 'FACTOR IX'   4279.635 2   ? ? 'EPIDERMAL GROWTH FACTOR-LIKE DOMAIN' ? 
2 non-polymer syn 'CALCIUM ION' 40.078   3   ? ? ?                                     ? 
3 water       nat water         18.015   131 ? ? ?                                     ? 
# 
_entity_poly.entity_id                      1 
_entity_poly.type                           'polypeptide(L)' 
_entity_poly.nstd_linkage                   no 
_entity_poly.nstd_monomer                   no 
_entity_poly.pdbx_seq_one_letter_code       VDGDQCESNPCLNGGSCKDDINSYECWCPFGFEGKNCEL 
_entity_poly.pdbx_seq_one_letter_code_can   VDGDQCESNPCLNGGSCKDDINSYECWCPFGFEGKNCEL 
_entity_poly.pdbx_strand_id                 B,C 
_entity_poly.pdbx_target_identifier         ? 
# 
loop_
_pdbx_entity_nonpoly.entity_id 
_pdbx_entity_nonpoly.name 
_pdbx_entity_nonpoly.comp_id 
2 'CALCIUM ION' CA  
3 water         HOH 
# 
loop_
_entity_poly_seq.entity_id 
_entity_poly_seq.num 
_entity_poly_seq.mon_id 
_entity_poly_seq.hetero 
1 1  VAL n 
1 2  ASP n 
1 3  GLY n 
1 4  ASP n 
1 5  GLN n 
1 6  CYS n 
1 7  GLU n 
1 8  SER n 
1 9  ASN n 
1 10 PRO n 
1 11 CYS n 
1 12 LEU n 
1 13 ASN n 
1 14 GLY n 
1 15 GLY n 
1 16 SER n 
1 17 CYS n 
1 18 LYS n 
1 19 ASP n 
1 20 ASP n 
1 21 ILE n 
1 22 ASN n 
1 23 SER n 
1 24 TYR n 
1 25 GLU n 
1 26 CYS n 
1 27 TRP n 
1 28 CYS n 
1 29 PRO n 
1 30 PHE n 
1 31 GLY n 
1 32 PHE n 
1 33 GLU n 
1 34 GLY n 
1 35 LYS n 
1 36 ASN n 
1 37 CYS n 
1 38 GLU n 
1 39 LEU n 
# 
_entity_src_gen.entity_id                          1 
_entity_src_gen.pdbx_src_id                        1 
_entity_src_gen.pdbx_alt_source_flag               sample 
_entity_src_gen.pdbx_seq_type                      ? 
_entity_src_gen.pdbx_beg_seq_num                   ? 
_entity_src_gen.pdbx_end_seq_num                   ? 
_entity_src_gen.gene_src_common_name               human 
_entity_src_gen.gene_src_genus                     Homo 
_entity_src_gen.pdbx_gene_src_gene                 'HUMAN FACTOR IX' 
_entity_src_gen.gene_src_species                   ? 
_entity_src_gen.gene_src_strain                    'RZ1032, XL1-BLUE, MC1061' 
_entity_src_gen.gene_src_tissue                    ? 
_entity_src_gen.gene_src_tissue_fraction           ? 
_entity_src_gen.gene_src_details                   ? 
_entity_src_gen.pdbx_gene_src_fragment             ? 
_entity_src_gen.pdbx_gene_src_scientific_name      'Homo sapiens' 
_entity_src_gen.pdbx_gene_src_ncbi_taxonomy_id     9606 
_entity_src_gen.pdbx_gene_src_variant              ? 
_entity_src_gen.pdbx_gene_src_cell_line            ? 
_entity_src_gen.pdbx_gene_src_atcc                 ? 
_entity_src_gen.pdbx_gene_src_organ                ? 
_entity_src_gen.pdbx_gene_src_organelle            ? 
_entity_src_gen.pdbx_gene_src_cell                 ? 
_entity_src_gen.pdbx_gene_src_cellular_location    ? 
_entity_src_gen.host_org_common_name               ? 
_entity_src_gen.pdbx_host_org_scientific_name      'Escherichia coli' 
_entity_src_gen.pdbx_host_org_ncbi_taxonomy_id     562 
_entity_src_gen.host_org_genus                     Escherichia 
_entity_src_gen.pdbx_host_org_gene                 'HUMAN FACTOR IX' 
_entity_src_gen.pdbx_host_org_organ                ? 
_entity_src_gen.host_org_species                   ? 
_entity_src_gen.pdbx_host_org_tissue               ? 
_entity_src_gen.pdbx_host_org_tissue_fraction      ? 
_entity_src_gen.pdbx_host_org_strain               ? 
_entity_src_gen.pdbx_host_org_variant              ? 
_entity_src_gen.pdbx_host_org_cell_line            ? 
_entity_src_gen.pdbx_host_org_atcc                 ? 
_entity_src_gen.pdbx_host_org_culture_collection   ? 
_entity_src_gen.pdbx_host_org_cell                 ? 
_entity_src_gen.pdbx_host_org_organelle            ? 
_entity_src_gen.pdbx_host_org_cellular_location    ? 
_entity_src_gen.pdbx_host_org_vector_type          ? 
_entity_src_gen.pdbx_host_org_vector               ? 
_entity_src_gen.host_org_details                   ? 
_entity_src_gen.expression_system_id               ? 
_entity_src_gen.plasmid_name                       PMA91 
_entity_src_gen.plasmid_details                    ? 
_entity_src_gen.pdbx_description                   ? 
# 
loop_
_chem_comp.id 
_chem_comp.type 
_chem_comp.mon_nstd_flag 
_chem_comp.name 
_chem_comp.pdbx_synonyms 
_chem_comp.formula 
_chem_comp.formula_weight 
ASN 'L-peptide linking' y ASPARAGINE      ? 'C4 H8 N2 O3'    132.118 
ASP 'L-peptide linking' y 'ASPARTIC ACID' ? 'C4 H7 N O4'     133.103 
CA  non-polymer         . 'CALCIUM ION'   ? 'Ca 2'           40.078  
CYS 'L-peptide linking' y CYSTEINE        ? 'C3 H7 N O2 S'   121.158 
GLN 'L-peptide linking' y GLUTAMINE       ? 'C5 H10 N2 O3'   146.144 
GLU 'L-peptide linking' y 'GLUTAMIC ACID' ? 'C5 H9 N O4'     147.129 
GLY 'peptide linking'   y GLYCINE         ? 'C2 H5 N O2'     75.067  
HOH non-polymer         . WATER           ? 'H2 O'           18.015  
ILE 'L-peptide linking' y ISOLEUCINE      ? 'C6 H13 N O2'    131.173 
LEU 'L-peptide linking' y LEUCINE         ? 'C6 H13 N O2'    131.173 
LYS 'L-peptide linking' y LYSINE          ? 'C6 H15 N2 O2 1' 147.195 
PHE 'L-peptide linking' y PHENYLALANINE   ? 'C9 H11 N O2'    165.189 
PRO 'L-peptide linking' y PROLINE         ? 'C5 H9 N O2'     115.130 
SER 'L-peptide linking' y SERINE          ? 'C3 H7 N O3'     105.093 
TRP 'L-peptide linking' y TRYPTOPHAN      ? 'C11 H12 N2 O2'  204.225 
TYR 'L-peptide linking' y TYROSINE        ? 'C9 H11 N O3'    181.189 
VAL 'L-peptide linking' y VALINE          ? 'C5 H11 N O2'    117.146 
# 
loop_
_pdbx_poly_seq_scheme.asym_id 
_pdbx_poly_seq_scheme.entity_id 
_pdbx_poly_seq_scheme.seq_id 
_pdbx_poly_seq_scheme.mon_id 
_pdbx_poly_seq_scheme.ndb_seq_num 
_pdbx_poly_seq_scheme.pdb_seq_num 
_pdbx_poly_seq_scheme.auth_seq_num 
_pdbx_poly_seq_scheme.pdb_mon_id 
_pdbx_poly_seq_scheme.auth_mon_id 
_pdbx_poly_seq_scheme.pdb_strand_id 
_pdbx_poly_seq_scheme.pdb_ins_code 
_pdbx_poly_seq_scheme.hetero 
A 1 1  VAL 1  46 46 VAL VAL B . n 
A 1 2  ASP 2  47 47 ASP ASP B . n 
A 1 3  GLY 3  48 48 GLY GLY B . n 
A 1 4  ASP 4  49 49 ASP ASP B . n 
A 1 5  GLN 5  50 50 GLN GLN B . n 
A 1 6  CYS 6  51 51 CYS CYS B . n 
A 1 7  GLU 7  52 52 GLU GLU B . n 
A 1 8  SER 8  53 53 SER SER B . n 
A 1 9  ASN 9  54 54 ASN ASN B . n 
A 1 10 PRO 10 55 55 PRO PRO B . n 
A 1 11 CYS 11 56 56 CYS CYS B . n 
A 1 12 LEU 12 57 57 LEU LEU B . n 
A 1 13 ASN 13 58 58 ASN ASN B . n 
A 1 14 GLY 14 59 59 GLY GLY B . n 
A 1 15 GLY 15 60 60 GLY GLY B . n 
A 1 16 SER 16 61 61 SER SER B . n 
A 1 17 CYS 17 62 62 CYS CYS B . n 
A 1 18 LYS 18 63 63 LYS LYS B . n 
A 1 19 ASP 19 64 64 ASP ASP B . n 
A 1 20 ASP 20 65 65 ASP ASP B . n 
A 1 21 ILE 21 66 66 ILE ILE B . n 
A 1 22 ASN 22 67 67 ASN ASN B . n 
A 1 23 SER 23 68 68 SER SER B . n 
A 1 24 TYR 24 69 69 TYR TYR B . n 
A 1 25 GLU 25 70 70 GLU GLU B . n 
A 1 26 CYS 26 71 71 CYS CYS B . n 
A 1 27 TRP 27 72 72 TRP TRP B . n 
A 1 28 CYS 28 73 73 CYS CYS B . n 
A 1 29 PRO 29 74 74 PRO PRO B . n 
A 1 30 PHE 30 75 75 PHE PHE B . n 
A 1 31 GLY 31 76 76 GLY GLY B . n 
A 1 32 PHE 32 77 77 PHE PHE B . n 
A 1 33 GLU 33 78 78 GLU GLU B . n 
A 1 34 GLY 34 79 79 GLY GLY B . n 
A 1 35 LYS 35 80 80 LYS LYS B . n 
A 1 36 ASN 36 81 81 ASN ASN B . n 
A 1 37 CYS 37 82 82 CYS CYS B . n 
A 1 38 GLU 38 83 83 GLU GLU B . n 
A 1 39 LEU 39 84 84 LEU LEU B . n 
B 1 1  VAL 1  46 46 VAL VAL C . n 
B 1 2  ASP 2  47 47 ASP ASP C . n 
B 1 3  GLY 3  48 48 GLY GLY C . n 
B 1 4  ASP 4  49 49 ASP ASP C . n 
B 1 5  GLN 5  50 50 GLN GLN C . n 
B 1 6  CYS 6  51 51 CYS CYS C . n 
B 1 7  GLU 7  52 52 GLU GLU C . n 
B 1 8  SER 8  53 53 SER SER C . n 
B 1 9  ASN 9  54 54 ASN ASN C . n 
B 1 10 PRO 10 55 55 PRO PRO C . n 
B 1 11 CYS 11 56 56 CYS CYS C . n 
B 1 12 LEU 12 57 57 LEU LEU C . n 
B 1 13 ASN 13 58 58 ASN ASN C . n 
B 1 14 GLY 14 59 59 GLY GLY C . n 
B 1 15 GLY 15 60 60 GLY GLY C . n 
B 1 16 SER 16 61 61 SER SER C . n 
B 1 17 CYS 17 62 62 CYS CYS C . n 
B 1 18 LYS 18 63 63 LYS LYS C . n 
B 1 19 ASP 19 64 64 ASP ASP C . n 
B 1 20 ASP 20 65 65 ASP ASP C . n 
B 1 21 ILE 21 66 66 ILE ILE C . n 
B 1 22 ASN 22 67 67 ASN ASN C . n 
B 1 23 SER 23 68 68 SER SER C . n 
B 1 24 TYR 24 69 69 TYR TYR C . n 
B 1 25 GLU 25 70 70 GLU GLU C . n 
B 1 26 CYS 26 71 71 CYS CYS C . n 
B 1 27 TRP 27 72 72 TRP TRP C . n 
B 1 28 CYS 28 73 73 CYS CYS C . n 
B 1 29 PRO 29 74 74 PRO PRO C . n 
B 1 30 PHE 30 75 75 PHE PHE C . n 
B 1 31 GLY 31 76 76 GLY GLY C . n 
B 1 32 PHE 32 77 77 PHE PHE C . n 
B 1 33 GLU 33 78 78 GLU GLU C . n 
B 1 34 GLY 34 79 79 GLY GLY C . n 
B 1 35 LYS 35 80 80 LYS LYS C . n 
B 1 36 ASN 36 81 81 ASN ASN C . n 
B 1 37 CYS 37 82 82 CYS CYS C . n 
B 1 38 GLU 38 83 83 GLU GLU C . n 
B 1 39 LEU 39 84 84 LEU LEU C . n 
# 
loop_
_pdbx_nonpoly_scheme.asym_id 
_pdbx_nonpoly_scheme.entity_id 
_pdbx_nonpoly_scheme.mon_id 
_pdbx_nonpoly_scheme.ndb_seq_num 
_pdbx_nonpoly_scheme.pdb_seq_num 
_pdbx_nonpoly_scheme.auth_seq_num 
_pdbx_nonpoly_scheme.pdb_mon_id 
_pdbx_nonpoly_scheme.auth_mon_id 
_pdbx_nonpoly_scheme.pdb_strand_id 
_pdbx_nonpoly_scheme.pdb_ins_code 
C 2 CA  1  3   3   CA  CA  B . 
D 2 CA  1  2   2   CA  CA  B . 
E 2 CA  1  1   1   CA  CA  C . 
F 3 HOH 1  201 201 HOH HOH B . 
F 3 HOH 2  202 202 HOH HOH B . 
F 3 HOH 3  203 203 HOH HOH B . 
F 3 HOH 4  204 204 HOH HOH B . 
F 3 HOH 5  206 206 HOH HOH B . 
F 3 HOH 6  208 208 HOH HOH B . 
F 3 HOH 7  209 209 HOH HOH B . 
F 3 HOH 8  210 210 HOH HOH B . 
F 3 HOH 9  211 211 HOH HOH B . 
F 3 HOH 10 212 212 HOH HOH B . 
F 3 HOH 11 214 214 HOH HOH B . 
F 3 HOH 12 216 216 HOH HOH B . 
F 3 HOH 13 217 217 HOH HOH B . 
F 3 HOH 14 218 218 HOH HOH B . 
F 3 HOH 15 219 219 HOH HOH B . 
F 3 HOH 16 224 224 HOH HOH B . 
F 3 HOH 17 225 225 HOH HOH B . 
F 3 HOH 18 226 226 HOH HOH B . 
F 3 HOH 19 228 228 HOH HOH B . 
F 3 HOH 20 229 229 HOH HOH B . 
F 3 HOH 21 230 230 HOH HOH B . 
F 3 HOH 22 231 231 HOH HOH B . 
F 3 HOH 23 234 234 HOH HOH B . 
F 3 HOH 24 235 235 HOH HOH B . 
F 3 HOH 25 236 236 HOH HOH B . 
F 3 HOH 26 237 237 HOH HOH B . 
F 3 HOH 27 240 240 HOH HOH B . 
F 3 HOH 28 241 241 HOH HOH B . 
F 3 HOH 29 243 243 HOH HOH B . 
F 3 HOH 30 247 247 HOH HOH B . 
F 3 HOH 31 248 248 HOH HOH B . 
F 3 HOH 32 250 250 HOH HOH B . 
F 3 HOH 33 251 251 HOH HOH B . 
F 3 HOH 34 254 254 HOH HOH B . 
F 3 HOH 35 255 255 HOH HOH B . 
F 3 HOH 36 258 258 HOH HOH B . 
F 3 HOH 37 259 259 HOH HOH B . 
F 3 HOH 38 261 261 HOH HOH B . 
F 3 HOH 39 263 263 HOH HOH B . 
F 3 HOH 40 264 264 HOH HOH B . 
F 3 HOH 41 265 265 HOH HOH B . 
F 3 HOH 42 266 266 HOH HOH B . 
F 3 HOH 43 272 272 HOH HOH B . 
F 3 HOH 44 276 276 HOH HOH B . 
F 3 HOH 45 279 279 HOH HOH B . 
F 3 HOH 46 280 280 HOH HOH B . 
F 3 HOH 47 281 281 HOH HOH B . 
F 3 HOH 48 400 400 HOH HOH B . 
F 3 HOH 49 402 402 HOH HOH B . 
F 3 HOH 50 403 403 HOH HOH B . 
F 3 HOH 51 404 404 HOH HOH B . 
F 3 HOH 52 406 406 HOH HOH B . 
F 3 HOH 53 408 408 HOH HOH B . 
F 3 HOH 54 410 410 HOH HOH B . 
F 3 HOH 55 411 411 HOH HOH B . 
F 3 HOH 56 412 412 HOH HOH B . 
F 3 HOH 57 414 414 HOH HOH B . 
F 3 HOH 58 415 415 HOH HOH B . 
F 3 HOH 59 417 417 HOH HOH B . 
F 3 HOH 60 420 420 HOH HOH B . 
F 3 HOH 61 421 421 HOH HOH B . 
F 3 HOH 62 424 424 HOH HOH B . 
F 3 HOH 63 425 425 HOH HOH B . 
F 3 HOH 64 428 428 HOH HOH B . 
F 3 HOH 65 429 429 HOH HOH B . 
F 3 HOH 66 435 435 HOH HOH B . 
F 3 HOH 67 438 438 HOH HOH B . 
F 3 HOH 68 439 439 HOH HOH B . 
F 3 HOH 69 442 442 HOH HOH B . 
F 3 HOH 70 444 444 HOH HOH B . 
F 3 HOH 71 445 445 HOH HOH B . 
F 3 HOH 72 446 446 HOH HOH B . 
G 3 HOH 1  200 200 HOH HOH C . 
G 3 HOH 2  205 205 HOH HOH C . 
G 3 HOH 3  207 207 HOH HOH C . 
G 3 HOH 4  213 213 HOH HOH C . 
G 3 HOH 5  215 215 HOH HOH C . 
G 3 HOH 6  220 220 HOH HOH C . 
G 3 HOH 7  221 221 HOH HOH C . 
G 3 HOH 8  222 222 HOH HOH C . 
G 3 HOH 9  223 223 HOH HOH C . 
G 3 HOH 10 227 227 HOH HOH C . 
G 3 HOH 11 232 232 HOH HOH C . 
G 3 HOH 12 233 233 HOH HOH C . 
G 3 HOH 13 238 238 HOH HOH C . 
G 3 HOH 14 239 239 HOH HOH C . 
G 3 HOH 15 242 242 HOH HOH C . 
G 3 HOH 16 244 244 HOH HOH C . 
G 3 HOH 17 245 245 HOH HOH C . 
G 3 HOH 18 246 246 HOH HOH C . 
G 3 HOH 19 249 249 HOH HOH C . 
G 3 HOH 20 252 252 HOH HOH C . 
G 3 HOH 21 253 253 HOH HOH C . 
G 3 HOH 22 256 256 HOH HOH C . 
G 3 HOH 23 257 257 HOH HOH C . 
G 3 HOH 24 260 260 HOH HOH C . 
G 3 HOH 25 262 262 HOH HOH C . 
G 3 HOH 26 267 267 HOH HOH C . 
G 3 HOH 27 268 268 HOH HOH C . 
G 3 HOH 28 269 269 HOH HOH C . 
G 3 HOH 29 270 270 HOH HOH C . 
G 3 HOH 30 271 271 HOH HOH C . 
G 3 HOH 31 273 273 HOH HOH C . 
G 3 HOH 32 274 274 HOH HOH C . 
G 3 HOH 33 275 275 HOH HOH C . 
G 3 HOH 34 277 277 HOH HOH C . 
G 3 HOH 35 278 278 HOH HOH C . 
G 3 HOH 36 282 282 HOH HOH C . 
G 3 HOH 37 401 401 HOH HOH C . 
G 3 HOH 38 405 405 HOH HOH C . 
G 3 HOH 39 407 407 HOH HOH C . 
G 3 HOH 40 409 409 HOH HOH C . 
G 3 HOH 41 413 413 HOH HOH C . 
G 3 HOH 42 416 416 HOH HOH C . 
G 3 HOH 43 418 418 HOH HOH C . 
G 3 HOH 44 419 419 HOH HOH C . 
G 3 HOH 45 422 422 HOH HOH C . 
G 3 HOH 46 423 423 HOH HOH C . 
G 3 HOH 47 426 426 HOH HOH C . 
G 3 HOH 48 427 427 HOH HOH C . 
G 3 HOH 49 430 430 HOH HOH C . 
G 3 HOH 50 431 431 HOH HOH C . 
G 3 HOH 51 432 432 HOH HOH C . 
G 3 HOH 52 433 433 HOH HOH C . 
G 3 HOH 53 434 434 HOH HOH C . 
G 3 HOH 54 436 436 HOH HOH C . 
G 3 HOH 55 437 437 HOH HOH C . 
G 3 HOH 56 440 440 HOH HOH C . 
G 3 HOH 57 441 441 HOH HOH C . 
G 3 HOH 58 443 443 HOH HOH C . 
G 3 HOH 59 447 447 HOH HOH C . 
# 
loop_
_software.name 
_software.classification 
_software.version 
_software.citation_id 
_software.pdbx_ordinal 
XDS      'data scaling'   .             ? 1 
3D-SCALE 'data reduction' '(D. STUART)' ? 2 
X-PLOR   'model building' .             ? 3 
X-PLOR   refinement       .             ? 4 
XDS      'data reduction' .             ? 5 
3DSCALE  'data scaling'   .             ? 6 
X-PLOR   phasing          .             ? 7 
# 
_cell.entry_id           1EDM 
_cell.length_a           40.300 
_cell.length_b           40.300 
_cell.length_c           98.300 
_cell.angle_alpha        90.00 
_cell.angle_beta         90.00 
_cell.angle_gamma        90.00 
_cell.Z_PDB              16 
_cell.pdbx_unique_axis   ? 
# 
_symmetry.entry_id                         1EDM 
_symmetry.space_group_name_H-M             'P 43 21 2' 
_symmetry.pdbx_full_space_group_name_H-M   ? 
_symmetry.cell_setting                     ? 
_symmetry.Int_Tables_number                96 
# 
_exptl.entry_id          1EDM 
_exptl.method            'X-RAY DIFFRACTION' 
_exptl.crystals_number   1 
# 
_exptl_crystal.id                    1 
_exptl_crystal.density_meas          ? 
_exptl_crystal.density_Matthews      2.33 
_exptl_crystal.density_percent_sol   30. 
_exptl_crystal.description           ? 
# 
_exptl_crystal_grow.crystal_id      1 
_exptl_crystal_grow.method          ? 
_exptl_crystal_grow.temp            ? 
_exptl_crystal_grow.temp_details    ? 
_exptl_crystal_grow.pH              7.3 
_exptl_crystal_grow.pdbx_pH_range   ? 
_exptl_crystal_grow.pdbx_details    'pH 7.3' 
# 
_diffrn.id                     1 
_diffrn.ambient_temp           293 
_diffrn.ambient_temp_details   ? 
_diffrn.crystal_id             1 
# 
_diffrn_detector.diffrn_id              1 
_diffrn_detector.detector               'IMAGE PLATE' 
_diffrn_detector.type                   SIEMENS 
_diffrn_detector.pdbx_collection_date   1992-01-01 
_diffrn_detector.details                ? 
# 
_diffrn_radiation.diffrn_id                        1 
_diffrn_radiation.wavelength_id                    1 
_diffrn_radiation.pdbx_monochromatic_or_laue_m_l   M 
_diffrn_radiation.monochromator                    Y 
_diffrn_radiation.pdbx_diffrn_protocol             ? 
_diffrn_radiation.pdbx_scattering_type             x-ray 
# 
_diffrn_radiation_wavelength.id           1 
_diffrn_radiation_wavelength.wavelength   1.54 
_diffrn_radiation_wavelength.wt           1.0 
# 
_diffrn_source.diffrn_id                   1 
_diffrn_source.source                      SYNCHROTRON 
_diffrn_source.type                        'CHESS BEAMLINE F1' 
_diffrn_source.pdbx_synchrotron_site       CHESS 
_diffrn_source.pdbx_synchrotron_beamline   F1 
_diffrn_source.pdbx_wavelength             1.54 
_diffrn_source.pdbx_wavelength_list        ? 
# 
_reflns.entry_id                     1EDM 
_reflns.observed_criterion_sigma_I   0.0 
_reflns.observed_criterion_sigma_F   ? 
_reflns.d_resolution_low             30. 
_reflns.d_resolution_high            3.5 
_reflns.number_obs                   1196 
_reflns.number_all                   ? 
_reflns.percent_possible_obs         97.6 
_reflns.pdbx_Rmerge_I_obs            0.058 
_reflns.pdbx_Rsym_value              ? 
_reflns.pdbx_netI_over_sigmaI        ? 
_reflns.B_iso_Wilson_estimate        ? 
_reflns.pdbx_redundancy              3.5 
_reflns.pdbx_diffrn_id               1 
_reflns.pdbx_ordinal                 1 
# 
_reflns_shell.d_res_high             1.50 
_reflns_shell.d_res_low              1.65 
_reflns_shell.percent_possible_all   92. 
_reflns_shell.Rmerge_I_obs           ? 
_reflns_shell.pdbx_Rsym_value        ? 
_reflns_shell.meanI_over_sigI_obs    ? 
_reflns_shell.pdbx_redundancy        ? 
_reflns_shell.pdbx_diffrn_id         ? 
_reflns_shell.pdbx_ordinal           1 
# 
_refine.entry_id                                 1EDM 
_refine.ls_number_reflns_obs                     13041 
_refine.ls_number_reflns_all                     ? 
_refine.pdbx_ls_sigma_I                          ? 
_refine.pdbx_ls_sigma_F                          0. 
_refine.pdbx_data_cutoff_high_absF               ? 
_refine.pdbx_data_cutoff_low_absF                ? 
_refine.pdbx_data_cutoff_high_rms_absF           ? 
_refine.ls_d_res_low                             30.0 
_refine.ls_d_res_high                            1.5 
_refine.ls_percent_reflns_obs                    ? 
_refine.ls_R_factor_obs                          0.157 
_refine.ls_R_factor_all                          ? 
_refine.ls_R_factor_R_work                       0.157 
_refine.ls_R_factor_R_free                       ? 
_refine.ls_R_factor_R_free_error                 ? 
_refine.ls_R_factor_R_free_error_details         ? 
_refine.ls_percent_reflns_R_free                 ? 
_refine.ls_number_reflns_R_free                  ? 
_refine.ls_number_parameters                     ? 
_refine.ls_number_restraints                     ? 
_refine.occupancy_min                            ? 
_refine.occupancy_max                            ? 
_refine.B_iso_mean                               17.5 
_refine.aniso_B[1][1]                            ? 
_refine.aniso_B[2][2]                            ? 
_refine.aniso_B[3][3]                            ? 
_refine.aniso_B[1][2]                            ? 
_refine.aniso_B[1][3]                            ? 
_refine.aniso_B[2][3]                            ? 
_refine.solvent_model_details                    ? 
_refine.solvent_model_param_ksol                 ? 
_refine.solvent_model_param_bsol                 ? 
_refine.pdbx_ls_cross_valid_method               ? 
_refine.details                                  ? 
_refine.pdbx_starting_model                      'NMR MODEL' 
_refine.pdbx_method_to_determine_struct          MIR 
_refine.pdbx_isotropic_thermal_model             ? 
_refine.pdbx_stereochemistry_target_values       ? 
_refine.pdbx_stereochem_target_val_spec_case     ? 
_refine.pdbx_R_Free_selection_details            ? 
_refine.pdbx_overall_ESU_R                       ? 
_refine.pdbx_overall_ESU_R_Free                  ? 
_refine.overall_SU_ML                            ? 
_refine.overall_SU_B                             ? 
_refine.pdbx_refine_id                           'X-RAY DIFFRACTION' 
_refine.pdbx_diffrn_id                           1 
_refine.pdbx_TLS_residual_ADP_flag               ? 
_refine.correlation_coeff_Fo_to_Fc               ? 
_refine.correlation_coeff_Fo_to_Fc_free          ? 
_refine.pdbx_solvent_vdw_probe_radii             ? 
_refine.pdbx_solvent_ion_probe_radii             ? 
_refine.pdbx_solvent_shrinkage_radii             ? 
_refine.pdbx_overall_phase_error                 ? 
_refine.overall_SU_R_Cruickshank_DPI             ? 
_refine.pdbx_overall_SU_R_free_Cruickshank_DPI   ? 
_refine.pdbx_overall_SU_R_Blow_DPI               ? 
_refine.pdbx_overall_SU_R_free_Blow_DPI          ? 
# 
_refine_hist.pdbx_refine_id                   'X-RAY DIFFRACTION' 
_refine_hist.cycle_id                         LAST 
_refine_hist.pdbx_number_atoms_protein        590 
_refine_hist.pdbx_number_atoms_nucleic_acid   0 
_refine_hist.pdbx_number_atoms_ligand         0 
_refine_hist.number_atoms_solvent             129 
_refine_hist.number_atoms_total               719 
_refine_hist.d_res_high                       1.5 
_refine_hist.d_res_low                        30.0 
# 
loop_
_refine_ls_restr.type 
_refine_ls_restr.dev_ideal 
_refine_ls_restr.dev_ideal_target 
_refine_ls_restr.weight 
_refine_ls_restr.number 
_refine_ls_restr.pdbx_refine_id 
_refine_ls_restr.pdbx_restraint_function 
x_bond_d                0.01 ? ? ? 'X-RAY DIFFRACTION' ? 
x_bond_d_na             ?    ? ? ? 'X-RAY DIFFRACTION' ? 
x_bond_d_prot           ?    ? ? ? 'X-RAY DIFFRACTION' ? 
x_angle_d               ?    ? ? ? 'X-RAY DIFFRACTION' ? 
x_angle_d_na            ?    ? ? ? 'X-RAY DIFFRACTION' ? 
x_angle_d_prot          ?    ? ? ? 'X-RAY DIFFRACTION' ? 
x_angle_deg             1.25 ? ? ? 'X-RAY DIFFRACTION' ? 
x_angle_deg_na          ?    ? ? ? 'X-RAY DIFFRACTION' ? 
x_angle_deg_prot        ?    ? ? ? 'X-RAY DIFFRACTION' ? 
x_dihedral_angle_d      ?    ? ? ? 'X-RAY DIFFRACTION' ? 
x_dihedral_angle_d_na   ?    ? ? ? 'X-RAY DIFFRACTION' ? 
x_dihedral_angle_d_prot ?    ? ? ? 'X-RAY DIFFRACTION' ? 
x_improper_angle_d      ?    ? ? ? 'X-RAY DIFFRACTION' ? 
x_improper_angle_d_na   ?    ? ? ? 'X-RAY DIFFRACTION' ? 
x_improper_angle_d_prot ?    ? ? ? 'X-RAY DIFFRACTION' ? 
x_mcbond_it             ?    ? ? ? 'X-RAY DIFFRACTION' ? 
x_mcangle_it            ?    ? ? ? 'X-RAY DIFFRACTION' ? 
x_scbond_it             ?    ? ? ? 'X-RAY DIFFRACTION' ? 
x_scangle_it            ?    ? ? ? 'X-RAY DIFFRACTION' ? 
# 
_struct.entry_id                  1EDM 
_struct.title                     'EPIDERMAL GROWTH FACTOR-LIKE DOMAIN FROM HUMAN FACTOR IX' 
_struct.pdbx_model_details        ? 
_struct.pdbx_CASP_flag            ? 
_struct.pdbx_model_type_details   ? 
# 
_struct_keywords.entry_id        1EDM 
_struct_keywords.pdbx_keywords   'COAGULATION FACTOR' 
_struct_keywords.text            
'EPIDERMAL GROWTH FACTOR, EGF, CALCIUM-BINDING, EGF-LIKE DOMAIN, STRUCTURE AND FUNCTION, HUMAN FACTOR IX, COAGULATION FACTOR' 
# 
loop_
_struct_asym.id 
_struct_asym.pdbx_blank_PDB_chainid_flag 
_struct_asym.pdbx_modified 
_struct_asym.entity_id 
_struct_asym.details 
A N N 1 ? 
B N N 1 ? 
C N N 2 ? 
D N N 2 ? 
E N N 2 ? 
F N N 3 ? 
G N N 3 ? 
# 
_struct_ref.id                         1 
_struct_ref.db_name                    UNP 
_struct_ref.db_code                    FA9_HUMAN 
_struct_ref.entity_id                  1 
_struct_ref.pdbx_db_accession          P00740 
_struct_ref.pdbx_align_begin           1 
_struct_ref.pdbx_seq_one_letter_code   
;MQRVNMIMAESPGLITICLLGYLLSAECTVFLDHENANKILNRPKRYNSGKLEEFVQGNLERECMEEKCSFEEAREVFEN
TERTTEFWKQYVDGDQCESNPCLNGGSCKDDINSYECWCPFGFEGKNCELDVTCNIKNGRCEQFCKNSADNKVVCSCTEG
YRLAENQKSCEPAVPFPCGRVSVSQTSKLTRAEAVFPDVDYVNSTEAETILDNITQSTQSFNDFTRVVGGEDAKPGQFPW
QVVLNGKVDAFCGGSIVNEKWIVTAAHCVETGVKITVVAGEHNIEETEHTEQKRNVIRIIPHHNYNAAINKYNHDIALLE
LDEPLVLNSYVTPICIADKEYTNIFLKFGSGYVSGWGRVFHKGRSALVLQYLRVPLVDRATCLRSTKFTIYNNMFCAGFH
EGGRDSCQGDSGGPHVTEVEGTSFLTGIISWGEECAMKGKYGIYTKVSRYVNWIKEKTKLT
;
_struct_ref.pdbx_db_isoform            ? 
# 
loop_
_struct_ref_seq.align_id 
_struct_ref_seq.ref_id 
_struct_ref_seq.pdbx_PDB_id_code 
_struct_ref_seq.pdbx_strand_id 
_struct_ref_seq.seq_align_beg 
_struct_ref_seq.pdbx_seq_align_beg_ins_code 
_struct_ref_seq.seq_align_end 
_struct_ref_seq.pdbx_seq_align_end_ins_code 
_struct_ref_seq.pdbx_db_accession 
_struct_ref_seq.db_align_beg 
_struct_ref_seq.pdbx_db_align_beg_ins_code 
_struct_ref_seq.db_align_end 
_struct_ref_seq.pdbx_db_align_end_ins_code 
_struct_ref_seq.pdbx_auth_seq_align_beg 
_struct_ref_seq.pdbx_auth_seq_align_end 
1 1 1EDM B 1 ? 39 ? P00740 92 ? 130 ? 46 84 
2 1 1EDM C 1 ? 39 ? P00740 92 ? 130 ? 46 84 
# 
_pdbx_struct_assembly.id                   1 
_pdbx_struct_assembly.details              author_defined_assembly 
_pdbx_struct_assembly.method_details       ? 
_pdbx_struct_assembly.oligomeric_details   dimeric 
_pdbx_struct_assembly.oligomeric_count     2 
# 
_pdbx_struct_assembly_gen.assembly_id       1 
_pdbx_struct_assembly_gen.oper_expression   1 
_pdbx_struct_assembly_gen.asym_id_list      A,B,C,D,E,F,G 
# 
_pdbx_struct_oper_list.id                   1 
_pdbx_struct_oper_list.type                 'identity operation' 
_pdbx_struct_oper_list.name                 1_555 
_pdbx_struct_oper_list.symmetry_operation   x,y,z 
_pdbx_struct_oper_list.matrix[1][1]         1.0000000000 
_pdbx_struct_oper_list.matrix[1][2]         0.0000000000 
_pdbx_struct_oper_list.matrix[1][3]         0.0000000000 
_pdbx_struct_oper_list.vector[1]            0.0000000000 
_pdbx_struct_oper_list.matrix[2][1]         0.0000000000 
_pdbx_struct_oper_list.matrix[2][2]         1.0000000000 
_pdbx_struct_oper_list.matrix[2][3]         0.0000000000 
_pdbx_struct_oper_list.vector[2]            0.0000000000 
_pdbx_struct_oper_list.matrix[3][1]         0.0000000000 
_pdbx_struct_oper_list.matrix[3][2]         0.0000000000 
_pdbx_struct_oper_list.matrix[3][3]         1.0000000000 
_pdbx_struct_oper_list.vector[3]            0.0000000000 
# 
_struct_biol.id   1 
# 
loop_
_struct_conn.id 
_struct_conn.conn_type_id 
_struct_conn.pdbx_leaving_atom_flag 
_struct_conn.pdbx_PDB_id 
_struct_conn.ptnr1_label_asym_id 
_struct_conn.ptnr1_label_comp_id 
_struct_conn.ptnr1_label_seq_id 
_struct_conn.ptnr1_label_atom_id 
_struct_conn.pdbx_ptnr1_label_alt_id 
_struct_conn.pdbx_ptnr1_PDB_ins_code 
_struct_conn.pdbx_ptnr1_standard_comp_id 
_struct_conn.ptnr1_symmetry 
_struct_conn.ptnr2_label_asym_id 
_struct_conn.ptnr2_label_comp_id 
_struct_conn.ptnr2_label_seq_id 
_struct_conn.ptnr2_label_atom_id 
_struct_conn.pdbx_ptnr2_label_alt_id 
_struct_conn.pdbx_ptnr2_PDB_ins_code 
_struct_conn.ptnr1_auth_asym_id 
_struct_conn.ptnr1_auth_comp_id 
_struct_conn.ptnr1_auth_seq_id 
_struct_conn.ptnr2_auth_asym_id 
_struct_conn.ptnr2_auth_comp_id 
_struct_conn.ptnr2_auth_seq_id 
_struct_conn.ptnr2_symmetry 
_struct_conn.pdbx_ptnr3_label_atom_id 
_struct_conn.pdbx_ptnr3_label_seq_id 
_struct_conn.pdbx_ptnr3_label_comp_id 
_struct_conn.pdbx_ptnr3_label_asym_id 
_struct_conn.pdbx_ptnr3_label_alt_id 
_struct_conn.pdbx_ptnr3_PDB_ins_code 
_struct_conn.details 
_struct_conn.pdbx_dist_value 
_struct_conn.pdbx_value_order 
_struct_conn.pdbx_role 
disulf1  disulf ? ? A CYS 6  SG  ? ? ? 1_555 A CYS 17 SG  ? ? B CYS 51 B CYS 62  1_555 ? ? ? ? ? ? ? 2.031 ? ? 
disulf2  disulf ? ? A CYS 11 SG  ? ? ? 1_555 A CYS 26 SG  ? ? B CYS 56 B CYS 71  1_555 ? ? ? ? ? ? ? 2.005 ? ? 
disulf3  disulf ? ? A CYS 28 SG  ? ? ? 1_555 A CYS 37 SG  ? ? B CYS 73 B CYS 82  1_555 ? ? ? ? ? ? ? 2.028 ? ? 
disulf4  disulf ? ? B CYS 6  SG  ? ? ? 1_555 B CYS 17 SG  ? ? C CYS 51 C CYS 62  1_555 ? ? ? ? ? ? ? 2.013 ? ? 
disulf5  disulf ? ? B CYS 11 SG  ? ? ? 1_555 B CYS 26 SG  ? ? C CYS 56 C CYS 71  1_555 ? ? ? ? ? ? ? 2.026 ? ? 
disulf6  disulf ? ? B CYS 28 SG  ? ? ? 1_555 B CYS 37 SG  ? ? C CYS 73 C CYS 82  1_555 ? ? ? ? ? ? ? 2.044 ? ? 
metalc1  metalc ? ? D CA  .  CA  ? ? ? 1_555 A ASP 2  OD2 ? ? B CA  2  B ASP 47  1_555 ? ? ? ? ? ? ? 2.301 ? ? 
metalc2  metalc ? ? D CA  .  CA  ? ? ? 1_555 A GLY 3  O   ? ? B CA  2  B GLY 48  1_555 ? ? ? ? ? ? ? 2.274 ? ? 
metalc3  metalc ? ? D CA  .  CA  ? ? ? 1_555 A GLN 5  OE1 ? ? B CA  2  B GLN 50  1_555 ? ? ? ? ? ? ? 2.412 ? ? 
metalc4  metalc ? ? D CA  .  CA  ? ? ? 1_555 A ASP 19 OD2 ? ? B CA  2  B ASP 64  1_555 ? ? ? ? ? ? ? 2.404 ? ? 
metalc5  metalc ? ? D CA  .  CA  ? ? ? 1_555 A ASP 19 OD1 ? ? B CA  2  B ASP 64  1_555 ? ? ? ? ? ? ? 2.551 ? ? 
metalc6  metalc ? ? D CA  .  CA  ? ? ? 1_555 A ASP 20 O   ? ? B CA  2  B ASP 65  1_555 ? ? ? ? ? ? ? 2.291 ? ? 
metalc7  metalc ? ? D CA  .  CA  ? ? ? 1_555 B ASN 13 OD1 ? ? B CA  2  C ASN 58  1_555 ? ? ? ? ? ? ? 2.362 ? ? 
metalc8  metalc ? ? C CA  .  CA  ? ? ? 1_555 A SER 8  O   ? ? B CA  3  B SER 53  1_555 ? ? ? ? ? ? ? 2.370 ? ? 
metalc9  metalc ? ? C CA  .  CA  ? ? ? 1_555 A SER 8  OG  ? ? B CA  3  B SER 53  1_555 ? ? ? ? ? ? ? 2.588 ? ? 
metalc10 metalc ? ? C CA  .  CA  ? ? ? 1_555 F HOH .  O   ? ? B CA  3  B HOH 204 6_446 ? ? ? ? ? ? ? 2.504 ? ? 
metalc11 metalc ? ? C CA  .  CA  ? ? ? 1_555 F HOH .  O   ? ? B CA  3  B HOH 208 1_555 ? ? ? ? ? ? ? 2.556 ? ? 
metalc12 metalc ? ? C CA  .  CA  ? ? ? 1_555 F HOH .  O   ? ? B CA  3  B HOH 209 1_555 ? ? ? ? ? ? ? 2.402 ? ? 
metalc13 metalc ? ? C CA  .  CA  ? ? ? 1_555 F HOH .  O   ? ? B CA  3  B HOH 210 1_555 ? ? ? ? ? ? ? 2.503 ? ? 
metalc14 metalc ? ? C CA  .  CA  ? ? ? 1_555 F HOH .  O   ? ? B CA  3  B HOH 234 1_555 ? ? ? ? ? ? ? 2.327 ? ? 
metalc15 metalc ? ? C CA  .  CA  ? ? ? 1_555 F HOH .  O   ? ? B CA  3  B HOH 254 1_555 ? ? ? ? ? ? ? 2.468 ? ? 
metalc16 metalc ? ? A ASN 13 OD1 ? ? ? 3_544 E CA  .  CA  ? ? B ASN 58 C CA  1   1_555 ? ? ? ? ? ? ? 2.480 ? ? 
metalc17 metalc ? ? E CA  .  CA  ? ? ? 1_555 B ASP 2  OD2 ? ? C CA  1  C ASP 47  1_555 ? ? ? ? ? ? ? 2.263 ? ? 
metalc18 metalc ? ? E CA  .  CA  ? ? ? 1_555 B GLY 3  O   ? ? C CA  1  C GLY 48  1_555 ? ? ? ? ? ? ? 2.365 ? ? 
metalc19 metalc ? ? E CA  .  CA  ? ? ? 1_555 B GLN 5  OE1 ? ? C CA  1  C GLN 50  1_555 ? ? ? ? ? ? ? 2.364 ? ? 
metalc20 metalc ? ? E CA  .  CA  ? ? ? 1_555 B ASP 19 OD1 ? ? C CA  1  C ASP 64  1_555 ? ? ? ? ? ? ? 2.570 ? ? 
metalc21 metalc ? ? E CA  .  CA  ? ? ? 1_555 B ASP 19 OD2 ? ? C CA  1  C ASP 64  1_555 ? ? ? ? ? ? ? 2.604 ? ? 
metalc22 metalc ? ? E CA  .  CA  ? ? ? 1_555 B ASP 20 O   ? ? C CA  1  C ASP 65  1_555 ? ? ? ? ? ? ? 2.211 ? ? 
# 
loop_
_struct_conn_type.id 
_struct_conn_type.criteria 
_struct_conn_type.reference 
disulf ? ? 
metalc ? ? 
# 
loop_
_pdbx_struct_conn_angle.id 
_pdbx_struct_conn_angle.ptnr1_label_atom_id 
_pdbx_struct_conn_angle.ptnr1_label_alt_id 
_pdbx_struct_conn_angle.ptnr1_label_asym_id 
_pdbx_struct_conn_angle.ptnr1_label_comp_id 
_pdbx_struct_conn_angle.ptnr1_label_seq_id 
_pdbx_struct_conn_angle.ptnr1_auth_atom_id 
_pdbx_struct_conn_angle.ptnr1_auth_asym_id 
_pdbx_struct_conn_angle.ptnr1_auth_comp_id 
_pdbx_struct_conn_angle.ptnr1_auth_seq_id 
_pdbx_struct_conn_angle.ptnr1_PDB_ins_code 
_pdbx_struct_conn_angle.ptnr1_symmetry 
_pdbx_struct_conn_angle.ptnr2_label_atom_id 
_pdbx_struct_conn_angle.ptnr2_label_alt_id 
_pdbx_struct_conn_angle.ptnr2_label_asym_id 
_pdbx_struct_conn_angle.ptnr2_label_comp_id 
_pdbx_struct_conn_angle.ptnr2_label_seq_id 
_pdbx_struct_conn_angle.ptnr2_auth_atom_id 
_pdbx_struct_conn_angle.ptnr2_auth_asym_id 
_pdbx_struct_conn_angle.ptnr2_auth_comp_id 
_pdbx_struct_conn_angle.ptnr2_auth_seq_id 
_pdbx_struct_conn_angle.ptnr2_PDB_ins_code 
_pdbx_struct_conn_angle.ptnr2_symmetry 
_pdbx_struct_conn_angle.ptnr3_label_atom_id 
_pdbx_struct_conn_angle.ptnr3_label_alt_id 
_pdbx_struct_conn_angle.ptnr3_label_asym_id 
_pdbx_struct_conn_angle.ptnr3_label_comp_id 
_pdbx_struct_conn_angle.ptnr3_label_seq_id 
_pdbx_struct_conn_angle.ptnr3_auth_atom_id 
_pdbx_struct_conn_angle.ptnr3_auth_asym_id 
_pdbx_struct_conn_angle.ptnr3_auth_comp_id 
_pdbx_struct_conn_angle.ptnr3_auth_seq_id 
_pdbx_struct_conn_angle.ptnr3_PDB_ins_code 
_pdbx_struct_conn_angle.ptnr3_symmetry 
_pdbx_struct_conn_angle.value 
_pdbx_struct_conn_angle.value_esd 
1  OD2 ? A ASP 2  ? B ASP 47  ? 1_555 CA ? D CA . ? B CA 2 ? 1_555 O   ? A GLY 3  ? B GLY 48  ? 1_555 91.0  ? 
2  OD2 ? A ASP 2  ? B ASP 47  ? 1_555 CA ? D CA . ? B CA 2 ? 1_555 OE1 ? A GLN 5  ? B GLN 50  ? 1_555 83.4  ? 
3  O   ? A GLY 3  ? B GLY 48  ? 1_555 CA ? D CA . ? B CA 2 ? 1_555 OE1 ? A GLN 5  ? B GLN 50  ? 1_555 86.4  ? 
4  OD2 ? A ASP 2  ? B ASP 47  ? 1_555 CA ? D CA . ? B CA 2 ? 1_555 OD2 ? A ASP 19 ? B ASP 64  ? 1_555 153.2 ? 
5  O   ? A GLY 3  ? B GLY 48  ? 1_555 CA ? D CA . ? B CA 2 ? 1_555 OD2 ? A ASP 19 ? B ASP 64  ? 1_555 95.1  ? 
6  OE1 ? A GLN 5  ? B GLN 50  ? 1_555 CA ? D CA . ? B CA 2 ? 1_555 OD2 ? A ASP 19 ? B ASP 64  ? 1_555 123.0 ? 
7  OD2 ? A ASP 2  ? B ASP 47  ? 1_555 CA ? D CA . ? B CA 2 ? 1_555 OD1 ? A ASP 19 ? B ASP 64  ? 1_555 153.5 ? 
8  O   ? A GLY 3  ? B GLY 48  ? 1_555 CA ? D CA . ? B CA 2 ? 1_555 OD1 ? A ASP 19 ? B ASP 64  ? 1_555 91.8  ? 
9  OE1 ? A GLN 5  ? B GLN 50  ? 1_555 CA ? D CA . ? B CA 2 ? 1_555 OD1 ? A ASP 19 ? B ASP 64  ? 1_555 70.5  ? 
10 OD2 ? A ASP 19 ? B ASP 64  ? 1_555 CA ? D CA . ? B CA 2 ? 1_555 OD1 ? A ASP 19 ? B ASP 64  ? 1_555 52.5  ? 
11 OD2 ? A ASP 2  ? B ASP 47  ? 1_555 CA ? D CA . ? B CA 2 ? 1_555 O   ? A ASP 20 ? B ASP 65  ? 1_555 90.8  ? 
12 O   ? A GLY 3  ? B GLY 48  ? 1_555 CA ? D CA . ? B CA 2 ? 1_555 O   ? A ASP 20 ? B ASP 65  ? 1_555 171.6 ? 
13 OE1 ? A GLN 5  ? B GLN 50  ? 1_555 CA ? D CA . ? B CA 2 ? 1_555 O   ? A ASP 20 ? B ASP 65  ? 1_555 85.7  ? 
14 OD2 ? A ASP 19 ? B ASP 64  ? 1_555 CA ? D CA . ? B CA 2 ? 1_555 O   ? A ASP 20 ? B ASP 65  ? 1_555 87.0  ? 
15 OD1 ? A ASP 19 ? B ASP 64  ? 1_555 CA ? D CA . ? B CA 2 ? 1_555 O   ? A ASP 20 ? B ASP 65  ? 1_555 83.0  ? 
16 OD2 ? A ASP 2  ? B ASP 47  ? 1_555 CA ? D CA . ? B CA 2 ? 1_555 OD1 ? B ASN 13 ? C ASN 58  ? 1_555 75.3  ? 
17 O   ? A GLY 3  ? B GLY 48  ? 1_555 CA ? D CA . ? B CA 2 ? 1_555 OD1 ? B ASN 13 ? C ASN 58  ? 1_555 94.3  ? 
18 OE1 ? A GLN 5  ? B GLN 50  ? 1_555 CA ? D CA . ? B CA 2 ? 1_555 OD1 ? B ASN 13 ? C ASN 58  ? 1_555 158.7 ? 
19 OD2 ? A ASP 19 ? B ASP 64  ? 1_555 CA ? D CA . ? B CA 2 ? 1_555 OD1 ? B ASN 13 ? C ASN 58  ? 1_555 78.2  ? 
20 OD1 ? A ASP 19 ? B ASP 64  ? 1_555 CA ? D CA . ? B CA 2 ? 1_555 OD1 ? B ASN 13 ? C ASN 58  ? 1_555 130.6 ? 
21 O   ? A ASP 20 ? B ASP 65  ? 1_555 CA ? D CA . ? B CA 2 ? 1_555 OD1 ? B ASN 13 ? C ASN 58  ? 1_555 94.0  ? 
22 O   ? A SER 8  ? B SER 53  ? 1_555 CA ? C CA . ? B CA 3 ? 1_555 OG  ? A SER 8  ? B SER 53  ? 1_555 72.0  ? 
23 O   ? A SER 8  ? B SER 53  ? 1_555 CA ? C CA . ? B CA 3 ? 1_555 O   ? F HOH .  ? B HOH 204 ? 6_446 116.0 ? 
24 OG  ? A SER 8  ? B SER 53  ? 1_555 CA ? C CA . ? B CA 3 ? 1_555 O   ? F HOH .  ? B HOH 204 ? 6_446 71.7  ? 
25 O   ? A SER 8  ? B SER 53  ? 1_555 CA ? C CA . ? B CA 3 ? 1_555 O   ? F HOH .  ? B HOH 208 ? 1_555 82.3  ? 
26 OG  ? A SER 8  ? B SER 53  ? 1_555 CA ? C CA . ? B CA 3 ? 1_555 O   ? F HOH .  ? B HOH 208 ? 1_555 149.7 ? 
27 O   ? F HOH .  ? B HOH 204 ? 6_446 CA ? C CA . ? B CA 3 ? 1_555 O   ? F HOH .  ? B HOH 208 ? 1_555 136.1 ? 
28 O   ? A SER 8  ? B SER 53  ? 1_555 CA ? C CA . ? B CA 3 ? 1_555 O   ? F HOH .  ? B HOH 209 ? 1_555 140.0 ? 
29 OG  ? A SER 8  ? B SER 53  ? 1_555 CA ? C CA . ? B CA 3 ? 1_555 O   ? F HOH .  ? B HOH 209 ? 1_555 78.3  ? 
30 O   ? F HOH .  ? B HOH 204 ? 6_446 CA ? C CA . ? B CA 3 ? 1_555 O   ? F HOH .  ? B HOH 209 ? 1_555 77.7  ? 
31 O   ? F HOH .  ? B HOH 208 ? 1_555 CA ? C CA . ? B CA 3 ? 1_555 O   ? F HOH .  ? B HOH 209 ? 1_555 114.7 ? 
32 O   ? A SER 8  ? B SER 53  ? 1_555 CA ? C CA . ? B CA 3 ? 1_555 O   ? F HOH .  ? B HOH 210 ? 1_555 77.0  ? 
33 OG  ? A SER 8  ? B SER 53  ? 1_555 CA ? C CA . ? B CA 3 ? 1_555 O   ? F HOH .  ? B HOH 210 ? 1_555 89.6  ? 
34 O   ? F HOH .  ? B HOH 204 ? 6_446 CA ? C CA . ? B CA 3 ? 1_555 O   ? F HOH .  ? B HOH 210 ? 1_555 150.7 ? 
35 O   ? F HOH .  ? B HOH 208 ? 1_555 CA ? C CA . ? B CA 3 ? 1_555 O   ? F HOH .  ? B HOH 210 ? 1_555 68.8  ? 
36 O   ? F HOH .  ? B HOH 209 ? 1_555 CA ? C CA . ? B CA 3 ? 1_555 O   ? F HOH .  ? B HOH 210 ? 1_555 76.6  ? 
37 O   ? A SER 8  ? B SER 53  ? 1_555 CA ? C CA . ? B CA 3 ? 1_555 O   ? F HOH .  ? B HOH 234 ? 1_555 71.6  ? 
38 OG  ? A SER 8  ? B SER 53  ? 1_555 CA ? C CA . ? B CA 3 ? 1_555 O   ? F HOH .  ? B HOH 234 ? 1_555 120.3 ? 
39 O   ? F HOH .  ? B HOH 204 ? 6_446 CA ? C CA . ? B CA 3 ? 1_555 O   ? F HOH .  ? B HOH 234 ? 1_555 84.1  ? 
40 O   ? F HOH .  ? B HOH 208 ? 1_555 CA ? C CA . ? B CA 3 ? 1_555 O   ? F HOH .  ? B HOH 234 ? 1_555 63.3  ? 
41 O   ? F HOH .  ? B HOH 209 ? 1_555 CA ? C CA . ? B CA 3 ? 1_555 O   ? F HOH .  ? B HOH 234 ? 1_555 148.2 ? 
42 O   ? F HOH .  ? B HOH 210 ? 1_555 CA ? C CA . ? B CA 3 ? 1_555 O   ? F HOH .  ? B HOH 234 ? 1_555 125.1 ? 
43 O   ? A SER 8  ? B SER 53  ? 1_555 CA ? C CA . ? B CA 3 ? 1_555 O   ? F HOH .  ? B HOH 254 ? 1_555 143.3 ? 
44 OG  ? A SER 8  ? B SER 53  ? 1_555 CA ? C CA . ? B CA 3 ? 1_555 O   ? F HOH .  ? B HOH 254 ? 1_555 139.4 ? 
45 O   ? F HOH .  ? B HOH 204 ? 6_446 CA ? C CA . ? B CA 3 ? 1_555 O   ? F HOH .  ? B HOH 254 ? 1_555 95.7  ? 
46 O   ? F HOH .  ? B HOH 208 ? 1_555 CA ? C CA . ? B CA 3 ? 1_555 O   ? F HOH .  ? B HOH 254 ? 1_555 61.6  ? 
47 O   ? F HOH .  ? B HOH 209 ? 1_555 CA ? C CA . ? B CA 3 ? 1_555 O   ? F HOH .  ? B HOH 254 ? 1_555 61.2  ? 
48 O   ? F HOH .  ? B HOH 210 ? 1_555 CA ? C CA . ? B CA 3 ? 1_555 O   ? F HOH .  ? B HOH 254 ? 1_555 83.9  ? 
49 O   ? F HOH .  ? B HOH 234 ? 1_555 CA ? C CA . ? B CA 3 ? 1_555 O   ? F HOH .  ? B HOH 254 ? 1_555 95.5  ? 
50 OD1 ? A ASN 13 ? B ASN 58  ? 3_544 CA ? E CA . ? C CA 1 ? 1_555 OD2 ? B ASP 2  ? C ASP 47  ? 1_555 84.2  ? 
51 OD1 ? A ASN 13 ? B ASN 58  ? 3_544 CA ? E CA . ? C CA 1 ? 1_555 O   ? B GLY 3  ? C GLY 48  ? 1_555 93.6  ? 
52 OD2 ? B ASP 2  ? C ASP 47  ? 1_555 CA ? E CA . ? C CA 1 ? 1_555 O   ? B GLY 3  ? C GLY 48  ? 1_555 90.7  ? 
53 OD1 ? A ASN 13 ? B ASN 58  ? 3_544 CA ? E CA . ? C CA 1 ? 1_555 OE1 ? B GLN 5  ? C GLN 50  ? 1_555 163.4 ? 
54 OD2 ? B ASP 2  ? C ASP 47  ? 1_555 CA ? E CA . ? C CA 1 ? 1_555 OE1 ? B GLN 5  ? C GLN 50  ? 1_555 79.2  ? 
55 O   ? B GLY 3  ? C GLY 48  ? 1_555 CA ? E CA . ? C CA 1 ? 1_555 OE1 ? B GLN 5  ? C GLN 50  ? 1_555 87.0  ? 
56 OD1 ? A ASN 13 ? B ASN 58  ? 3_544 CA ? E CA . ? C CA 1 ? 1_555 OD1 ? B ASP 19 ? C ASP 64  ? 1_555 124.9 ? 
57 OD2 ? B ASP 2  ? C ASP 47  ? 1_555 CA ? E CA . ? C CA 1 ? 1_555 OD1 ? B ASP 19 ? C ASP 64  ? 1_555 150.3 ? 
58 O   ? B GLY 3  ? C GLY 48  ? 1_555 CA ? E CA . ? C CA 1 ? 1_555 OD1 ? B ASP 19 ? C ASP 64  ? 1_555 93.1  ? 
59 OE1 ? B GLN 5  ? C GLN 50  ? 1_555 CA ? E CA . ? C CA 1 ? 1_555 OD1 ? B ASP 19 ? C ASP 64  ? 1_555 71.6  ? 
60 OD1 ? A ASN 13 ? B ASN 58  ? 3_544 CA ? E CA . ? C CA 1 ? 1_555 OD2 ? B ASP 19 ? C ASP 64  ? 1_555 75.3  ? 
61 OD2 ? B ASP 2  ? C ASP 47  ? 1_555 CA ? E CA . ? C CA 1 ? 1_555 OD2 ? B ASP 19 ? C ASP 64  ? 1_555 159.4 ? 
62 O   ? B GLY 3  ? C GLY 48  ? 1_555 CA ? E CA . ? C CA 1 ? 1_555 OD2 ? B ASP 19 ? C ASP 64  ? 1_555 88.8  ? 
63 OE1 ? B GLN 5  ? C GLN 50  ? 1_555 CA ? E CA . ? C CA 1 ? 1_555 OD2 ? B ASP 19 ? C ASP 64  ? 1_555 121.3 ? 
64 OD1 ? B ASP 19 ? C ASP 64  ? 1_555 CA ? E CA . ? C CA 1 ? 1_555 OD2 ? B ASP 19 ? C ASP 64  ? 1_555 50.2  ? 
65 OD1 ? A ASN 13 ? B ASN 58  ? 3_544 CA ? E CA . ? C CA 1 ? 1_555 O   ? B ASP 20 ? C ASP 65  ? 1_555 90.5  ? 
66 OD2 ? B ASP 2  ? C ASP 47  ? 1_555 CA ? E CA . ? C CA 1 ? 1_555 O   ? B ASP 20 ? C ASP 65  ? 1_555 91.7  ? 
67 O   ? B GLY 3  ? C GLY 48  ? 1_555 CA ? E CA . ? C CA 1 ? 1_555 O   ? B ASP 20 ? C ASP 65  ? 1_555 175.4 ? 
68 OE1 ? B GLN 5  ? C GLN 50  ? 1_555 CA ? E CA . ? C CA 1 ? 1_555 O   ? B ASP 20 ? C ASP 65  ? 1_555 89.6  ? 
69 OD1 ? B ASP 19 ? C ASP 64  ? 1_555 CA ? E CA . ? C CA 1 ? 1_555 O   ? B ASP 20 ? C ASP 65  ? 1_555 82.9  ? 
70 OD2 ? B ASP 19 ? C ASP 64  ? 1_555 CA ? E CA . ? C CA 1 ? 1_555 O   ? B ASP 20 ? C ASP 65  ? 1_555 90.2  ? 
# 
loop_
_pdbx_modification_feature.ordinal 
_pdbx_modification_feature.label_comp_id 
_pdbx_modification_feature.label_asym_id 
_pdbx_modification_feature.label_seq_id 
_pdbx_modification_feature.label_alt_id 
_pdbx_modification_feature.modified_residue_label_comp_id 
_pdbx_modification_feature.modified_residue_label_asym_id 
_pdbx_modification_feature.modified_residue_label_seq_id 
_pdbx_modification_feature.modified_residue_label_alt_id 
_pdbx_modification_feature.auth_comp_id 
_pdbx_modification_feature.auth_asym_id 
_pdbx_modification_feature.auth_seq_id 
_pdbx_modification_feature.PDB_ins_code 
_pdbx_modification_feature.symmetry 
_pdbx_modification_feature.modified_residue_auth_comp_id 
_pdbx_modification_feature.modified_residue_auth_asym_id 
_pdbx_modification_feature.modified_residue_auth_seq_id 
_pdbx_modification_feature.modified_residue_PDB_ins_code 
_pdbx_modification_feature.modified_residue_symmetry 
_pdbx_modification_feature.comp_id_linking_atom 
_pdbx_modification_feature.modified_residue_id_linking_atom 
_pdbx_modification_feature.modified_residue_id 
_pdbx_modification_feature.ref_pcm_id 
_pdbx_modification_feature.ref_comp_id 
_pdbx_modification_feature.type 
_pdbx_modification_feature.category 
1 CYS A 6  ? CYS A 17 ? CYS B 51 ? 1_555 CYS B 62 ? 1_555 SG SG . . . None 'Disulfide bridge' 
2 CYS A 11 ? CYS A 26 ? CYS B 56 ? 1_555 CYS B 71 ? 1_555 SG SG . . . None 'Disulfide bridge' 
3 CYS A 28 ? CYS A 37 ? CYS B 73 ? 1_555 CYS B 82 ? 1_555 SG SG . . . None 'Disulfide bridge' 
4 CYS B 6  ? CYS B 17 ? CYS C 51 ? 1_555 CYS C 62 ? 1_555 SG SG . . . None 'Disulfide bridge' 
5 CYS B 11 ? CYS B 26 ? CYS C 56 ? 1_555 CYS C 71 ? 1_555 SG SG . . . None 'Disulfide bridge' 
6 CYS B 28 ? CYS B 37 ? CYS C 73 ? 1_555 CYS C 82 ? 1_555 SG SG . . . None 'Disulfide bridge' 
# 
loop_
_struct_sheet.id 
_struct_sheet.type 
_struct_sheet.number_strands 
_struct_sheet.details 
A ? 2 ? 
B ? 2 ? 
# 
loop_
_struct_sheet_order.sheet_id 
_struct_sheet_order.range_id_1 
_struct_sheet_order.range_id_2 
_struct_sheet_order.offset 
_struct_sheet_order.sense 
A 1 2 ? anti-parallel 
B 1 2 ? anti-parallel 
# 
loop_
_struct_sheet_range.sheet_id 
_struct_sheet_range.id 
_struct_sheet_range.beg_label_comp_id 
_struct_sheet_range.beg_label_asym_id 
_struct_sheet_range.beg_label_seq_id 
_struct_sheet_range.pdbx_beg_PDB_ins_code 
_struct_sheet_range.end_label_comp_id 
_struct_sheet_range.end_label_asym_id 
_struct_sheet_range.end_label_seq_id 
_struct_sheet_range.pdbx_end_PDB_ins_code 
_struct_sheet_range.beg_auth_comp_id 
_struct_sheet_range.beg_auth_asym_id 
_struct_sheet_range.beg_auth_seq_id 
_struct_sheet_range.end_auth_comp_id 
_struct_sheet_range.end_auth_asym_id 
_struct_sheet_range.end_auth_seq_id 
A 1 SER A 16 ? ASP A 20 ? SER B 61 ASP B 65 
A 2 SER A 23 ? TRP A 27 ? SER B 68 TRP B 72 
B 1 SER B 16 ? ASP B 19 ? SER C 61 ASP C 64 
B 2 TYR B 24 ? TRP B 27 ? TYR C 69 TRP C 72 
# 
loop_
_pdbx_struct_sheet_hbond.sheet_id 
_pdbx_struct_sheet_hbond.range_id_1 
_pdbx_struct_sheet_hbond.range_id_2 
_pdbx_struct_sheet_hbond.range_1_label_atom_id 
_pdbx_struct_sheet_hbond.range_1_label_comp_id 
_pdbx_struct_sheet_hbond.range_1_label_asym_id 
_pdbx_struct_sheet_hbond.range_1_label_seq_id 
_pdbx_struct_sheet_hbond.range_1_PDB_ins_code 
_pdbx_struct_sheet_hbond.range_1_auth_atom_id 
_pdbx_struct_sheet_hbond.range_1_auth_comp_id 
_pdbx_struct_sheet_hbond.range_1_auth_asym_id 
_pdbx_struct_sheet_hbond.range_1_auth_seq_id 
_pdbx_struct_sheet_hbond.range_2_label_atom_id 
_pdbx_struct_sheet_hbond.range_2_label_comp_id 
_pdbx_struct_sheet_hbond.range_2_label_asym_id 
_pdbx_struct_sheet_hbond.range_2_label_seq_id 
_pdbx_struct_sheet_hbond.range_2_PDB_ins_code 
_pdbx_struct_sheet_hbond.range_2_auth_atom_id 
_pdbx_struct_sheet_hbond.range_2_auth_comp_id 
_pdbx_struct_sheet_hbond.range_2_auth_asym_id 
_pdbx_struct_sheet_hbond.range_2_auth_seq_id 
A 1 2 O SER A 16 ? O SER B 61 N TRP A 27 ? N TRP B 72 
B 1 2 O SER B 16 ? O SER C 61 N TRP B 27 ? N TRP C 72 
# 
loop_
_struct_site.id 
_struct_site.pdbx_evidence_code 
_struct_site.pdbx_auth_asym_id 
_struct_site.pdbx_auth_comp_id 
_struct_site.pdbx_auth_seq_id 
_struct_site.pdbx_auth_ins_code 
_struct_site.pdbx_num_residues 
_struct_site.details 
AC1 Software B CA 3 ? 7 'BINDING SITE FOR RESIDUE CA B 3' 
AC2 Software C CA 1 ? 6 'BINDING SITE FOR RESIDUE CA C 1' 
AC3 Software B CA 2 ? 6 'BINDING SITE FOR RESIDUE CA B 2' 
# 
loop_
_struct_site_gen.id 
_struct_site_gen.site_id 
_struct_site_gen.pdbx_num_res 
_struct_site_gen.label_comp_id 
_struct_site_gen.label_asym_id 
_struct_site_gen.label_seq_id 
_struct_site_gen.pdbx_auth_ins_code 
_struct_site_gen.auth_comp_id 
_struct_site_gen.auth_asym_id 
_struct_site_gen.auth_seq_id 
_struct_site_gen.label_atom_id 
_struct_site_gen.label_alt_id 
_struct_site_gen.symmetry 
_struct_site_gen.details 
1  AC1 7 SER A 8  ? SER B 53  . ? 1_555 ? 
2  AC1 7 HOH F .  ? HOH B 204 . ? 6_446 ? 
3  AC1 7 HOH F .  ? HOH B 208 . ? 1_555 ? 
4  AC1 7 HOH F .  ? HOH B 209 . ? 1_555 ? 
5  AC1 7 HOH F .  ? HOH B 210 . ? 1_555 ? 
6  AC1 7 HOH F .  ? HOH B 234 . ? 1_555 ? 
7  AC1 7 HOH F .  ? HOH B 254 . ? 1_555 ? 
8  AC2 6 ASN A 13 ? ASN B 58  . ? 3_544 ? 
9  AC2 6 ASP B 2  ? ASP C 47  . ? 1_555 ? 
10 AC2 6 GLY B 3  ? GLY C 48  . ? 1_555 ? 
11 AC2 6 GLN B 5  ? GLN C 50  . ? 1_555 ? 
12 AC2 6 ASP B 19 ? ASP C 64  . ? 1_555 ? 
13 AC2 6 ASP B 20 ? ASP C 65  . ? 1_555 ? 
14 AC3 6 ASP A 2  ? ASP B 47  . ? 1_555 ? 
15 AC3 6 GLY A 3  ? GLY B 48  . ? 1_555 ? 
16 AC3 6 GLN A 5  ? GLN B 50  . ? 1_555 ? 
17 AC3 6 ASP A 19 ? ASP B 64  . ? 1_555 ? 
18 AC3 6 ASP A 20 ? ASP B 65  . ? 1_555 ? 
19 AC3 6 ASN B 13 ? ASN C 58  . ? 1_555 ? 
# 
_pdbx_entry_details.entry_id                   1EDM 
_pdbx_entry_details.compound_details           ? 
_pdbx_entry_details.source_details             ? 
_pdbx_entry_details.nonpolymer_details         ? 
_pdbx_entry_details.sequence_details           ? 
_pdbx_entry_details.has_ligand_of_interest     ? 
_pdbx_entry_details.has_protein_modification   Y 
# 
loop_
_pdbx_validate_close_contact.id 
_pdbx_validate_close_contact.PDB_model_num 
_pdbx_validate_close_contact.auth_atom_id_1 
_pdbx_validate_close_contact.auth_asym_id_1 
_pdbx_validate_close_contact.auth_comp_id_1 
_pdbx_validate_close_contact.auth_seq_id_1 
_pdbx_validate_close_contact.PDB_ins_code_1 
_pdbx_validate_close_contact.label_alt_id_1 
_pdbx_validate_close_contact.auth_atom_id_2 
_pdbx_validate_close_contact.auth_asym_id_2 
_pdbx_validate_close_contact.auth_comp_id_2 
_pdbx_validate_close_contact.auth_seq_id_2 
_pdbx_validate_close_contact.PDB_ins_code_2 
_pdbx_validate_close_contact.label_alt_id_2 
_pdbx_validate_close_contact.dist 
1 1 CG2 B VAL 46 ? ? O B HOH 276 ? ? 1.25 
2 1 NZ  B LYS 63 ? 1 O B HOH 247 ? ? 1.27 
# 
loop_
_pdbx_validate_torsion.id 
_pdbx_validate_torsion.PDB_model_num 
_pdbx_validate_torsion.auth_comp_id 
_pdbx_validate_torsion.auth_asym_id 
_pdbx_validate_torsion.auth_seq_id 
_pdbx_validate_torsion.PDB_ins_code 
_pdbx_validate_torsion.label_alt_id 
_pdbx_validate_torsion.phi 
_pdbx_validate_torsion.psi 
1 1 ASP B 65 ? ? -121.75 -165.39 
2 1 ASP C 65 ? ? -121.73 -167.28 
3 1 SER C 68 ? ? -173.06 -175.37 
# 
_pdbx_struct_special_symmetry.id              1 
_pdbx_struct_special_symmetry.PDB_model_num   1 
_pdbx_struct_special_symmetry.auth_asym_id    B 
_pdbx_struct_special_symmetry.auth_comp_id    HOH 
_pdbx_struct_special_symmetry.auth_seq_id     446 
_pdbx_struct_special_symmetry.PDB_ins_code    ? 
_pdbx_struct_special_symmetry.label_asym_id   F 
_pdbx_struct_special_symmetry.label_comp_id   HOH 
_pdbx_struct_special_symmetry.label_seq_id    . 
# 
loop_
_chem_comp_atom.comp_id 
_chem_comp_atom.atom_id 
_chem_comp_atom.type_symbol 
_chem_comp_atom.pdbx_aromatic_flag 
_chem_comp_atom.pdbx_stereo_config 
_chem_comp_atom.pdbx_ordinal 
ASN N    N  N N 1   
ASN CA   C  N S 2   
ASN C    C  N N 3   
ASN O    O  N N 4   
ASN CB   C  N N 5   
ASN CG   C  N N 6   
ASN OD1  O  N N 7   
ASN ND2  N  N N 8   
ASN OXT  O  N N 9   
ASN H    H  N N 10  
ASN H2   H  N N 11  
ASN HA   H  N N 12  
ASN HB2  H  N N 13  
ASN HB3  H  N N 14  
ASN HD21 H  N N 15  
ASN HD22 H  N N 16  
ASN HXT  H  N N 17  
ASP N    N  N N 18  
ASP CA   C  N S 19  
ASP C    C  N N 20  
ASP O    O  N N 21  
ASP CB   C  N N 22  
ASP CG   C  N N 23  
ASP OD1  O  N N 24  
ASP OD2  O  N N 25  
ASP OXT  O  N N 26  
ASP H    H  N N 27  
ASP H2   H  N N 28  
ASP HA   H  N N 29  
ASP HB2  H  N N 30  
ASP HB3  H  N N 31  
ASP HD2  H  N N 32  
ASP HXT  H  N N 33  
CA  CA   CA N N 34  
CYS N    N  N N 35  
CYS CA   C  N R 36  
CYS C    C  N N 37  
CYS O    O  N N 38  
CYS CB   C  N N 39  
CYS SG   S  N N 40  
CYS OXT  O  N N 41  
CYS H    H  N N 42  
CYS H2   H  N N 43  
CYS HA   H  N N 44  
CYS HB2  H  N N 45  
CYS HB3  H  N N 46  
CYS HG   H  N N 47  
CYS HXT  H  N N 48  
GLN N    N  N N 49  
GLN CA   C  N S 50  
GLN C    C  N N 51  
GLN O    O  N N 52  
GLN CB   C  N N 53  
GLN CG   C  N N 54  
GLN CD   C  N N 55  
GLN OE1  O  N N 56  
GLN NE2  N  N N 57  
GLN OXT  O  N N 58  
GLN H    H  N N 59  
GLN H2   H  N N 60  
GLN HA   H  N N 61  
GLN HB2  H  N N 62  
GLN HB3  H  N N 63  
GLN HG2  H  N N 64  
GLN HG3  H  N N 65  
GLN HE21 H  N N 66  
GLN HE22 H  N N 67  
GLN HXT  H  N N 68  
GLU N    N  N N 69  
GLU CA   C  N S 70  
GLU C    C  N N 71  
GLU O    O  N N 72  
GLU CB   C  N N 73  
GLU CG   C  N N 74  
GLU CD   C  N N 75  
GLU OE1  O  N N 76  
GLU OE2  O  N N 77  
GLU OXT  O  N N 78  
GLU H    H  N N 79  
GLU H2   H  N N 80  
GLU HA   H  N N 81  
GLU HB2  H  N N 82  
GLU HB3  H  N N 83  
GLU HG2  H  N N 84  
GLU HG3  H  N N 85  
GLU HE2  H  N N 86  
GLU HXT  H  N N 87  
GLY N    N  N N 88  
GLY CA   C  N N 89  
GLY C    C  N N 90  
GLY O    O  N N 91  
GLY OXT  O  N N 92  
GLY H    H  N N 93  
GLY H2   H  N N 94  
GLY HA2  H  N N 95  
GLY HA3  H  N N 96  
GLY HXT  H  N N 97  
HOH O    O  N N 98  
HOH H1   H  N N 99  
HOH H2   H  N N 100 
ILE N    N  N N 101 
ILE CA   C  N S 102 
ILE C    C  N N 103 
ILE O    O  N N 104 
ILE CB   C  N S 105 
ILE CG1  C  N N 106 
ILE CG2  C  N N 107 
ILE CD1  C  N N 108 
ILE OXT  O  N N 109 
ILE H    H  N N 110 
ILE H2   H  N N 111 
ILE HA   H  N N 112 
ILE HB   H  N N 113 
ILE HG12 H  N N 114 
ILE HG13 H  N N 115 
ILE HG21 H  N N 116 
ILE HG22 H  N N 117 
ILE HG23 H  N N 118 
ILE HD11 H  N N 119 
ILE HD12 H  N N 120 
ILE HD13 H  N N 121 
ILE HXT  H  N N 122 
LEU N    N  N N 123 
LEU CA   C  N S 124 
LEU C    C  N N 125 
LEU O    O  N N 126 
LEU CB   C  N N 127 
LEU CG   C  N N 128 
LEU CD1  C  N N 129 
LEU CD2  C  N N 130 
LEU OXT  O  N N 131 
LEU H    H  N N 132 
LEU H2   H  N N 133 
LEU HA   H  N N 134 
LEU HB2  H  N N 135 
LEU HB3  H  N N 136 
LEU HG   H  N N 137 
LEU HD11 H  N N 138 
LEU HD12 H  N N 139 
LEU HD13 H  N N 140 
LEU HD21 H  N N 141 
LEU HD22 H  N N 142 
LEU HD23 H  N N 143 
LEU HXT  H  N N 144 
LYS N    N  N N 145 
LYS CA   C  N S 146 
LYS C    C  N N 147 
LYS O    O  N N 148 
LYS CB   C  N N 149 
LYS CG   C  N N 150 
LYS CD   C  N N 151 
LYS CE   C  N N 152 
LYS NZ   N  N N 153 
LYS OXT  O  N N 154 
LYS H    H  N N 155 
LYS H2   H  N N 156 
LYS HA   H  N N 157 
LYS HB2  H  N N 158 
LYS HB3  H  N N 159 
LYS HG2  H  N N 160 
LYS HG3  H  N N 161 
LYS HD2  H  N N 162 
LYS HD3  H  N N 163 
LYS HE2  H  N N 164 
LYS HE3  H  N N 165 
LYS HZ1  H  N N 166 
LYS HZ2  H  N N 167 
LYS HZ3  H  N N 168 
LYS HXT  H  N N 169 
PHE N    N  N N 170 
PHE CA   C  N S 171 
PHE C    C  N N 172 
PHE O    O  N N 173 
PHE CB   C  N N 174 
PHE CG   C  Y N 175 
PHE CD1  C  Y N 176 
PHE CD2  C  Y N 177 
PHE CE1  C  Y N 178 
PHE CE2  C  Y N 179 
PHE CZ   C  Y N 180 
PHE OXT  O  N N 181 
PHE H    H  N N 182 
PHE H2   H  N N 183 
PHE HA   H  N N 184 
PHE HB2  H  N N 185 
PHE HB3  H  N N 186 
PHE HD1  H  N N 187 
PHE HD2  H  N N 188 
PHE HE1  H  N N 189 
PHE HE2  H  N N 190 
PHE HZ   H  N N 191 
PHE HXT  H  N N 192 
PRO N    N  N N 193 
PRO CA   C  N S 194 
PRO C    C  N N 195 
PRO O    O  N N 196 
PRO CB   C  N N 197 
PRO CG   C  N N 198 
PRO CD   C  N N 199 
PRO OXT  O  N N 200 
PRO H    H  N N 201 
PRO HA   H  N N 202 
PRO HB2  H  N N 203 
PRO HB3  H  N N 204 
PRO HG2  H  N N 205 
PRO HG3  H  N N 206 
PRO HD2  H  N N 207 
PRO HD3  H  N N 208 
PRO HXT  H  N N 209 
SER N    N  N N 210 
SER CA   C  N S 211 
SER C    C  N N 212 
SER O    O  N N 213 
SER CB   C  N N 214 
SER OG   O  N N 215 
SER OXT  O  N N 216 
SER H    H  N N 217 
SER H2   H  N N 218 
SER HA   H  N N 219 
SER HB2  H  N N 220 
SER HB3  H  N N 221 
SER HG   H  N N 222 
SER HXT  H  N N 223 
TRP N    N  N N 224 
TRP CA   C  N S 225 
TRP C    C  N N 226 
TRP O    O  N N 227 
TRP CB   C  N N 228 
TRP CG   C  Y N 229 
TRP CD1  C  Y N 230 
TRP CD2  C  Y N 231 
TRP NE1  N  Y N 232 
TRP CE2  C  Y N 233 
TRP CE3  C  Y N 234 
TRP CZ2  C  Y N 235 
TRP CZ3  C  Y N 236 
TRP CH2  C  Y N 237 
TRP OXT  O  N N 238 
TRP H    H  N N 239 
TRP H2   H  N N 240 
TRP HA   H  N N 241 
TRP HB2  H  N N 242 
TRP HB3  H  N N 243 
TRP HD1  H  N N 244 
TRP HE1  H  N N 245 
TRP HE3  H  N N 246 
TRP HZ2  H  N N 247 
TRP HZ3  H  N N 248 
TRP HH2  H  N N 249 
TRP HXT  H  N N 250 
TYR N    N  N N 251 
TYR CA   C  N S 252 
TYR C    C  N N 253 
TYR O    O  N N 254 
TYR CB   C  N N 255 
TYR CG   C  Y N 256 
TYR CD1  C  Y N 257 
TYR CD2  C  Y N 258 
TYR CE1  C  Y N 259 
TYR CE2  C  Y N 260 
TYR CZ   C  Y N 261 
TYR OH   O  N N 262 
TYR OXT  O  N N 263 
TYR H    H  N N 264 
TYR H2   H  N N 265 
TYR HA   H  N N 266 
TYR HB2  H  N N 267 
TYR HB3  H  N N 268 
TYR HD1  H  N N 269 
TYR HD2  H  N N 270 
TYR HE1  H  N N 271 
TYR HE2  H  N N 272 
TYR HH   H  N N 273 
TYR HXT  H  N N 274 
VAL N    N  N N 275 
VAL CA   C  N S 276 
VAL C    C  N N 277 
VAL O    O  N N 278 
VAL CB   C  N N 279 
VAL CG1  C  N N 280 
VAL CG2  C  N N 281 
VAL OXT  O  N N 282 
VAL H    H  N N 283 
VAL H2   H  N N 284 
VAL HA   H  N N 285 
VAL HB   H  N N 286 
VAL HG11 H  N N 287 
VAL HG12 H  N N 288 
VAL HG13 H  N N 289 
VAL HG21 H  N N 290 
VAL HG22 H  N N 291 
VAL HG23 H  N N 292 
VAL HXT  H  N N 293 
# 
loop_
_chem_comp_bond.comp_id 
_chem_comp_bond.atom_id_1 
_chem_comp_bond.atom_id_2 
_chem_comp_bond.value_order 
_chem_comp_bond.pdbx_aromatic_flag 
_chem_comp_bond.pdbx_stereo_config 
_chem_comp_bond.pdbx_ordinal 
ASN N   CA   sing N N 1   
ASN N   H    sing N N 2   
ASN N   H2   sing N N 3   
ASN CA  C    sing N N 4   
ASN CA  CB   sing N N 5   
ASN CA  HA   sing N N 6   
ASN C   O    doub N N 7   
ASN C   OXT  sing N N 8   
ASN CB  CG   sing N N 9   
ASN CB  HB2  sing N N 10  
ASN CB  HB3  sing N N 11  
ASN CG  OD1  doub N N 12  
ASN CG  ND2  sing N N 13  
ASN ND2 HD21 sing N N 14  
ASN ND2 HD22 sing N N 15  
ASN OXT HXT  sing N N 16  
ASP N   CA   sing N N 17  
ASP N   H    sing N N 18  
ASP N   H2   sing N N 19  
ASP CA  C    sing N N 20  
ASP CA  CB   sing N N 21  
ASP CA  HA   sing N N 22  
ASP C   O    doub N N 23  
ASP C   OXT  sing N N 24  
ASP CB  CG   sing N N 25  
ASP CB  HB2  sing N N 26  
ASP CB  HB3  sing N N 27  
ASP CG  OD1  doub N N 28  
ASP CG  OD2  sing N N 29  
ASP OD2 HD2  sing N N 30  
ASP OXT HXT  sing N N 31  
CYS N   CA   sing N N 32  
CYS N   H    sing N N 33  
CYS N   H2   sing N N 34  
CYS CA  C    sing N N 35  
CYS CA  CB   sing N N 36  
CYS CA  HA   sing N N 37  
CYS C   O    doub N N 38  
CYS C   OXT  sing N N 39  
CYS CB  SG   sing N N 40  
CYS CB  HB2  sing N N 41  
CYS CB  HB3  sing N N 42  
CYS SG  HG   sing N N 43  
CYS OXT HXT  sing N N 44  
GLN N   CA   sing N N 45  
GLN N   H    sing N N 46  
GLN N   H2   sing N N 47  
GLN CA  C    sing N N 48  
GLN CA  CB   sing N N 49  
GLN CA  HA   sing N N 50  
GLN C   O    doub N N 51  
GLN C   OXT  sing N N 52  
GLN CB  CG   sing N N 53  
GLN CB  HB2  sing N N 54  
GLN CB  HB3  sing N N 55  
GLN CG  CD   sing N N 56  
GLN CG  HG2  sing N N 57  
GLN CG  HG3  sing N N 58  
GLN CD  OE1  doub N N 59  
GLN CD  NE2  sing N N 60  
GLN NE2 HE21 sing N N 61  
GLN NE2 HE22 sing N N 62  
GLN OXT HXT  sing N N 63  
GLU N   CA   sing N N 64  
GLU N   H    sing N N 65  
GLU N   H2   sing N N 66  
GLU CA  C    sing N N 67  
GLU CA  CB   sing N N 68  
GLU CA  HA   sing N N 69  
GLU C   O    doub N N 70  
GLU C   OXT  sing N N 71  
GLU CB  CG   sing N N 72  
GLU CB  HB2  sing N N 73  
GLU CB  HB3  sing N N 74  
GLU CG  CD   sing N N 75  
GLU CG  HG2  sing N N 76  
GLU CG  HG3  sing N N 77  
GLU CD  OE1  doub N N 78  
GLU CD  OE2  sing N N 79  
GLU OE2 HE2  sing N N 80  
GLU OXT HXT  sing N N 81  
GLY N   CA   sing N N 82  
GLY N   H    sing N N 83  
GLY N   H2   sing N N 84  
GLY CA  C    sing N N 85  
GLY CA  HA2  sing N N 86  
GLY CA  HA3  sing N N 87  
GLY C   O    doub N N 88  
GLY C   OXT  sing N N 89  
GLY OXT HXT  sing N N 90  
HOH O   H1   sing N N 91  
HOH O   H2   sing N N 92  
ILE N   CA   sing N N 93  
ILE N   H    sing N N 94  
ILE N   H2   sing N N 95  
ILE CA  C    sing N N 96  
ILE CA  CB   sing N N 97  
ILE CA  HA   sing N N 98  
ILE C   O    doub N N 99  
ILE C   OXT  sing N N 100 
ILE CB  CG1  sing N N 101 
ILE CB  CG2  sing N N 102 
ILE CB  HB   sing N N 103 
ILE CG1 CD1  sing N N 104 
ILE CG1 HG12 sing N N 105 
ILE CG1 HG13 sing N N 106 
ILE CG2 HG21 sing N N 107 
ILE CG2 HG22 sing N N 108 
ILE CG2 HG23 sing N N 109 
ILE CD1 HD11 sing N N 110 
ILE CD1 HD12 sing N N 111 
ILE CD1 HD13 sing N N 112 
ILE OXT HXT  sing N N 113 
LEU N   CA   sing N N 114 
LEU N   H    sing N N 115 
LEU N   H2   sing N N 116 
LEU CA  C    sing N N 117 
LEU CA  CB   sing N N 118 
LEU CA  HA   sing N N 119 
LEU C   O    doub N N 120 
LEU C   OXT  sing N N 121 
LEU CB  CG   sing N N 122 
LEU CB  HB2  sing N N 123 
LEU CB  HB3  sing N N 124 
LEU CG  CD1  sing N N 125 
LEU CG  CD2  sing N N 126 
LEU CG  HG   sing N N 127 
LEU CD1 HD11 sing N N 128 
LEU CD1 HD12 sing N N 129 
LEU CD1 HD13 sing N N 130 
LEU CD2 HD21 sing N N 131 
LEU CD2 HD22 sing N N 132 
LEU CD2 HD23 sing N N 133 
LEU OXT HXT  sing N N 134 
LYS N   CA   sing N N 135 
LYS N   H    sing N N 136 
LYS N   H2   sing N N 137 
LYS CA  C    sing N N 138 
LYS CA  CB   sing N N 139 
LYS CA  HA   sing N N 140 
LYS C   O    doub N N 141 
LYS C   OXT  sing N N 142 
LYS CB  CG   sing N N 143 
LYS CB  HB2  sing N N 144 
LYS CB  HB3  sing N N 145 
LYS CG  CD   sing N N 146 
LYS CG  HG2  sing N N 147 
LYS CG  HG3  sing N N 148 
LYS CD  CE   sing N N 149 
LYS CD  HD2  sing N N 150 
LYS CD  HD3  sing N N 151 
LYS CE  NZ   sing N N 152 
LYS CE  HE2  sing N N 153 
LYS CE  HE3  sing N N 154 
LYS NZ  HZ1  sing N N 155 
LYS NZ  HZ2  sing N N 156 
LYS NZ  HZ3  sing N N 157 
LYS OXT HXT  sing N N 158 
PHE N   CA   sing N N 159 
PHE N   H    sing N N 160 
PHE N   H2   sing N N 161 
PHE CA  C    sing N N 162 
PHE CA  CB   sing N N 163 
PHE CA  HA   sing N N 164 
PHE C   O    doub N N 165 
PHE C   OXT  sing N N 166 
PHE CB  CG   sing N N 167 
PHE CB  HB2  sing N N 168 
PHE CB  HB3  sing N N 169 
PHE CG  CD1  doub Y N 170 
PHE CG  CD2  sing Y N 171 
PHE CD1 CE1  sing Y N 172 
PHE CD1 HD1  sing N N 173 
PHE CD2 CE2  doub Y N 174 
PHE CD2 HD2  sing N N 175 
PHE CE1 CZ   doub Y N 176 
PHE CE1 HE1  sing N N 177 
PHE CE2 CZ   sing Y N 178 
PHE CE2 HE2  sing N N 179 
PHE CZ  HZ   sing N N 180 
PHE OXT HXT  sing N N 181 
PRO N   CA   sing N N 182 
PRO N   CD   sing N N 183 
PRO N   H    sing N N 184 
PRO CA  C    sing N N 185 
PRO CA  CB   sing N N 186 
PRO CA  HA   sing N N 187 
PRO C   O    doub N N 188 
PRO C   OXT  sing N N 189 
PRO CB  CG   sing N N 190 
PRO CB  HB2  sing N N 191 
PRO CB  HB3  sing N N 192 
PRO CG  CD   sing N N 193 
PRO CG  HG2  sing N N 194 
PRO CG  HG3  sing N N 195 
PRO CD  HD2  sing N N 196 
PRO CD  HD3  sing N N 197 
PRO OXT HXT  sing N N 198 
SER N   CA   sing N N 199 
SER N   H    sing N N 200 
SER N   H2   sing N N 201 
SER CA  C    sing N N 202 
SER CA  CB   sing N N 203 
SER CA  HA   sing N N 204 
SER C   O    doub N N 205 
SER C   OXT  sing N N 206 
SER CB  OG   sing N N 207 
SER CB  HB2  sing N N 208 
SER CB  HB3  sing N N 209 
SER OG  HG   sing N N 210 
SER OXT HXT  sing N N 211 
TRP N   CA   sing N N 212 
TRP N   H    sing N N 213 
TRP N   H2   sing N N 214 
TRP CA  C    sing N N 215 
TRP CA  CB   sing N N 216 
TRP CA  HA   sing N N 217 
TRP C   O    doub N N 218 
TRP C   OXT  sing N N 219 
TRP CB  CG   sing N N 220 
TRP CB  HB2  sing N N 221 
TRP CB  HB3  sing N N 222 
TRP CG  CD1  doub Y N 223 
TRP CG  CD2  sing Y N 224 
TRP CD1 NE1  sing Y N 225 
TRP CD1 HD1  sing N N 226 
TRP CD2 CE2  doub Y N 227 
TRP CD2 CE3  sing Y N 228 
TRP NE1 CE2  sing Y N 229 
TRP NE1 HE1  sing N N 230 
TRP CE2 CZ2  sing Y N 231 
TRP CE3 CZ3  doub Y N 232 
TRP CE3 HE3  sing N N 233 
TRP CZ2 CH2  doub Y N 234 
TRP CZ2 HZ2  sing N N 235 
TRP CZ3 CH2  sing Y N 236 
TRP CZ3 HZ3  sing N N 237 
TRP CH2 HH2  sing N N 238 
TRP OXT HXT  sing N N 239 
TYR N   CA   sing N N 240 
TYR N   H    sing N N 241 
TYR N   H2   sing N N 242 
TYR CA  C    sing N N 243 
TYR CA  CB   sing N N 244 
TYR CA  HA   sing N N 245 
TYR C   O    doub N N 246 
TYR C   OXT  sing N N 247 
TYR CB  CG   sing N N 248 
TYR CB  HB2  sing N N 249 
TYR CB  HB3  sing N N 250 
TYR CG  CD1  doub Y N 251 
TYR CG  CD2  sing Y N 252 
TYR CD1 CE1  sing Y N 253 
TYR CD1 HD1  sing N N 254 
TYR CD2 CE2  doub Y N 255 
TYR CD2 HD2  sing N N 256 
TYR CE1 CZ   doub Y N 257 
TYR CE1 HE1  sing N N 258 
TYR CE2 CZ   sing Y N 259 
TYR CE2 HE2  sing N N 260 
TYR CZ  OH   sing N N 261 
TYR OH  HH   sing N N 262 
TYR OXT HXT  sing N N 263 
VAL N   CA   sing N N 264 
VAL N   H    sing N N 265 
VAL N   H2   sing N N 266 
VAL CA  C    sing N N 267 
VAL CA  CB   sing N N 268 
VAL CA  HA   sing N N 269 
VAL C   O    doub N N 270 
VAL C   OXT  sing N N 271 
VAL CB  CG1  sing N N 272 
VAL CB  CG2  sing N N 273 
VAL CB  HB   sing N N 274 
VAL CG1 HG11 sing N N 275 
VAL CG1 HG12 sing N N 276 
VAL CG1 HG13 sing N N 277 
VAL CG2 HG21 sing N N 278 
VAL CG2 HG22 sing N N 279 
VAL CG2 HG23 sing N N 280 
VAL OXT HXT  sing N N 281 
# 
_pdbx_initial_refinement_model.accession_code   ? 
_pdbx_initial_refinement_model.id               1 
_pdbx_initial_refinement_model.entity_id_list   ? 
_pdbx_initial_refinement_model.type             'experimental model' 
_pdbx_initial_refinement_model.source_name      Other 
_pdbx_initial_refinement_model.details          'NMR MODEL' 
# 
_atom_sites.entry_id                    1EDM 
_atom_sites.fract_transf_matrix[1][1]   0.02003839 
_atom_sites.fract_transf_matrix[1][2]   -0.01382255 
_atom_sites.fract_transf_matrix[1][3]   -0.00480983 
_atom_sites.fract_transf_matrix[2][1]   0.00421805 
_atom_sites.fract_transf_matrix[2][2]   0.01326330 
_atom_sites.fract_transf_matrix[2][3]   -0.02054331 
_atom_sites.fract_transf_matrix[3][1]   0.00574552 
_atom_sites.fract_transf_matrix[3][2]   0.00646606 
_atom_sites.fract_transf_matrix[3][3]   0.00535435 
_atom_sites.fract_transf_vector[1]      0.462236 
_atom_sites.fract_transf_vector[2]      -0.055367 
_atom_sites.fract_transf_vector[3]      0.489935 
# 
loop_
_atom_type.symbol 
C  
CA 
N  
O  
S  
# 
loop_
_atom_site.group_PDB 
_atom_site.id 
_atom_site.type_symbol 
_atom_site.label_atom_id 
_atom_site.label_alt_id 
_atom_site.label_comp_id 
_atom_site.label_asym_id 
_atom_site.label_entity_id 
_atom_site.label_seq_id 
_atom_site.pdbx_PDB_ins_code 
_atom_site.Cartn_x 
_atom_site.Cartn_y 
_atom_site.Cartn_z 
_atom_site.occupancy 
_atom_site.B_iso_or_equiv 
_atom_site.pdbx_formal_charge 
_atom_site.auth_seq_id 
_atom_site.auth_comp_id 
_atom_site.auth_asym_id 
_atom_site.auth_atom_id 
_atom_site.pdbx_PDB_model_num 
ATOM   1   N  N   . VAL A 1 1  ? -12.697 9.905   3.431   1.00 60.53 ? 46  VAL B N   1 
ATOM   2   C  CA  . VAL A 1 1  ? -12.978 9.007   4.593   1.00 60.00 ? 46  VAL B CA  1 
ATOM   3   C  C   . VAL A 1 1  ? -11.671 8.658   5.272   1.00 56.53 ? 46  VAL B C   1 
ATOM   4   O  O   . VAL A 1 1  ? -10.986 9.520   5.810   1.00 44.15 ? 46  VAL B O   1 
ATOM   5   C  CB  . VAL A 1 1  ? -13.658 7.695   4.143   1.00 77.42 ? 46  VAL B CB  1 
ATOM   6   C  CG1 . VAL A 1 1  ? -15.055 7.982   3.624   1.00 65.97 ? 46  VAL B CG1 1 
ATOM   7   C  CG2 . VAL A 1 1  ? -12.814 6.998   3.064   1.00 49.14 ? 46  VAL B CG2 1 
ATOM   8   N  N   . ASP A 1 2  ? -11.304 7.388   5.219   1.00 38.56 ? 47  ASP B N   1 
ATOM   9   C  CA  . ASP A 1 2  ? -10.060 6.966   5.833   1.00 22.92 ? 47  ASP B CA  1 
ATOM   10  C  C   . ASP A 1 2  ? -8.830  7.475   5.079   1.00 24.10 ? 47  ASP B C   1 
ATOM   11  O  O   . ASP A 1 2  ? -8.748  7.404   3.842   1.00 39.31 ? 47  ASP B O   1 
ATOM   12  C  CB  . ASP A 1 2  ? -9.994  5.453   5.970   1.00 16.96 ? 47  ASP B CB  1 
ATOM   13  C  CG  . ASP A 1 2  ? -8.923  5.033   6.933   1.00 28.56 ? 47  ASP B CG  1 
ATOM   14  O  OD1 . ASP A 1 2  ? -8.915  5.527   8.079   1.00 36.23 ? 47  ASP B OD1 1 
ATOM   15  O  OD2 . ASP A 1 2  ? -8.045  4.257   6.552   1.00 17.41 ? 47  ASP B OD2 1 
ATOM   16  N  N   . GLY A 1 3  ? -7.864  7.962   5.852   1.00 22.07 ? 48  GLY B N   1 
ATOM   17  C  CA  . GLY A 1 3  ? -6.629  8.469   5.282   1.00 21.75 ? 48  GLY B CA  1 
ATOM   18  C  C   . GLY A 1 3  ? -5.575  7.397   5.022   1.00 17.29 ? 48  GLY B C   1 
ATOM   19  O  O   . GLY A 1 3  ? -5.836  6.191   5.131   1.00 17.80 ? 48  GLY B O   1 
ATOM   20  N  N   . ASP A 1 4  ? -4.388  7.863   4.648   1.00 12.89 ? 49  ASP B N   1 
ATOM   21  C  CA  . ASP A 1 4  ? -3.280  6.980   4.252   1.00 14.04 ? 49  ASP B CA  1 
ATOM   22  C  C   . ASP A 1 4  ? -2.364  6.797   5.471   1.00 13.48 ? 49  ASP B C   1 
ATOM   23  O  O   . ASP A 1 4  ? -1.571  7.690   5.782   1.00 18.54 ? 49  ASP B O   1 
ATOM   24  C  CB  . ASP A 1 4  ? -2.500  7.647   3.099   1.00 13.84 ? 49  ASP B CB  1 
ATOM   25  C  CG  . ASP A 1 4  ? -1.333  6.826   2.632   1.00 14.90 ? 49  ASP B CG  1 
ATOM   26  O  OD1 . ASP A 1 4  ? -1.139  5.713   3.167   1.00 14.39 ? 49  ASP B OD1 1 
ATOM   27  O  OD2 . ASP A 1 4  ? -0.607  7.298   1.732   1.00 18.77 ? 49  ASP B OD2 1 
ATOM   28  N  N   . GLN A 1 5  ? -2.489  5.681   6.189   1.00 13.24 ? 50  GLN B N   1 
ATOM   29  C  CA  . GLN A 1 5  ? -1.704  5.517   7.416   1.00 9.83  ? 50  GLN B CA  1 
ATOM   30  C  C   . GLN A 1 5  ? -0.232  5.235   7.101   1.00 14.49 ? 50  GLN B C   1 
ATOM   31  O  O   . GLN A 1 5  ? 0.608   5.182   7.996   1.00 16.45 ? 50  GLN B O   1 
ATOM   32  C  CB  . GLN A 1 5  ? -2.295  4.419   8.270   1.00 15.95 ? 50  GLN B CB  1 
ATOM   33  C  CG  . GLN A 1 5  ? -3.512  4.867   9.091   1.00 17.17 ? 50  GLN B CG  1 
ATOM   34  C  CD  . GLN A 1 5  ? -4.778  4.962   8.271   1.00 22.37 ? 50  GLN B CD  1 
ATOM   35  O  OE1 . GLN A 1 5  ? -5.042  4.113   7.444   1.00 18.15 ? 50  GLN B OE1 1 
ATOM   36  N  NE2 . GLN A 1 5  ? -5.607  5.955   8.560   1.00 18.49 ? 50  GLN B NE2 1 
ATOM   37  N  N   . CYS A 1 6  ? 0.098   5.120   5.809   1.00 13.31 ? 51  CYS B N   1 
ATOM   38  C  CA  . CYS A 1 6  ? 1.500   5.067   5.397   1.00 11.53 ? 51  CYS B CA  1 
ATOM   39  C  C   . CYS A 1 6  ? 2.139   6.432   5.290   1.00 13.28 ? 51  CYS B C   1 
ATOM   40  O  O   . CYS A 1 6  ? 3.335   6.531   5.031   1.00 15.42 ? 51  CYS B O   1 
ATOM   41  C  CB  . CYS A 1 6  ? 1.674   4.319   4.068   1.00 12.97 ? 51  CYS B CB  1 
ATOM   42  S  SG  . CYS A 1 6  ? 1.265   2.551   4.229   1.00 11.61 ? 51  CYS B SG  1 
ATOM   43  N  N   . GLU A 1 7  ? 1.335   7.476   5.509   1.00 16.75 ? 52  GLU B N   1 
ATOM   44  C  CA  . GLU A 1 7  ? 1.864   8.824   5.651   1.00 23.17 ? 52  GLU B CA  1 
ATOM   45  C  C   . GLU A 1 7  ? 3.005   8.798   6.699   1.00 23.63 ? 52  GLU B C   1 
ATOM   46  O  O   . GLU A 1 7  ? 2.891   8.179   7.779   1.00 17.90 ? 52  GLU B O   1 
ATOM   47  C  CB  . GLU A 1 7  ? 0.726   9.796   6.043   1.00 20.98 ? 52  GLU B CB  1 
ATOM   48  C  CG  . GLU A 1 7  ? 1.110   11.265  6.137   1.00 22.81 ? 52  GLU B CG  1 
ATOM   49  C  CD  . GLU A 1 7  ? 1.619   11.661  7.513   1.00 23.57 ? 52  GLU B CD  1 
ATOM   50  O  OE1 . GLU A 1 7  ? 1.259   10.995  8.508   1.00 19.69 ? 52  GLU B OE1 1 
ATOM   51  O  OE2 . GLU A 1 7  ? 2.366   12.653  7.589   1.00 30.83 ? 52  GLU B OE2 1 
ATOM   52  N  N   . SER A 1 8  ? 4.105   9.448   6.353   1.00 14.83 ? 53  SER B N   1 
ATOM   53  C  CA  . SER A 1 8  ? 5.238   9.579   7.229   1.00 11.16 ? 53  SER B CA  1 
ATOM   54  C  C   . SER A 1 8  ? 6.080   8.326   7.247   1.00 14.95 ? 53  SER B C   1 
ATOM   55  O  O   . SER A 1 8  ? 7.054   8.268   7.977   1.00 13.18 ? 53  SER B O   1 
ATOM   56  C  CB  . SER A 1 8  ? 4.800   9.922   8.645   1.00 23.27 ? 53  SER B CB  1 
ATOM   57  O  OG  . SER A 1 8  ? 5.875   10.562  9.349   1.00 30.58 ? 53  SER B OG  1 
ATOM   58  N  N   . ASN A 1 9  ? 5.736   7.341   6.414   1.00 11.63 ? 54  ASN B N   1 
ATOM   59  C  CA  . ASN A 1 9  ? 6.625   6.205   6.169   1.00 9.99  ? 54  ASN B CA  1 
ATOM   60  C  C   . ASN A 1 9  ? 6.985   5.442   7.467   1.00 11.54 ? 54  ASN B C   1 
ATOM   61  O  O   . ASN A 1 9  ? 8.155   5.424   7.906   1.00 14.25 ? 54  ASN B O   1 
ATOM   62  C  CB  . ASN A 1 9  ? 7.907   6.688   5.461   1.00 11.67 ? 54  ASN B CB  1 
ATOM   63  C  CG  . ASN A 1 9  ? 7.608   7.415   4.149   1.00 14.03 ? 54  ASN B CG  1 
ATOM   64  O  OD1 . ASN A 1 9  ? 6.711   7.033   3.413   1.00 20.35 ? 54  ASN B OD1 1 
ATOM   65  N  ND2 . ASN A 1 9  ? 8.342   8.487   3.876   1.00 15.11 ? 54  ASN B ND2 1 
ATOM   66  N  N   . PRO A 1 10 ? 6.006   4.786   8.093   1.00 11.12 ? 55  PRO B N   1 
ATOM   67  C  CA  . PRO A 1 10 ? 6.261   4.099   9.369   1.00 12.34 ? 55  PRO B CA  1 
ATOM   68  C  C   . PRO A 1 10 ? 7.151   2.854   9.276   1.00 16.39 ? 55  PRO B C   1 
ATOM   69  O  O   . PRO A 1 10 ? 7.756   2.454   10.270  1.00 15.17 ? 55  PRO B O   1 
ATOM   70  C  CB  . PRO A 1 10 ? 4.860   3.755   9.878   1.00 12.57 ? 55  PRO B CB  1 
ATOM   71  C  CG  . PRO A 1 10 ? 4.083   3.592   8.624   1.00 16.80 ? 55  PRO B CG  1 
ATOM   72  C  CD  . PRO A 1 10 ? 4.582   4.716   7.730   1.00 11.01 ? 55  PRO B CD  1 
ATOM   73  N  N   . CYS A 1 11 ? 7.248   2.242   8.099   1.00 11.70 ? 56  CYS B N   1 
ATOM   74  C  CA  . CYS A 1 11 ? 8.066   1.036   7.953   1.00 9.71  ? 56  CYS B CA  1 
ATOM   75  C  C   . CYS A 1 11 ? 9.528   1.387   7.747   1.00 14.58 ? 56  CYS B C   1 
ATOM   76  O  O   . CYS A 1 11 ? 9.881   2.040   6.754   1.00 15.79 ? 56  CYS B O   1 
ATOM   77  C  CB  . CYS A 1 11 ? 7.629   0.203   6.752   1.00 11.40 ? 56  CYS B CB  1 
ATOM   78  S  SG  . CYS A 1 11 ? 5.862   -0.094  6.740   1.00 13.24 ? 56  CYS B SG  1 
ATOM   79  N  N   . LEU A 1 12 ? 10.383  0.915   8.654   1.00 11.91 ? 57  LEU B N   1 
ATOM   80  C  CA  . LEU A 1 12 ? 11.805  1.224   8.580   1.00 11.29 ? 57  LEU B CA  1 
ATOM   81  C  C   . LEU A 1 12 ? 12.570  0.274   7.704   1.00 12.46 ? 57  LEU B C   1 
ATOM   82  O  O   . LEU A 1 12 ? 12.065  -0.781  7.285   1.00 12.79 ? 57  LEU B O   1 
ATOM   83  C  CB  . LEU A 1 12 ? 12.437  1.189   9.958   1.00 16.66 ? 57  LEU B CB  1 
ATOM   84  C  CG  . LEU A 1 12 ? 11.679  1.923   11.062  1.00 21.76 ? 57  LEU B CG  1 
ATOM   85  C  CD1 . LEU A 1 12 ? 12.501  1.856   12.349  1.00 24.99 ? 57  LEU B CD1 1 
ATOM   86  C  CD2 . LEU A 1 12 ? 11.393  3.332   10.653  1.00 21.14 ? 57  LEU B CD2 1 
ATOM   87  N  N   . ASN A 1 13 ? 13.837  0.605   7.503   1.00 9.11  ? 58  ASN B N   1 
ATOM   88  C  CA  . ASN A 1 13 ? 14.821  -0.366  7.042   1.00 11.14 ? 58  ASN B CA  1 
ATOM   89  C  C   . ASN A 1 13 ? 14.477  -1.004  5.705   1.00 16.05 ? 58  ASN B C   1 
ATOM   90  O  O   . ASN A 1 13 ? 14.660  -2.199  5.515   1.00 14.55 ? 58  ASN B O   1 
ATOM   91  C  CB  . ASN A 1 13 ? 15.021  -1.425  8.137   1.00 13.10 ? 58  ASN B CB  1 
ATOM   92  C  CG  . ASN A 1 13 ? 15.773  -0.847  9.306   1.00 13.56 ? 58  ASN B CG  1 
ATOM   93  O  OD1 . ASN A 1 13 ? 16.608  0.020   9.061   1.00 11.99 ? 58  ASN B OD1 1 
ATOM   94  N  ND2 . ASN A 1 13 ? 15.475  -1.245  10.539  1.00 11.23 ? 58  ASN B ND2 1 
ATOM   95  N  N   . GLY A 1 14 ? 13.961  -0.187  4.794   1.00 13.10 ? 59  GLY B N   1 
ATOM   96  C  CA  . GLY A 1 14 ? 13.677  -0.653  3.447   1.00 13.94 ? 59  GLY B CA  1 
ATOM   97  C  C   . GLY A 1 14 ? 12.339  -1.373  3.343   1.00 15.62 ? 59  GLY B C   1 
ATOM   98  O  O   . GLY A 1 14 ? 12.004  -1.888  2.274   1.00 17.05 ? 59  GLY B O   1 
ATOM   99  N  N   . GLY A 1 15 ? 11.570  -1.424  4.431   1.00 13.40 ? 60  GLY B N   1 
ATOM   100 C  CA  . GLY A 1 15 ? 10.254  -2.059  4.392   1.00 12.08 ? 60  GLY B CA  1 
ATOM   101 C  C   . GLY A 1 15 ? 9.257   -1.324  3.502   1.00 14.60 ? 60  GLY B C   1 
ATOM   102 O  O   . GLY A 1 15 ? 9.446   -0.169  3.149   1.00 16.13 ? 60  GLY B O   1 
ATOM   103 N  N   . SER A 1 16 ? 8.193   -2.009  3.127   1.00 9.98  ? 61  SER B N   1 
ATOM   104 C  CA  . SER A 1 16 ? 7.226   -1.487  2.192   1.00 7.93  ? 61  SER B CA  1 
ATOM   105 C  C   . SER A 1 16 ? 5.900   -1.404  2.946   1.00 9.82  ? 61  SER B C   1 
ATOM   106 O  O   . SER A 1 16 ? 5.435   -2.383  3.537   1.00 12.98 ? 61  SER B O   1 
ATOM   107 C  CB  . SER A 1 16 ? 7.103   -2.468  1.018   1.00 15.19 ? 61  SER B CB  1 
ATOM   108 O  OG  . SER A 1 16 ? 5.884   -2.270  0.333   1.00 21.07 ? 61  SER B OG  1 
ATOM   109 N  N   . CYS A 1 17 ? 5.287   -0.230  2.922   1.00 9.87  ? 62  CYS B N   1 
ATOM   110 C  CA  . CYS A 1 17 ? 4.075   -0.003  3.684   1.00 8.14  ? 62  CYS B CA  1 
ATOM   111 C  C   . CYS A 1 17 ? 2.862   -0.211  2.768   1.00 11.24 ? 62  CYS B C   1 
ATOM   112 O  O   . CYS A 1 17 ? 2.858   0.205   1.600   1.00 11.00 ? 62  CYS B O   1 
ATOM   113 C  CB  . CYS A 1 17 ? 4.104   1.434   4.203   1.00 13.07 ? 62  CYS B CB  1 
ATOM   114 S  SG  . CYS A 1 17 ? 2.775   1.829   5.379   1.00 12.52 ? 62  CYS B SG  1 
ATOM   115 N  N   . LYS A 1 18 ? 1.836   -0.844  3.312   1.00 9.76  ? 63  LYS B N   1 
ATOM   116 C  CA  . LYS A 1 18 ? 0.543   -0.981  2.630   1.00 10.60 ? 63  LYS B CA  1 
ATOM   117 C  C   . LYS A 1 18 ? -0.520  -0.342  3.514   1.00 12.72 ? 63  LYS B C   1 
ATOM   118 O  O   . LYS A 1 18 ? -0.612  -0.660  4.704   1.00 14.75 ? 63  LYS B O   1 
ATOM   119 C  CB  . LYS A 1 18 ? 0.210   -2.463  2.465   1.00 11.85 ? 63  LYS B CB  1 
ATOM   120 C  CG  1 LYS A 1 18 ? -0.768  -2.765  1.324   0.50 28.39 ? 63  LYS B CG  1 
ATOM   121 C  CG  2 LYS A 1 18 ? -1.021  -2.739  1.595   0.50 28.39 ? 63  LYS B CG  1 
ATOM   122 C  CD  1 LYS A 1 18 ? -1.119  -4.254  1.263   0.50 56.32 ? 63  LYS B CD  1 
ATOM   123 C  CD  2 LYS A 1 18 ? -1.707  -4.049  1.988   0.50 56.32 ? 63  LYS B CD  1 
ATOM   124 C  CE  1 LYS A 1 18 ? -2.289  -4.536  0.319   0.50 32.27 ? 63  LYS B CE  1 
ATOM   125 C  CE  2 LYS A 1 18 ? -2.318  -4.769  0.785   0.50 32.27 ? 63  LYS B CE  1 
ATOM   126 N  NZ  1 LYS A 1 18 ? -2.712  -3.300  -0.390  0.50 52.82 ? 63  LYS B NZ  1 
ATOM   127 N  NZ  2 LYS A 1 18 ? -1.279  -5.514  0.026   0.50 52.82 ? 63  LYS B NZ  1 
ATOM   128 N  N   . ASP A 1 19 ? -1.315  0.553   2.941   1.00 10.01 ? 64  ASP B N   1 
ATOM   129 C  CA  . ASP A 1 19 ? -2.344  1.215   3.725   1.00 10.47 ? 64  ASP B CA  1 
ATOM   130 C  C   . ASP A 1 19 ? -3.531  0.309   3.882   1.00 16.14 ? 64  ASP B C   1 
ATOM   131 O  O   . ASP A 1 19 ? -3.964  -0.315  2.916   1.00 19.66 ? 64  ASP B O   1 
ATOM   132 C  CB  . ASP A 1 19 ? -2.808  2.480   3.020   1.00 11.55 ? 64  ASP B CB  1 
ATOM   133 C  CG  . ASP A 1 19 ? -3.880  3.202   3.817   1.00 18.63 ? 64  ASP B CG  1 
ATOM   134 O  OD1 . ASP A 1 19 ? -3.642  3.505   5.016   1.00 13.25 ? 64  ASP B OD1 1 
ATOM   135 O  OD2 . ASP A 1 19 ? -4.969  3.417   3.269   1.00 17.17 ? 64  ASP B OD2 1 
ATOM   136 N  N   . ASP A 1 20 ? -4.085  0.244   5.076   1.00 16.78 ? 65  ASP B N   1 
ATOM   137 C  CA  . ASP A 1 20 ? -5.302  -0.511  5.249   1.00 13.01 ? 65  ASP B CA  1 
ATOM   138 C  C   . ASP A 1 20 ? -6.351  0.456   5.795   1.00 20.39 ? 65  ASP B C   1 
ATOM   139 O  O   . ASP A 1 20 ? -6.203  1.690   5.707   1.00 15.34 ? 65  ASP B O   1 
ATOM   140 C  CB  . ASP A 1 20 ? -5.087  -1.677  6.202   1.00 15.11 ? 65  ASP B CB  1 
ATOM   141 C  CG  1 ASP A 1 20 ? -5.942  -2.883  5.850   0.50 34.21 ? 65  ASP B CG  1 
ATOM   142 C  CG  2 ASP A 1 20 ? -4.408  -2.860  5.533   0.50 34.21 ? 65  ASP B CG  1 
ATOM   143 O  OD1 1 ASP A 1 20 ? -7.139  -2.706  5.524   0.50 54.65 ? 65  ASP B OD1 1 
ATOM   144 O  OD1 2 ASP A 1 20 ? -4.137  -2.795  4.312   0.50 54.65 ? 65  ASP B OD1 1 
ATOM   145 O  OD2 1 ASP A 1 20 ? -5.412  -4.012  5.902   0.50 70.16 ? 65  ASP B OD2 1 
ATOM   146 O  OD2 2 ASP A 1 20 ? -4.149  -3.860  6.233   0.50 70.16 ? 65  ASP B OD2 1 
ATOM   147 N  N   . ILE A 1 21 ? -7.445  -0.096  6.303   1.00 18.76 ? 66  ILE B N   1 
ATOM   148 C  CA  . ILE A 1 21 ? -8.451  0.762   6.883   1.00 22.69 ? 66  ILE B CA  1 
ATOM   149 C  C   . ILE A 1 21 ? -8.081  1.105   8.309   1.00 13.03 ? 66  ILE B C   1 
ATOM   150 O  O   . ILE A 1 21 ? -8.036  0.241   9.171   1.00 20.31 ? 66  ILE B O   1 
ATOM   151 C  CB  . ILE A 1 21 ? -9.847  0.142   6.809   1.00 19.74 ? 66  ILE B CB  1 
ATOM   152 C  CG1 . ILE A 1 21 ? -10.305 0.126   5.348   1.00 27.74 ? 66  ILE B CG1 1 
ATOM   153 C  CG2 . ILE A 1 21 ? -10.828 0.997   7.589   1.00 27.24 ? 66  ILE B CG2 1 
ATOM   154 C  CD1 . ILE A 1 21 ? -11.595 -0.639  5.105   1.00 63.38 ? 66  ILE B CD1 1 
ATOM   155 N  N   . ASN A 1 22 ? -7.754  2.374   8.515   1.00 16.21 ? 67  ASN B N   1 
ATOM   156 C  CA  . ASN A 1 22 ? -7.392  2.871   9.833   1.00 20.05 ? 67  ASN B CA  1 
ATOM   157 C  C   . ASN A 1 22 ? -6.174  2.131   10.403  1.00 27.24 ? 67  ASN B C   1 
ATOM   158 O  O   . ASN A 1 22 ? -6.052  1.970   11.615  1.00 23.82 ? 67  ASN B O   1 
ATOM   159 C  CB  . ASN A 1 22 ? -8.602  2.730   10.775  1.00 19.28 ? 67  ASN B CB  1 
ATOM   160 C  CG  . ASN A 1 22 ? -8.428  3.501   12.046  1.00 15.54 ? 67  ASN B CG  1 
ATOM   161 O  OD1 . ASN A 1 22 ? -7.809  4.541   12.045  1.00 16.32 ? 67  ASN B OD1 1 
ATOM   162 N  ND2 . ASN A 1 22 ? -8.991  3.001   13.143  1.00 17.58 ? 67  ASN B ND2 1 
ATOM   163 N  N   . SER A 1 23 ? -5.266  1.690   9.529   1.00 16.88 ? 68  SER B N   1 
ATOM   164 C  CA  . SER A 1 23 ? -4.119  0.899   9.946   1.00 13.87 ? 68  SER B CA  1 
ATOM   165 C  C   . SER A 1 23 ? -3.238  0.689   8.729   1.00 14.58 ? 68  SER B C   1 
ATOM   166 O  O   . SER A 1 23 ? -3.609  1.066   7.623   1.00 16.65 ? 68  SER B O   1 
ATOM   167 C  CB  . SER A 1 23 ? -4.570  -0.467  10.461  1.00 18.66 ? 68  SER B CB  1 
ATOM   168 O  OG  . SER A 1 23 ? -5.300  -1.151  9.456   1.00 27.47 ? 68  SER B OG  1 
ATOM   169 N  N   . TYR A 1 24 ? -2.056  0.126   8.949   1.00 16.57 ? 69  TYR B N   1 
ATOM   170 C  CA  . TYR A 1 24 ? -1.122  -0.144  7.860   1.00 16.79 ? 69  TYR B CA  1 
ATOM   171 C  C   . TYR A 1 24 ? -0.407  -1.465  8.150   1.00 15.09 ? 69  TYR B C   1 
ATOM   172 O  O   . TYR A 1 24 ? -0.418  -1.975  9.283   1.00 16.81 ? 69  TYR B O   1 
ATOM   173 C  CB  . TYR A 1 24 ? -0.115  1.001   7.721   1.00 10.59 ? 69  TYR B CB  1 
ATOM   174 C  CG  . TYR A 1 24 ? 0.795   1.199   8.924   1.00 12.02 ? 69  TYR B CG  1 
ATOM   175 C  CD1 . TYR A 1 24 ? 1.995   0.499   9.038   1.00 13.12 ? 69  TYR B CD1 1 
ATOM   176 C  CD2 . TYR A 1 24 ? 0.445   2.076   9.958   1.00 17.29 ? 69  TYR B CD2 1 
ATOM   177 C  CE1 . TYR A 1 24 ? 2.832   0.656   10.159  1.00 14.15 ? 69  TYR B CE1 1 
ATOM   178 C  CE2 . TYR A 1 24 ? 1.276   2.257   11.094  1.00 17.41 ? 69  TYR B CE2 1 
ATOM   179 C  CZ  . TYR A 1 24 ? 2.463   1.544   11.191  1.00 21.38 ? 69  TYR B CZ  1 
ATOM   180 O  OH  . TYR A 1 24 ? 3.290   1.688   12.285  1.00 16.31 ? 69  TYR B OH  1 
ATOM   181 N  N   . GLU A 1 25 ? 0.210   -2.021  7.132   1.00 14.19 ? 70  GLU B N   1 
ATOM   182 C  CA  . GLU A 1 25 ? 1.025   -3.202  7.323   1.00 16.05 ? 70  GLU B CA  1 
ATOM   183 C  C   . GLU A 1 25 ? 2.388   -2.910  6.725   1.00 14.58 ? 70  GLU B C   1 
ATOM   184 O  O   . GLU A 1 25 ? 2.460   -2.295  5.669   1.00 13.93 ? 70  GLU B O   1 
ATOM   185 C  CB  . GLU A 1 25 ? 0.416   -4.379  6.566   1.00 15.23 ? 70  GLU B CB  1 
ATOM   186 C  CG  1 GLU A 1 25 ? -0.675  -5.104  7.316   0.50 41.30 ? 70  GLU B CG  1 
ATOM   187 C  CG  2 GLU A 1 25 ? -0.956  -4.786  7.046   0.50 41.30 ? 70  GLU B CG  1 
ATOM   188 C  CD  1 GLU A 1 25 ? -1.990  -4.378  7.212   0.50 40.43 ? 70  GLU B CD  1 
ATOM   189 C  CD  2 GLU A 1 25 ? -1.477  -5.972  6.278   0.50 40.43 ? 70  GLU B CD  1 
ATOM   190 O  OE1 1 GLU A 1 25 ? -2.226  -3.713  6.179   0.50 35.40 ? 70  GLU B OE1 1 
ATOM   191 O  OE1 2 GLU A 1 25 ? -0.991  -7.092  6.533   0.50 31.75 ? 70  GLU B OE1 1 
ATOM   192 O  OE2 1 GLU A 1 25 ? -2.803  -4.504  8.148   0.50 31.75 ? 70  GLU B OE2 1 
ATOM   193 O  OE2 2 GLU A 1 25 ? -2.342  -5.780  5.396   0.50 35.40 ? 70  GLU B OE2 1 
ATOM   194 N  N   . CYS A 1 26 ? 3.457   -3.412  7.340   1.00 11.23 ? 71  CYS B N   1 
ATOM   195 C  CA  . CYS A 1 26 ? 4.772   -3.359  6.697   1.00 9.79  ? 71  CYS B CA  1 
ATOM   196 C  C   . CYS A 1 26 ? 5.183   -4.729  6.195   1.00 13.55 ? 71  CYS B C   1 
ATOM   197 O  O   . CYS A 1 26 ? 5.090   -5.715  6.922   1.00 16.49 ? 71  CYS B O   1 
ATOM   198 C  CB  . CYS A 1 26 ? 5.834   -2.898  7.685   1.00 12.03 ? 71  CYS B CB  1 
ATOM   199 S  SG  . CYS A 1 26 ? 5.536   -1.236  8.355   1.00 12.45 ? 71  CYS B SG  1 
ATOM   200 N  N   . TRP A 1 27 ? 5.719   -4.775  4.987   1.00 10.61 ? 72  TRP B N   1 
ATOM   201 C  CA  . TRP A 1 27 ? 6.547   -5.893  4.597   1.00 10.66 ? 72  TRP B CA  1 
ATOM   202 C  C   . TRP A 1 27 ? 7.975   -5.500  4.935   1.00 13.10 ? 72  TRP B C   1 
ATOM   203 O  O   . TRP A 1 27 ? 8.371   -4.394  4.633   1.00 12.28 ? 72  TRP B O   1 
ATOM   204 C  CB  . TRP A 1 27 ? 6.402   -6.150  3.095   1.00 11.07 ? 72  TRP B CB  1 
ATOM   205 C  CG  . TRP A 1 27 ? 7.330   -7.214  2.616   1.00 12.49 ? 72  TRP B CG  1 
ATOM   206 C  CD1 . TRP A 1 27 ? 7.134   -8.581  2.674   1.00 13.93 ? 72  TRP B CD1 1 
ATOM   207 C  CD2 . TRP A 1 27 ? 8.631   -7.021  2.063   1.00 12.74 ? 72  TRP B CD2 1 
ATOM   208 N  NE1 . TRP A 1 27 ? 8.233   -9.217  2.197   1.00 13.94 ? 72  TRP B NE1 1 
ATOM   209 C  CE2 . TRP A 1 27 ? 9.169   -8.294  1.808   1.00 17.23 ? 72  TRP B CE2 1 
ATOM   210 C  CE3 . TRP A 1 27 ? 9.402   -5.893  1.773   1.00 13.41 ? 72  TRP B CE3 1 
ATOM   211 C  CZ2 . TRP A 1 27 ? 10.431  -8.470  1.275   1.00 14.74 ? 72  TRP B CZ2 1 
ATOM   212 C  CZ3 . TRP A 1 27 ? 10.652  -6.072  1.246   1.00 18.44 ? 72  TRP B CZ3 1 
ATOM   213 C  CH2 . TRP A 1 27 ? 11.156  -7.346  1.000   1.00 19.74 ? 72  TRP B CH2 1 
ATOM   214 N  N   . CYS A 1 28 ? 8.747   -6.409  5.537   1.00 12.13 ? 73  CYS B N   1 
ATOM   215 C  CA  . CYS A 1 28 ? 10.118  -6.083  5.946   1.00 9.80  ? 73  CYS B CA  1 
ATOM   216 C  C   . CYS A 1 28 ? 11.048  -6.996  5.201   1.00 13.48 ? 73  CYS B C   1 
ATOM   217 O  O   . CYS A 1 28 ? 10.718  -8.161  4.988   1.00 13.05 ? 73  CYS B O   1 
ATOM   218 C  CB  . CYS A 1 28 ? 10.310  -6.346  7.435   1.00 12.13 ? 73  CYS B CB  1 
ATOM   219 S  SG  . CYS A 1 28 ? 9.144   -5.436  8.469   1.00 13.36 ? 73  CYS B SG  1 
ATOM   220 N  N   . PRO A 1 29 ? 12.258  -6.520  4.870   1.00 12.30 ? 74  PRO B N   1 
ATOM   221 C  CA  . PRO A 1 29 ? 13.304  -7.328  4.242   1.00 13.39 ? 74  PRO B CA  1 
ATOM   222 C  C   . PRO A 1 29 ? 13.659  -8.505  5.121   1.00 14.27 ? 74  PRO B C   1 
ATOM   223 O  O   . PRO A 1 29 ? 13.490  -8.479  6.362   1.00 13.62 ? 74  PRO B O   1 
ATOM   224 C  CB  . PRO A 1 29 ? 14.483  -6.357  4.178   1.00 16.36 ? 74  PRO B CB  1 
ATOM   225 C  CG  . PRO A 1 29 ? 13.833  -5.064  4.035   1.00 19.27 ? 74  PRO B CG  1 
ATOM   226 C  CD  . PRO A 1 29 ? 12.749  -5.143  5.067   1.00 12.99 ? 74  PRO B CD  1 
ATOM   227 N  N   . PHE A 1 30 ? 14.207  -9.528  4.485   1.00 14.21 ? 75  PHE B N   1 
ATOM   228 C  CA  . PHE A 1 30 ? 14.660  -10.688 5.237   1.00 16.10 ? 75  PHE B CA  1 
ATOM   229 C  C   . PHE A 1 30 ? 15.595  -10.250 6.376   1.00 18.56 ? 75  PHE B C   1 
ATOM   230 O  O   . PHE A 1 30 ? 16.552  -9.514  6.164   1.00 21.33 ? 75  PHE B O   1 
ATOM   231 C  CB  . PHE A 1 30 ? 15.409  -11.659 4.309   1.00 21.00 ? 75  PHE B CB  1 
ATOM   232 C  CG  . PHE A 1 30 ? 15.754  -12.973 4.959   1.00 17.34 ? 75  PHE B CG  1 
ATOM   233 C  CD1 . PHE A 1 30 ? 14.796  -13.957 5.094   1.00 22.37 ? 75  PHE B CD1 1 
ATOM   234 C  CD2 . PHE A 1 30 ? 17.018  -13.203 5.453   1.00 24.89 ? 75  PHE B CD2 1 
ATOM   235 C  CE1 . PHE A 1 30 ? 15.093  -15.149 5.713   1.00 27.78 ? 75  PHE B CE1 1 
ATOM   236 C  CE2 . PHE A 1 30 ? 17.327  -14.402 6.082   1.00 29.96 ? 75  PHE B CE2 1 
ATOM   237 C  CZ  . PHE A 1 30 ? 16.356  -15.368 6.207   1.00 37.30 ? 75  PHE B CZ  1 
ATOM   238 N  N   . GLY A 1 31 ? 15.341  -10.736 7.574   1.00 16.22 ? 76  GLY B N   1 
ATOM   239 C  CA  . GLY A 1 31 ? 16.248  -10.417 8.653   1.00 21.12 ? 76  GLY B CA  1 
ATOM   240 C  C   . GLY A 1 31 ? 15.661  -9.349  9.559   1.00 32.50 ? 76  GLY B C   1 
ATOM   241 O  O   . GLY A 1 31 ? 16.138  -9.146  10.686  1.00 24.70 ? 76  GLY B O   1 
ATOM   242 N  N   . PHE A 1 32 ? 14.616  -8.672  9.088   1.00 18.85 ? 77  PHE B N   1 
ATOM   243 C  CA  . PHE A 1 32 ? 13.968  -7.657  9.917   1.00 14.22 ? 77  PHE B CA  1 
ATOM   244 C  C   . PHE A 1 32 ? 12.577  -8.089  10.306  1.00 14.28 ? 77  PHE B C   1 
ATOM   245 O  O   . PHE A 1 32 ? 11.918  -8.810  9.570   1.00 18.46 ? 77  PHE B O   1 
ATOM   246 C  CB  . PHE A 1 32 ? 13.904  -6.340  9.185   1.00 14.78 ? 77  PHE B CB  1 
ATOM   247 C  CG  . PHE A 1 32 ? 15.230  -5.737  8.924   1.00 11.14 ? 77  PHE B CG  1 
ATOM   248 C  CD1 . PHE A 1 32 ? 15.988  -6.132  7.817   1.00 16.20 ? 77  PHE B CD1 1 
ATOM   249 C  CD2 . PHE A 1 32 ? 15.745  -4.774  9.795   1.00 16.85 ? 77  PHE B CD2 1 
ATOM   250 C  CE1 . PHE A 1 32 ? 17.232  -5.582  7.587   1.00 26.93 ? 77  PHE B CE1 1 
ATOM   251 C  CE2 . PHE A 1 32 ? 17.001  -4.226  9.560   1.00 14.36 ? 77  PHE B CE2 1 
ATOM   252 C  CZ  . PHE A 1 32 ? 17.740  -4.629  8.459   1.00 16.79 ? 77  PHE B CZ  1 
ATOM   253 N  N   . GLU A 1 33 ? 12.129  -7.635  11.465  1.00 15.02 ? 78  GLU B N   1 
ATOM   254 C  CA  . GLU A 1 33 ? 10.790  -7.949  11.939  1.00 19.57 ? 78  GLU B CA  1 
ATOM   255 C  C   . GLU A 1 33 ? 10.343  -6.848  12.889  1.00 15.07 ? 78  GLU B C   1 
ATOM   256 O  O   . GLU A 1 33 ? 10.948  -5.785  12.951  1.00 14.63 ? 78  GLU B O   1 
ATOM   257 C  CB  . GLU A 1 33 ? 10.820  -9.274  12.711  1.00 18.48 ? 78  GLU B CB  1 
ATOM   258 C  CG  1 GLU A 1 33 ? 11.584  -10.392 12.016  0.50 49.20 ? 78  GLU B CG  1 
ATOM   259 C  CG  2 GLU A 1 33 ? 11.022  -10.506 11.842  0.50 44.30 ? 78  GLU B CG  1 
ATOM   260 C  CD  1 GLU A 1 33 ? 12.221  -11.365 13.000  0.50 61.55 ? 78  GLU B CD  1 
ATOM   261 C  CD  2 GLU A 1 33 ? 11.672  -11.657 12.599  0.50 58.46 ? 78  GLU B CD  1 
ATOM   262 O  OE1 1 GLU A 1 33 ? 11.601  -11.672 14.048  0.50 18.80 ? 78  GLU B OE1 1 
ATOM   263 O  OE1 2 GLU A 1 33 ? 11.082  -12.146 13.595  0.50 44.35 ? 78  GLU B OE1 1 
ATOM   264 O  OE2 1 GLU A 1 33 ? 13.354  -11.819 12.723  0.50 56.34 ? 78  GLU B OE2 1 
ATOM   265 O  OE2 2 GLU A 1 33 ? 12.782  -12.069 12.198  0.50 23.50 ? 78  GLU B OE2 1 
ATOM   266 N  N   . GLY A 1 34 ? 9.268   -7.102  13.616  1.00 16.22 ? 79  GLY B N   1 
ATOM   267 C  CA  . GLY A 1 34 ? 8.563   -6.022  14.271  1.00 17.66 ? 79  GLY B CA  1 
ATOM   268 C  C   . GLY A 1 34 ? 7.524   -5.401  13.363  1.00 16.65 ? 79  GLY B C   1 
ATOM   269 O  O   . GLY A 1 34 ? 7.567   -5.570  12.133  1.00 15.07 ? 79  GLY B O   1 
ATOM   270 N  N   . LYS A 1 35 ? 6.602   -4.670  13.979  1.00 14.95 ? 80  LYS B N   1 
ATOM   271 C  CA  . LYS A 1 35 ? 5.512   -4.009  13.268  1.00 12.64 ? 80  LYS B CA  1 
ATOM   272 C  C   . LYS A 1 35 ? 6.076   -3.091  12.186  1.00 15.55 ? 80  LYS B C   1 
ATOM   273 O  O   . LYS A 1 35 ? 5.524   -2.981  11.095  1.00 16.43 ? 80  LYS B O   1 
ATOM   274 C  CB  . LYS A 1 35 ? 4.706   -3.176  14.257  1.00 17.16 ? 80  LYS B CB  1 
ATOM   275 C  CG  . LYS A 1 35 ? 3.669   -2.262  13.596  1.00 37.30 ? 80  LYS B CG  1 
ATOM   276 C  CD  . LYS A 1 35 ? 2.634   -3.064  12.821  1.00 32.77 ? 80  LYS B CD  1 
ATOM   277 C  CE  . LYS A 1 35 ? 1.495   -2.186  12.283  1.00 38.92 ? 80  LYS B CE  1 
ATOM   278 N  NZ  . LYS A 1 35 ? 0.441   -3.017  11.609  1.00 31.05 ? 80  LYS B NZ  1 
ATOM   279 N  N   . ASN A 1 36 ? 7.192   -2.439  12.498  1.00 15.86 ? 81  ASN B N   1 
ATOM   280 C  CA  . ASN A 1 36 ? 7.757   -1.402  11.634  1.00 11.88 ? 81  ASN B CA  1 
ATOM   281 C  C   . ASN A 1 36 ? 9.157   -1.773  11.145  1.00 11.17 ? 81  ASN B C   1 
ATOM   282 O  O   . ASN A 1 36 ? 9.917   -0.920  10.722  1.00 12.72 ? 81  ASN B O   1 
ATOM   283 C  CB  . ASN A 1 36 ? 7.793   -0.062  12.392  1.00 13.18 ? 81  ASN B CB  1 
ATOM   284 C  CG  . ASN A 1 36 ? 6.408   0.365   12.869  1.00 15.61 ? 81  ASN B CG  1 
ATOM   285 O  OD1 . ASN A 1 36 ? 5.511   0.565   12.078  1.00 19.01 ? 81  ASN B OD1 1 
ATOM   286 N  ND2 . ASN A 1 36 ? 6.226   0.438   14.168  1.00 29.67 ? 81  ASN B ND2 1 
ATOM   287 N  N   . CYS A 1 37 ? 9.452   -3.069  11.121  1.00 11.20 ? 82  CYS B N   1 
ATOM   288 C  CA  . CYS A 1 37 ? 10.759  -3.554  10.675  1.00 10.97 ? 82  CYS B CA  1 
ATOM   289 C  C   . CYS A 1 37 ? 11.878  -3.005  11.554  1.00 11.55 ? 82  CYS B C   1 
ATOM   290 O  O   . CYS A 1 37 ? 12.984  -2.790  11.062  1.00 11.49 ? 82  CYS B O   1 
ATOM   291 C  CB  . CYS A 1 37 ? 11.041  -3.146  9.214   1.00 12.41 ? 82  CYS B CB  1 
ATOM   292 S  SG  . CYS A 1 37 ? 9.666   -3.521  8.054   1.00 13.29 ? 82  CYS B SG  1 
ATOM   293 N  N   . GLU A 1 38 ? 11.564  -2.766  12.824  1.00 12.13 ? 83  GLU B N   1 
ATOM   294 C  CA  . GLU A 1 38 ? 12.529  -2.130  13.734  1.00 18.01 ? 83  GLU B CA  1 
ATOM   295 C  C   . GLU A 1 38 ? 13.326  -3.099  14.598  1.00 19.79 ? 83  GLU B C   1 
ATOM   296 O  O   . GLU A 1 38 ? 14.271  -2.700  15.279  1.00 18.37 ? 83  GLU B O   1 
ATOM   297 C  CB  . GLU A 1 38 ? 11.857  -1.073  14.614  1.00 14.86 ? 83  GLU B CB  1 
ATOM   298 C  CG  . GLU A 1 38 ? 11.106  -1.602  15.810  1.00 15.89 ? 83  GLU B CG  1 
ATOM   299 C  CD  . GLU A 1 38 ? 9.807   -2.299  15.477  1.00 34.27 ? 83  GLU B CD  1 
ATOM   300 O  OE1 . GLU A 1 38 ? 9.434   -2.401  14.287  1.00 19.66 ? 83  GLU B OE1 1 
ATOM   301 O  OE2 . GLU A 1 38 ? 9.157   -2.757  16.428  1.00 28.18 ? 83  GLU B OE2 1 
ATOM   302 N  N   . LEU A 1 39 ? 12.987  -4.377  14.506  1.00 13.51 ? 84  LEU B N   1 
ATOM   303 C  CA  . LEU A 1 39 ? 13.634  -5.412  15.289  1.00 12.23 ? 84  LEU B CA  1 
ATOM   304 C  C   . LEU A 1 39 ? 14.366  -6.430  14.410  1.00 17.47 ? 84  LEU B C   1 
ATOM   305 O  O   . LEU A 1 39 ? 14.165  -6.488  13.179  1.00 17.71 ? 84  LEU B O   1 
ATOM   306 C  CB  . LEU A 1 39 ? 12.577  -6.147  16.120  1.00 18.28 ? 84  LEU B CB  1 
ATOM   307 C  CG  . LEU A 1 39 ? 11.785  -5.263  17.088  1.00 22.91 ? 84  LEU B CG  1 
ATOM   308 C  CD1 . LEU A 1 39 ? 10.581  -6.002  17.657  1.00 28.35 ? 84  LEU B CD1 1 
ATOM   309 C  CD2 . LEU A 1 39 ? 12.703  -4.831  18.173  1.00 23.96 ? 84  LEU B CD2 1 
ATOM   310 O  OXT . LEU A 1 39 ? 15.128  -7.226  14.973  1.00 21.68 ? 84  LEU B OXT 1 
ATOM   311 N  N   . VAL B 1 1  ? 10.388  -5.488  -20.477 1.00 13.62 ? 46  VAL C N   1 
ATOM   312 C  CA  . VAL B 1 1  ? 9.026   -4.975  -20.729 1.00 12.81 ? 46  VAL C CA  1 
ATOM   313 C  C   . VAL B 1 1  ? 8.550   -4.230  -19.489 1.00 14.88 ? 46  VAL C C   1 
ATOM   314 O  O   . VAL B 1 1  ? 9.219   -4.212  -18.457 1.00 17.48 ? 46  VAL C O   1 
ATOM   315 C  CB  . VAL B 1 1  ? 7.997   -6.125  -21.034 1.00 16.47 ? 46  VAL C CB  1 
ATOM   316 C  CG1 . VAL B 1 1  ? 8.418   -6.855  -22.269 1.00 18.88 ? 46  VAL C CG1 1 
ATOM   317 C  CG2 . VAL B 1 1  ? 7.899   -7.106  -19.852 1.00 17.27 ? 46  VAL C CG2 1 
ATOM   318 N  N   . ASP B 1 2  ? 7.374   -3.635  -19.603 1.00 12.56 ? 47  ASP C N   1 
ATOM   319 C  CA  . ASP B 1 2  ? 6.794   -2.826  -18.540 1.00 13.17 ? 47  ASP C CA  1 
ATOM   320 C  C   . ASP B 1 2  ? 6.891   -3.542  -17.194 1.00 14.84 ? 47  ASP C C   1 
ATOM   321 O  O   . ASP B 1 2  ? 6.681   -4.758  -17.126 1.00 13.39 ? 47  ASP C O   1 
ATOM   322 C  CB  . ASP B 1 2  ? 5.327   -2.524  -18.883 1.00 12.14 ? 47  ASP C CB  1 
ATOM   323 C  CG  . ASP B 1 2  ? 4.754   -1.394  -18.048 1.00 15.93 ? 47  ASP C CG  1 
ATOM   324 O  OD1 . ASP B 1 2  ? 5.316   -0.278  -18.062 1.00 36.32 ? 47  ASP C OD1 1 
ATOM   325 O  OD2 . ASP B 1 2  ? 3.726   -1.602  -17.385 1.00 14.08 ? 47  ASP C OD2 1 
ATOM   326 N  N   . GLY B 1 3  ? 7.208   -2.784  -16.141 1.00 14.74 ? 48  GLY C N   1 
ATOM   327 C  CA  . GLY B 1 3  ? 7.273   -3.364  -14.808 1.00 14.72 ? 48  GLY C CA  1 
ATOM   328 C  C   . GLY B 1 3  ? 5.927   -3.383  -14.114 1.00 11.93 ? 48  GLY C C   1 
ATOM   329 O  O   . GLY B 1 3  ? 4.865   -3.193  -14.735 1.00 14.14 ? 48  GLY C O   1 
ATOM   330 N  N   . ASP B 1 4  ? 5.957   -3.598  -12.814 1.00 11.55 ? 49  ASP C N   1 
ATOM   331 C  CA  . ASP B 1 4  ? 4.741   -3.766  -12.018 1.00 12.62 ? 49  ASP C CA  1 
ATOM   332 C  C   . ASP B 1 4  ? 4.387   -2.462  -11.296 1.00 14.22 ? 49  ASP C C   1 
ATOM   333 O  O   . ASP B 1 4  ? 5.009   -2.118  -10.271 1.00 15.50 ? 49  ASP C O   1 
ATOM   334 C  CB  . ASP B 1 4  ? 5.017   -4.840  -10.973 1.00 16.17 ? 49  ASP C CB  1 
ATOM   335 C  CG  . ASP B 1 4  ? 3.800   -5.185  -10.152 1.00 14.92 ? 49  ASP C CG  1 
ATOM   336 O  OD1 . ASP B 1 4  ? 2.744   -4.583  -10.367 1.00 12.19 ? 49  ASP C OD1 1 
ATOM   337 O  OD2 . ASP B 1 4  ? 3.889   -6.098  -9.317  1.00 18.42 ? 49  ASP C OD2 1 
ATOM   338 N  N   . GLN B 1 5  ? 3.417   -1.722  -11.819 1.00 11.09 ? 50  GLN C N   1 
ATOM   339 C  CA  . GLN B 1 5  ? 3.021   -0.461  -11.182 1.00 16.10 ? 50  GLN C CA  1 
ATOM   340 C  C   . GLN B 1 5  ? 2.293   -0.600  -9.830  1.00 16.18 ? 50  GLN C C   1 
ATOM   341 O  O   . GLN B 1 5  ? 1.986   0.386   -9.184  1.00 16.14 ? 50  GLN C O   1 
ATOM   342 C  CB  . GLN B 1 5  ? 2.189   0.397   -12.124 1.00 12.81 ? 50  GLN C CB  1 
ATOM   343 C  CG  . GLN B 1 5  ? 3.026   1.119   -13.164 1.00 13.30 ? 50  GLN C CG  1 
ATOM   344 C  CD  . GLN B 1 5  ? 3.527   0.190   -14.268 1.00 19.62 ? 50  GLN C CD  1 
ATOM   345 O  OE1 . GLN B 1 5  ? 2.789   -0.686  -14.742 1.00 13.38 ? 50  GLN C OE1 1 
ATOM   346 N  NE2 . GLN B 1 5  ? 4.776   0.385   -14.691 1.00 21.94 ? 50  GLN C NE2 1 
ATOM   347 N  N   . CYS B 1 6  ? 2.028   -1.830  -9.410  1.00 11.08 ? 51  CYS C N   1 
ATOM   348 C  CA  . CYS B 1 6  ? 1.447   -2.087  -8.090  1.00 10.93 ? 51  CYS C CA  1 
ATOM   349 C  C   . CYS B 1 6  ? 2.475   -2.260  -6.978  1.00 11.24 ? 51  CYS C C   1 
ATOM   350 O  O   . CYS B 1 6  ? 2.099   -2.408  -5.812  1.00 14.55 ? 51  CYS C O   1 
ATOM   351 C  CB  . CYS B 1 6  ? 0.565   -3.349  -8.132  1.00 12.21 ? 51  CYS C CB  1 
ATOM   352 S  SG  . CYS B 1 6  ? -0.921  -3.131  -9.135  1.00 14.34 ? 51  CYS C SG  1 
ATOM   353 N  N   . GLU B 1 7  ? 3.754   -2.303  -7.335  1.00 12.91 ? 52  GLU C N   1 
ATOM   354 C  CA  . GLU B 1 7  ? 4.793   -2.613  -6.364  1.00 15.39 ? 52  GLU C CA  1 
ATOM   355 C  C   . GLU B 1 7  ? 4.868   -1.596  -5.226  1.00 15.18 ? 52  GLU C C   1 
ATOM   356 O  O   . GLU B 1 7  ? 5.282   -1.922  -4.119  1.00 22.02 ? 52  GLU C O   1 
ATOM   357 C  CB  . GLU B 1 7  ? 6.127   -2.692  -7.096  1.00 16.93 ? 52  GLU C CB  1 
ATOM   358 C  CG  1 GLU B 1 7  ? 6.673   -4.073  -7.256  0.50 15.76 ? 52  GLU C CG  1 
ATOM   359 C  CG  2 GLU B 1 7  ? 7.277   -3.139  -6.255  0.50 15.76 ? 52  GLU C CG  1 
ATOM   360 C  CD  1 GLU B 1 7  ? 7.993   -4.075  -8.004  0.50 49.91 ? 52  GLU C CD  1 
ATOM   361 C  CD  2 GLU B 1 7  ? 8.471   -3.544  -7.100  0.50 49.91 ? 52  GLU C CD  1 
ATOM   362 O  OE1 1 GLU B 1 7  ? 8.731   -3.072  -7.915  0.50 81.73 ? 52  GLU C OE1 1 
ATOM   363 O  OE1 2 GLU B 1 7  ? 8.397   -4.598  -7.769  0.50 38.59 ? 52  GLU C OE1 1 
ATOM   364 O  OE2 1 GLU B 1 7  ? 8.289   -5.079  -8.687  0.50 38.59 ? 52  GLU C OE2 1 
ATOM   365 O  OE2 2 GLU B 1 7  ? 9.478   -2.806  -7.104  0.50 81.73 ? 52  GLU C OE2 1 
ATOM   366 N  N   . SER B 1 8  ? 4.404   -0.383  -5.483  1.00 14.70 ? 53  SER C N   1 
ATOM   367 C  CA  . SER B 1 8  ? 4.450   0.665   -4.479  1.00 16.27 ? 53  SER C CA  1 
ATOM   368 C  C   . SER B 1 8  ? 3.167   0.721   -3.665  1.00 20.17 ? 53  SER C C   1 
ATOM   369 O  O   . SER B 1 8  ? 2.975   1.637   -2.867  1.00 22.49 ? 53  SER C O   1 
ATOM   370 C  CB  . SER B 1 8  ? 4.663   2.033   -5.151  1.00 23.11 ? 53  SER C CB  1 
ATOM   371 O  OG  . SER B 1 8  ? 3.620   2.308   -6.085  1.00 29.68 ? 53  SER C OG  1 
ATOM   372 N  N   . ASN B 1 9  ? 2.265   -0.218  -3.889  1.00 13.52 ? 54  ASN C N   1 
ATOM   373 C  CA  . ASN B 1 9  ? 0.995   -0.241  -3.162  1.00 15.60 ? 54  ASN C CA  1 
ATOM   374 C  C   . ASN B 1 9  ? 0.240   1.053   -3.318  1.00 15.44 ? 54  ASN C C   1 
ATOM   375 O  O   . ASN B 1 9  ? -0.130  1.691   -2.334  1.00 18.28 ? 54  ASN C O   1 
ATOM   376 C  CB  . ASN B 1 9  ? 1.215   -0.544  -1.667  1.00 15.64 ? 54  ASN C CB  1 
ATOM   377 C  CG  . ASN B 1 9  ? 1.921   -1.859  -1.455  1.00 28.35 ? 54  ASN C CG  1 
ATOM   378 O  OD1 . ASN B 1 9  ? 1.630   -2.833  -2.147  1.00 18.82 ? 54  ASN C OD1 1 
ATOM   379 N  ND2 . ASN B 1 9  ? 2.875   -1.895  -0.524  1.00 20.62 ? 54  ASN C ND2 1 
ATOM   380 N  N   . PRO B 1 10 ? -0.076  1.426   -4.565  1.00 12.97 ? 55  PRO C N   1 
ATOM   381 C  CA  . PRO B 1 10 ? -0.752  2.697   -4.822  1.00 8.88  ? 55  PRO C CA  1 
ATOM   382 C  C   . PRO B 1 10 ? -2.188  2.742   -4.340  1.00 17.48 ? 55  PRO C C   1 
ATOM   383 O  O   . PRO B 1 10 ? -2.748  3.827   -4.181  1.00 20.26 ? 55  PRO C O   1 
ATOM   384 C  CB  . PRO B 1 10 ? -0.665  2.822   -6.334  1.00 13.33 ? 55  PRO C CB  1 
ATOM   385 C  CG  . PRO B 1 10 ? -0.767  1.378   -6.791  1.00 14.74 ? 55  PRO C CG  1 
ATOM   386 C  CD  . PRO B 1 10 ? 0.198   0.698   -5.815  1.00 16.29 ? 55  PRO C CD  1 
ATOM   387 N  N   . CYS B 1 11 ? -2.802  1.583   -4.115  1.00 11.75 ? 56  CYS C N   1 
ATOM   388 C  CA  . CYS B 1 11 ? -4.229  1.558   -3.774  1.00 11.90 ? 56  CYS C CA  1 
ATOM   389 C  C   . CYS B 1 11 ? -4.365  1.653   -2.287  1.00 17.51 ? 56  CYS C C   1 
ATOM   390 O  O   . CYS B 1 11 ? -3.835  0.815   -1.576  1.00 22.21 ? 56  CYS C O   1 
ATOM   391 C  CB  . CYS B 1 11 ? -4.874  0.264   -4.204  1.00 15.96 ? 56  CYS C CB  1 
ATOM   392 S  SG  . CYS B 1 11 ? -4.714  0.001   -5.980  1.00 15.93 ? 56  CYS C SG  1 
ATOM   393 N  N   . LEU B 1 12 ? -5.053  2.680   -1.809  1.00 14.60 ? 57  LEU C N   1 
ATOM   394 C  CA  . LEU B 1 12 ? -5.209  2.834   -0.372  1.00 11.42 ? 57  LEU C CA  1 
ATOM   395 C  C   . LEU B 1 12 ? -6.336  1.936   0.163   1.00 17.25 ? 57  LEU C C   1 
ATOM   396 O  O   . LEU B 1 12 ? -7.107  1.312   -0.607  1.00 17.33 ? 57  LEU C O   1 
ATOM   397 C  CB  . LEU B 1 12 ? -5.487  4.309   -0.019  1.00 15.25 ? 57  LEU C CB  1 
ATOM   398 C  CG  . LEU B 1 12 ? -4.461  5.329   -0.517  1.00 20.27 ? 57  LEU C CG  1 
ATOM   399 C  CD1 . LEU B 1 12 ? -4.917  6.755   -0.193  1.00 19.16 ? 57  LEU C CD1 1 
ATOM   400 C  CD2 . LEU B 1 12 ? -3.118  5.067   0.110   1.00 22.59 ? 57  LEU C CD2 1 
ATOM   401 N  N   . ASN B 1 13 ? -6.428  1.867   1.488   1.00 16.58 ? 58  ASN C N   1 
ATOM   402 C  CA  . ASN B 1 13 ? -7.627  1.434   2.213   1.00 16.89 ? 58  ASN C CA  1 
ATOM   403 C  C   . ASN B 1 13 ? -8.055  0.014   1.879   1.00 25.59 ? 58  ASN C C   1 
ATOM   404 O  O   . ASN B 1 13 ? -9.237  -0.313  1.922   1.00 21.51 ? 58  ASN C O   1 
ATOM   405 C  CB  . ASN B 1 13 ? -8.780  2.435   2.028   1.00 16.58 ? 58  ASN C CB  1 
ATOM   406 C  CG  . ASN B 1 13 ? -8.448  3.795   2.619   1.00 14.69 ? 58  ASN C CG  1 
ATOM   407 O  OD1 . ASN B 1 13 ? -7.901  3.881   3.732   1.00 16.05 ? 58  ASN C OD1 1 
ATOM   408 N  ND2 . ASN B 1 13 ? -8.712  4.854   1.870   1.00 18.03 ? 58  ASN C ND2 1 
ATOM   409 N  N   . GLY B 1 14 ? -7.073  -0.848  1.639   1.00 21.20 ? 59  GLY C N   1 
ATOM   410 C  CA  . GLY B 1 14 ? -7.398  -2.235  1.386   1.00 22.29 ? 59  GLY C CA  1 
ATOM   411 C  C   . GLY B 1 14 ? -7.720  -2.515  -0.072  1.00 17.03 ? 59  GLY C C   1 
ATOM   412 O  O   . GLY B 1 14 ? -8.103  -3.621  -0.415  1.00 24.22 ? 59  GLY C O   1 
ATOM   413 N  N   . GLY B 1 15 ? -7.582  -1.523  -0.940  1.00 15.96 ? 60  GLY C N   1 
ATOM   414 C  CA  . GLY B 1 15 ? -7.916  -1.739  -2.346  1.00 15.21 ? 60  GLY C CA  1 
ATOM   415 C  C   . GLY B 1 15 ? -6.977  -2.757  -2.984  1.00 17.77 ? 60  GLY C C   1 
ATOM   416 O  O   . GLY B 1 15 ? -5.815  -2.893  -2.588  1.00 22.39 ? 60  GLY C O   1 
ATOM   417 N  N   . SER B 1 16 ? -7.479  -3.474  -3.983  1.00 16.33 ? 61  SER C N   1 
ATOM   418 C  CA  . SER B 1 16 ? -6.686  -4.496  -4.654  1.00 16.64 ? 61  SER C CA  1 
ATOM   419 C  C   . SER B 1 16 ? -6.102  -3.879  -5.920  1.00 14.99 ? 61  SER C C   1 
ATOM   420 O  O   . SER B 1 16 ? -6.817  -3.298  -6.724  1.00 18.15 ? 61  SER C O   1 
ATOM   421 C  CB  . SER B 1 16 ? -7.584  -5.691  -5.027  1.00 20.90 ? 61  SER C CB  1 
ATOM   422 O  OG  . SER B 1 16 ? -6.803  -6.763  -5.543  1.00 45.17 ? 61  SER C OG  1 
ATOM   423 N  N   . CYS B 1 17 ? -4.789  -3.964  -6.067  1.00 15.67 ? 62  CYS C N   1 
ATOM   424 C  CA  . CYS B 1 17 ? -4.141  -3.335  -7.196  1.00 15.74 ? 62  CYS C CA  1 
ATOM   425 C  C   . CYS B 1 17 ? -4.002  -4.369  -8.307  1.00 11.56 ? 62  CYS C C   1 
ATOM   426 O  O   . CYS B 1 17 ? -3.603  -5.502  -8.061  1.00 13.61 ? 62  CYS C O   1 
ATOM   427 C  CB  . CYS B 1 17 ? -2.784  -2.777  -6.788  1.00 14.33 ? 62  CYS C CB  1 
ATOM   428 S  SG  . CYS B 1 17 ? -1.972  -1.782  -8.073  1.00 14.07 ? 62  CYS C SG  1 
ATOM   429 N  N   . LYS B 1 18 ? -4.388  -3.967  -9.510  1.00 11.44 ? 63  LYS C N   1 
ATOM   430 C  CA  . LYS B 1 18 ? -4.103  -4.753  -10.697 1.00 14.05 ? 63  LYS C CA  1 
ATOM   431 C  C   . LYS B 1 18 ? -3.169  -3.981  -11.639 1.00 13.53 ? 63  LYS C C   1 
ATOM   432 O  O   . LYS B 1 18 ? -3.391  -2.797  -11.991 1.00 11.82 ? 63  LYS C O   1 
ATOM   433 C  CB  1 LYS B 1 18 ? -5.384  -5.126  -11.449 0.50 14.46 ? 63  LYS C CB  1 
ATOM   434 C  CB  2 LYS B 1 18 ? -5.389  -5.148  -11.423 0.50 14.46 ? 63  LYS C CB  1 
ATOM   435 C  CG  1 LYS B 1 18 ? -5.096  -5.667  -12.876 0.50 29.68 ? 63  LYS C CG  1 
ATOM   436 C  CG  2 LYS B 1 18 ? -5.113  -6.259  -12.440 0.50 29.68 ? 63  LYS C CG  1 
ATOM   437 C  CD  1 LYS B 1 18 ? -5.792  -4.870  -13.975 0.50 54.53 ? 63  LYS C CD  1 
ATOM   438 C  CD  2 LYS B 1 18 ? -6.349  -6.752  -13.158 0.50 54.53 ? 63  LYS C CD  1 
ATOM   439 C  CE  1 LYS B 1 18 ? -6.304  -5.589  -15.266 0.50 50.45 ? 63  LYS C CE  1 
ATOM   440 C  CE  2 LYS B 1 18 ? -6.014  -8.011  -13.959 0.50 50.45 ? 63  LYS C CE  1 
ATOM   441 N  NZ  1 LYS B 1 18 ? -5.768  -6.938  -15.507 0.50 27.26 ? 63  LYS C NZ  1 
ATOM   442 N  NZ  2 LYS B 1 18 ? -4.811  -7.822  -14.834 0.50 27.26 ? 63  LYS C NZ  1 
ATOM   443 N  N   . ASP B 1 19 ? -2.109  -4.668  -12.063 1.00 13.67 ? 64  ASP C N   1 
ATOM   444 C  CA  . ASP B 1 19 ? -1.109  -4.009  -12.901 1.00 10.28 ? 64  ASP C CA  1 
ATOM   445 C  C   . ASP B 1 19 ? -1.564  -3.984  -14.340 1.00 13.94 ? 64  ASP C C   1 
ATOM   446 O  O   . ASP B 1 19 ? -2.027  -5.003  -14.875 1.00 14.06 ? 64  ASP C O   1 
ATOM   447 C  CB  . ASP B 1 19 ? 0.213   -4.745  -12.796 1.00 9.59  ? 64  ASP C CB  1 
ATOM   448 C  CG  . ASP B 1 19 ? 1.258   -4.162  -13.656 1.00 15.99 ? 64  ASP C CG  1 
ATOM   449 O  OD1 . ASP B 1 19 ? 1.506   -2.961  -13.505 1.00 12.54 ? 64  ASP C OD1 1 
ATOM   450 O  OD2 . ASP B 1 19 ? 1.843   -4.904  -14.471 1.00 14.00 ? 64  ASP C OD2 1 
ATOM   451 N  N   . ASP B 1 20 ? -1.375  -2.833  -14.977 1.00 14.61 ? 65  ASP C N   1 
ATOM   452 C  CA  . ASP B 1 20 ? -1.638  -2.701  -16.400 1.00 12.50 ? 65  ASP C CA  1 
ATOM   453 C  C   . ASP B 1 20 ? -0.362  -2.257  -17.076 1.00 13.81 ? 65  ASP C C   1 
ATOM   454 O  O   . ASP B 1 20 ? 0.735   -2.409  -16.536 1.00 12.61 ? 65  ASP C O   1 
ATOM   455 C  CB  . ASP B 1 20 ? -2.772  -1.708  -16.649 1.00 20.32 ? 65  ASP C CB  1 
ATOM   456 C  CG  . ASP B 1 20 ? -4.046  -2.396  -17.118 1.00 47.39 ? 65  ASP C CG  1 
ATOM   457 O  OD1 . ASP B 1 20 ? -4.468  -3.381  -16.465 1.00 18.28 ? 65  ASP C OD1 1 
ATOM   458 O  OD2 . ASP B 1 20 ? -4.611  -1.960  -18.142 1.00 49.76 ? 65  ASP C OD2 1 
ATOM   459 N  N   . ILE B 1 21 ? -0.483  -1.836  -18.327 1.00 19.70 ? 66  ILE C N   1 
ATOM   460 C  CA  . ILE B 1 21 ? 0.703   -1.480  -19.078 1.00 15.86 ? 66  ILE C CA  1 
ATOM   461 C  C   . ILE B 1 21 ? 0.911   -0.005  -18.801 1.00 21.39 ? 66  ILE C C   1 
ATOM   462 O  O   . ILE B 1 21 ? 0.078   0.817   -19.159 1.00 22.59 ? 66  ILE C O   1 
ATOM   463 C  CB  . ILE B 1 21 ? 0.511   -1.778  -20.578 1.00 19.15 ? 66  ILE C CB  1 
ATOM   464 C  CG1 . ILE B 1 21 ? 0.470   -3.301  -20.762 1.00 27.03 ? 66  ILE C CG1 1 
ATOM   465 C  CG2 . ILE B 1 21 ? 1.682   -1.201  -21.386 1.00 27.05 ? 66  ILE C CG2 1 
ATOM   466 C  CD1 . ILE B 1 21 ? 0.040   -3.771  -22.152 1.00 31.85 ? 66  ILE C CD1 1 
ATOM   467 N  N   . ASN B 1 22 ? 1.945   0.291   -18.018 1.00 18.33 ? 67  ASN C N   1 
ATOM   468 C  CA  . ASN B 1 22 ? 2.315   1.655   -17.642 1.00 16.37 ? 67  ASN C CA  1 
ATOM   469 C  C   . ASN B 1 22 ? 1.231   2.353   -16.819 1.00 29.30 ? 67  ASN C C   1 
ATOM   470 O  O   . ASN B 1 22 ? 1.098   3.577   -16.834 1.00 25.12 ? 67  ASN C O   1 
ATOM   471 C  CB  . ASN B 1 22 ? 2.683   2.484   -18.896 1.00 21.25 ? 67  ASN C CB  1 
ATOM   472 C  CG  . ASN B 1 22 ? 3.526   3.717   -18.563 1.00 68.59 ? 67  ASN C CG  1 
ATOM   473 O  OD1 . ASN B 1 22 ? 4.423   3.675   -17.709 1.00 40.33 ? 67  ASN C OD1 1 
ATOM   474 N  ND2 . ASN B 1 22 ? 3.253   4.817   -19.256 1.00 70.32 ? 67  ASN C ND2 1 
ATOM   475 N  N   . SER B 1 23 ? 0.478   1.565   -16.063 1.00 14.78 ? 68  SER C N   1 
ATOM   476 C  CA  . SER B 1 23 ? -0.540  2.117   -15.207 1.00 19.09 ? 68  SER C CA  1 
ATOM   477 C  C   . SER B 1 23 ? -1.079  0.972   -14.371 1.00 15.16 ? 68  SER C C   1 
ATOM   478 O  O   . SER B 1 23 ? -0.561  -0.134  -14.433 1.00 17.57 ? 68  SER C O   1 
ATOM   479 C  CB  . SER B 1 23 ? -1.660  2.756   -16.028 1.00 24.96 ? 68  SER C CB  1 
ATOM   480 O  OG  . SER B 1 23 ? -2.128  1.846   -17.006 1.00 33.04 ? 68  SER C OG  1 
ATOM   481 N  N   . TYR B 1 24 ? -2.099  1.248   -13.575 1.00 18.37 ? 69  TYR C N   1 
ATOM   482 C  CA  . TYR B 1 24 ? -2.637  0.243   -12.666 1.00 16.66 ? 69  TYR C CA  1 
ATOM   483 C  C   . TYR B 1 24 ? -4.090  0.624   -12.427 1.00 20.54 ? 69  TYR C C   1 
ATOM   484 O  O   . TYR B 1 24 ? -4.497  1.749   -12.705 1.00 18.18 ? 69  TYR C O   1 
ATOM   485 C  CB  . TYR B 1 24 ? -1.883  0.246   -11.332 1.00 10.35 ? 69  TYR C CB  1 
ATOM   486 C  CG  . TYR B 1 24 ? -1.958  1.564   -10.620 1.00 14.38 ? 69  TYR C CG  1 
ATOM   487 C  CD1 . TYR B 1 24 ? -1.028  2.575   -10.874 1.00 19.14 ? 69  TYR C CD1 1 
ATOM   488 C  CD2 . TYR B 1 24 ? -2.981  1.819   -9.712  1.00 16.47 ? 69  TYR C CD2 1 
ATOM   489 C  CE1 . TYR B 1 24 ? -1.125  3.814   -10.234 1.00 20.30 ? 69  TYR C CE1 1 
ATOM   490 C  CE2 . TYR B 1 24 ? -3.084  3.053   -9.071  1.00 22.32 ? 69  TYR C CE2 1 
ATOM   491 C  CZ  . TYR B 1 24 ? -2.158  4.040   -9.341  1.00 27.48 ? 69  TYR C CZ  1 
ATOM   492 O  OH  . TYR B 1 24 ? -2.277  5.255   -8.714  1.00 22.08 ? 69  TYR C OH  1 
ATOM   493 N  N   . GLU B 1 25 ? -4.874  -0.336  -11.962 1.00 16.06 ? 70  GLU C N   1 
ATOM   494 C  CA  . GLU B 1 25 ? -6.226  -0.073  -11.517 1.00 20.63 ? 70  GLU C CA  1 
ATOM   495 C  C   . GLU B 1 25 ? -6.322  -0.514  -10.074 1.00 15.73 ? 70  GLU C C   1 
ATOM   496 O  O   . GLU B 1 25 ? -5.708  -1.504  -9.674  1.00 18.03 ? 70  GLU C O   1 
ATOM   497 C  CB  1 GLU B 1 25 ? -7.238  -0.894  -12.327 0.50 20.94 ? 70  GLU C CB  1 
ATOM   498 C  CB  2 GLU B 1 25 ? -7.237  -0.898  -12.329 0.50 20.94 ? 70  GLU C CB  1 
ATOM   499 C  CG  1 GLU B 1 25 ? -7.416  -0.427  -13.760 0.50 63.89 ? 70  GLU C CG  1 
ATOM   500 C  CG  2 GLU B 1 25 ? -6.907  -1.028  -13.803 0.50 63.89 ? 70  GLU C CG  1 
ATOM   501 C  CD  1 GLU B 1 25 ? -7.610  -1.584  -14.725 0.50 30.70 ? 70  GLU C CD  1 
ATOM   502 C  CD  2 GLU B 1 25 ? -7.658  -2.171  -14.478 0.50 30.70 ? 70  GLU C CD  1 
ATOM   503 O  OE1 1 GLU B 1 25 ? -8.546  -2.429  -14.519 0.50 22.60 ? 70  GLU C OE1 1 
ATOM   504 O  OE1 2 GLU B 1 25 ? -8.274  -2.996  -13.762 0.50 22.60 ? 70  GLU C OE1 1 
ATOM   505 O  OE2 1 GLU B 1 25 ? -6.833  -1.697  -15.725 0.50 68.41 ? 70  GLU C OE2 1 
ATOM   506 O  OE2 2 GLU B 1 25 ? -7.618  -2.246  -15.725 0.50 68.41 ? 70  GLU C OE2 1 
ATOM   507 N  N   . CYS B 1 26 ? -7.127  0.206   -9.301  1.00 13.72 ? 71  CYS C N   1 
ATOM   508 C  CA  . CYS B 1 26 ? -7.472  -0.213  -7.958  1.00 16.58 ? 71  CYS C CA  1 
ATOM   509 C  C   . CYS B 1 26 ? -8.889  -0.738  -7.940  1.00 23.68 ? 71  CYS C C   1 
ATOM   510 O  O   . CYS B 1 26 ? -9.809  -0.068  -8.430  1.00 23.02 ? 71  CYS C O   1 
ATOM   511 C  CB  . CYS B 1 26 ? -7.375  0.972   -7.006  1.00 16.06 ? 71  CYS C CB  1 
ATOM   512 S  SG  . CYS B 1 26 ? -5.686  1.560   -6.834  1.00 17.33 ? 71  CYS C SG  1 
ATOM   513 N  N   . TRP B 1 27 ? -9.055  -1.915  -7.345  1.00 20.34 ? 72  TRP C N   1 
ATOM   514 C  CA  . TRP B 1 27 ? -10.374 -2.401  -6.947  1.00 21.54 ? 72  TRP C CA  1 
ATOM   515 C  C   . TRP B 1 27 ? -10.599 -2.128  -5.467  1.00 19.87 ? 72  TRP C C   1 
ATOM   516 O  O   . TRP B 1 27 ? -9.979  -2.756  -4.622  1.00 22.48 ? 72  TRP C O   1 
ATOM   517 C  CB  . TRP B 1 27 ? -10.475 -3.910  -7.205  1.00 21.23 ? 72  TRP C CB  1 
ATOM   518 C  CG  1 TRP B 1 27 ? -10.535 -4.242  -8.654  0.50 66.41 ? 72  TRP C CG  1 
ATOM   519 C  CG  2 TRP B 1 27 ? -10.049 -4.287  -8.579  0.50 66.41 ? 72  TRP C CG  1 
ATOM   520 C  CD1 1 TRP B 1 27 ? -10.513 -3.256  -9.601  0.50 78.70 ? 72  TRP C CD1 1 
ATOM   521 C  CD1 2 TRP B 1 27 ? -8.968  -5.047  -8.928  0.50 78.70 ? 72  TRP C CD1 1 
ATOM   522 C  CD2 1 TRP B 1 27 ? -10.006 -5.415  -9.282  0.50 77.83 ? 72  TRP C CD2 1 
ATOM   523 C  CD2 2 TRP B 1 27 ? -10.668 -3.880  -9.805  0.50 77.83 ? 72  TRP C CD2 1 
ATOM   524 N  NE1 1 TRP B 1 27 ? -9.980  -3.740  -10.772 0.50 80.77 ? 72  TRP C NE1 1 
ATOM   525 N  NE1 2 TRP B 1 27 ? -8.874  -5.130  -10.297 0.50 80.77 ? 72  TRP C NE1 1 
ATOM   526 C  CE2 1 TRP B 1 27 ? -9.662  -5.059  -10.603 0.50 58.89 ? 72  TRP C CE2 1 
ATOM   527 C  CE2 2 TRP B 1 27 ? -9.902  -4.425  -10.857 0.50 58.89 ? 72  TRP C CE2 1 
ATOM   528 C  CE3 1 TRP B 1 27 ? -9.777  -6.724  -8.851  0.50 76.90 ? 72  TRP C CE3 1 
ATOM   529 C  CE3 2 TRP B 1 27 ? -11.791 -3.108  -10.113 0.50 76.90 ? 72  TRP C CE3 1 
ATOM   530 C  CZ2 1 TRP B 1 27 ? -9.100  -5.967  -11.493 0.50 56.74 ? 72  TRP C CZ2 1 
ATOM   531 C  CZ2 2 TRP B 1 27 ? -10.226 -4.220  -12.193 0.50 56.74 ? 72  TRP C CZ2 1 
ATOM   532 C  CZ3 1 TRP B 1 27 ? -9.222  -7.623  -9.736  0.50 66.91 ? 72  TRP C CZ3 1 
ATOM   533 C  CZ3 2 TRP B 1 27 ? -12.109 -2.905  -11.439 0.50 66.91 ? 72  TRP C CZ3 1 
ATOM   534 C  CH2 1 TRP B 1 27 ? -8.891  -7.242  -11.043 0.50 95.74 ? 72  TRP C CH2 1 
ATOM   535 C  CH2 2 TRP B 1 27 ? -11.329 -3.458  -12.463 0.50 95.74 ? 72  TRP C CH2 1 
ATOM   536 N  N   . CYS B 1 28 ? -11.500 -1.192  -5.175  1.00 25.90 ? 73  CYS C N   1 
ATOM   537 C  CA  . CYS B 1 28 ? -11.682 -0.644  -3.828  1.00 17.44 ? 73  CYS C CA  1 
ATOM   538 C  C   . CYS B 1 28 ? -12.779 -1.413  -3.137  1.00 22.73 ? 73  CYS C C   1 
ATOM   539 O  O   . CYS B 1 28 ? -13.739 -1.836  -3.772  1.00 30.87 ? 73  CYS C O   1 
ATOM   540 C  CB  . CYS B 1 28 ? -12.093 0.823   -3.907  1.00 24.58 ? 73  CYS C CB  1 
ATOM   541 S  SG  . CYS B 1 28 ? -10.926 1.832   -4.858  1.00 23.94 ? 73  CYS C SG  1 
ATOM   542 N  N   . PRO B 1 29 ? -12.699 -1.534  -1.809  1.00 27.15 ? 74  PRO C N   1 
ATOM   543 C  CA  . PRO B 1 29 ? -13.815 -2.073  -1.014  1.00 30.10 ? 74  PRO C CA  1 
ATOM   544 C  C   . PRO B 1 29 ? -15.054 -1.210  -1.224  1.00 54.42 ? 74  PRO C C   1 
ATOM   545 O  O   . PRO B 1 29 ? -14.940 -0.056  -1.644  1.00 68.95 ? 74  PRO C O   1 
ATOM   546 C  CB  . PRO B 1 29 ? -13.317 -1.932  0.412   1.00 26.98 ? 74  PRO C CB  1 
ATOM   547 C  CG  . PRO B 1 29 ? -11.809 -1.840  0.258   1.00 31.92 ? 74  PRO C CG  1 
ATOM   548 C  CD  . PRO B 1 29 ? -11.644 -0.989  -0.940  1.00 27.27 ? 74  PRO C CD  1 
ATOM   549 N  N   . PHE B 1 30 ? -16.233 -1.761  -0.949  1.00 64.83 ? 75  PHE C N   1 
ATOM   550 C  CA  . PHE B 1 30 ? -17.453 -0.970  -1.090  1.00 54.77 ? 75  PHE C CA  1 
ATOM   551 C  C   . PHE B 1 30 ? -17.275 0.356   -0.374  1.00 57.94 ? 75  PHE C C   1 
ATOM   552 O  O   . PHE B 1 30 ? -16.910 0.383   0.809   1.00 48.39 ? 75  PHE C O   1 
ATOM   553 C  CB  1 PHE B 1 30 ? -18.640 -1.681  -0.477  0.50 75.65 ? 75  PHE C CB  1 
ATOM   554 C  CB  2 PHE B 1 30 ? -18.639 -1.740  -0.507  0.50 75.65 ? 75  PHE C CB  1 
ATOM   555 C  CG  1 PHE B 1 30 ? -19.858 -0.767  -0.575  0.50 64.09 ? 75  PHE C CG  1 
ATOM   556 C  CG  2 PHE B 1 30 ? -18.874 -3.158  -0.941  0.50 64.09 ? 75  PHE C CG  1 
ATOM   557 C  CD1 1 PHE B 1 30 ? -20.602 -0.823  -1.728  0.50 52.82 ? 75  PHE C CD1 1 
ATOM   558 C  CD1 2 PHE B 1 30 ? -18.459 -3.589  -2.194  0.50 52.82 ? 75  PHE C CD1 1 
ATOM   559 C  CD2 1 PHE B 1 30 ? -20.220 0.125   0.460   0.50 58.71 ? 75  PHE C CD2 1 
ATOM   560 C  CD2 2 PHE B 1 30 ? -19.494 -4.061  -0.092  0.50 58.71 ? 75  PHE C CD2 1 
ATOM   561 C  CE1 1 PHE B 1 30 ? -21.719 -0.011  -1.884  0.50 39.49 ? 75  PHE C CE1 1 
ATOM   562 C  CE1 2 PHE B 1 30 ? -18.656 -4.895  -2.592  0.50 39.49 ? 75  PHE C CE1 1 
ATOM   563 C  CE2 1 PHE B 1 30 ? -21.347 0.943   0.301   0.50 54.10 ? 75  PHE C CE2 1 
ATOM   564 C  CE2 2 PHE B 1 30 ? -19.696 -5.370  -0.481  0.50 54.10 ? 75  PHE C CE2 1 
ATOM   565 C  CZ  1 PHE B 1 30 ? -22.094 0.871   -0.874  0.50 58.82 ? 75  PHE C CZ  1 
ATOM   566 C  CZ  2 PHE B 1 30 ? -19.277 -5.789  -1.734  0.50 58.82 ? 75  PHE C CZ  1 
ATOM   567 N  N   . GLY B 1 31 ? -17.548 1.443   -1.094  1.00 60.74 ? 76  GLY C N   1 
ATOM   568 C  CA  . GLY B 1 31 ? -17.807 2.717   -0.455  1.00 69.46 ? 76  GLY C CA  1 
ATOM   569 C  C   . GLY B 1 31 ? -16.536 3.521   -0.324  1.00 52.74 ? 76  GLY C C   1 
ATOM   570 O  O   . GLY B 1 31 ? -16.545 4.661   0.136   1.00 64.31 ? 76  GLY C O   1 
ATOM   571 N  N   . PHE B 1 32 ? -15.432 2.920   -0.750  1.00 32.50 ? 77  PHE C N   1 
ATOM   572 C  CA  . PHE B 1 32 ? -14.282 3.691   -1.182  1.00 28.34 ? 77  PHE C CA  1 
ATOM   573 C  C   . PHE B 1 32 ? -14.232 3.879   -2.684  1.00 21.64 ? 77  PHE C C   1 
ATOM   574 O  O   . PHE B 1 32 ? -14.444 2.951   -3.461  1.00 43.28 ? 77  PHE C O   1 
ATOM   575 C  CB  . PHE B 1 32 ? -12.995 3.042   -0.669  1.00 31.27 ? 77  PHE C CB  1 
ATOM   576 C  CG  . PHE B 1 32 ? -12.850 3.090   0.838   1.00 24.12 ? 77  PHE C CG  1 
ATOM   577 C  CD1 . PHE B 1 32 ? -12.448 4.258   1.472   1.00 33.06 ? 77  PHE C CD1 1 
ATOM   578 C  CD2 . PHE B 1 32 ? -13.130 1.971   1.620   1.00 37.46 ? 77  PHE C CD2 1 
ATOM   579 C  CE1 . PHE B 1 32 ? -12.331 4.310   2.851   1.00 34.51 ? 77  PHE C CE1 1 
ATOM   580 C  CE2 . PHE B 1 32 ? -13.012 2.019   3.010   1.00 44.58 ? 77  PHE C CE2 1 
ATOM   581 C  CZ  . PHE B 1 32 ? -12.612 3.188   3.623   1.00 28.01 ? 77  PHE C CZ  1 
ATOM   582 N  N   . GLU B 1 33 ? -13.907 5.093   -3.087  1.00 33.72 ? 78  GLU C N   1 
ATOM   583 C  CA  . GLU B 1 33 ? -13.807 5.410   -4.494  1.00 32.90 ? 78  GLU C CA  1 
ATOM   584 C  C   . GLU B 1 33 ? -12.583 6.250   -4.740  1.00 28.40 ? 78  GLU C C   1 
ATOM   585 O  O   . GLU B 1 33 ? -11.826 6.571   -3.822  1.00 31.43 ? 78  GLU C O   1 
ATOM   586 C  CB  . GLU B 1 33 ? -15.024 6.196   -4.963  1.00 63.75 ? 78  GLU C CB  1 
ATOM   587 C  CG  1 GLU B 1 33 ? -16.350 5.551   -4.656  0.50 70.18 ? 78  GLU C CG  1 
ATOM   588 C  CG  2 GLU B 1 33 ? -16.273 5.375   -5.151  0.50 70.18 ? 78  GLU C CG  1 
ATOM   589 C  CD  1 GLU B 1 33 ? -17.505 6.462   -5.004  0.50 89.46 ? 78  GLU C CD  1 
ATOM   590 C  CD  2 GLU B 1 33 ? -17.397 6.199   -5.736  0.50 89.46 ? 78  GLU C CD  1 
ATOM   591 O  OE1 1 GLU B 1 33 ? -17.284 7.426   -5.770  0.50 74.84 ? 78  GLU C OE1 1 
ATOM   592 O  OE1 2 GLU B 1 33 ? -17.109 7.296   -6.266  0.50 74.84 ? 78  GLU C OE1 1 
ATOM   593 O  OE2 1 GLU B 1 33 ? -18.625 6.217   -4.507  0.50 85.97 ? 78  GLU C OE2 1 
ATOM   594 O  OE2 2 GLU B 1 33 ? -18.562 5.755   -5.658  0.50 85.97 ? 78  GLU C OE2 1 
ATOM   595 N  N   . GLY B 1 34 ? -12.483 6.732   -5.967  1.00 26.38 ? 79  GLY C N   1 
ATOM   596 C  CA  . GLY B 1 34 ? -11.301 7.454   -6.384  1.00 27.42 ? 79  GLY C CA  1 
ATOM   597 C  C   . GLY B 1 34 ? -10.389 6.487   -7.085  1.00 26.99 ? 79  GLY C C   1 
ATOM   598 O  O   . GLY B 1 34 ? -10.514 5.280   -6.891  1.00 33.47 ? 79  GLY C O   1 
ATOM   599 N  N   . LYS B 1 35 ? -9.470  6.988   -7.893  1.00 25.61 ? 80  LYS C N   1 
ATOM   600 C  CA  . LYS B 1 35 ? -8.586  6.075   -8.584  1.00 32.67 ? 80  LYS C CA  1 
ATOM   601 C  C   . LYS B 1 35 ? -7.714  5.234   -7.634  1.00 39.30 ? 80  LYS C C   1 
ATOM   602 O  O   . LYS B 1 35 ? -7.257  4.159   -8.037  1.00 31.68 ? 80  LYS C O   1 
ATOM   603 C  CB  . LYS B 1 35 ? -7.740  6.801   -9.664  1.00 46.74 ? 80  LYS C CB  1 
ATOM   604 C  CG  . LYS B 1 35 ? -6.382  7.351   -9.214  1.00 85.21 ? 80  LYS C CG  1 
ATOM   605 C  CD  . LYS B 1 35 ? -5.455  7.689   -10.408 1.00 84.33 ? 80  LYS C CD  1 
ATOM   606 C  CE  . LYS B 1 35 ? -4.896  6.433   -11.104 1.00 84.19 ? 80  LYS C CE  1 
ATOM   607 N  NZ  . LYS B 1 35 ? -3.999  6.741   -12.277 1.00 76.28 ? 80  LYS C NZ  1 
ATOM   608 N  N   . ASN B 1 36 ? -7.507  5.692   -6.386  1.00 19.63 ? 81  ASN C N   1 
ATOM   609 C  CA  . ASN B 1 36 ? -6.636  4.974   -5.426  1.00 21.81 ? 81  ASN C CA  1 
ATOM   610 C  C   . ASN B 1 36 ? -7.381  4.609   -4.165  1.00 20.71 ? 81  ASN C C   1 
ATOM   611 O  O   . ASN B 1 36 ? -6.773  4.406   -3.121  1.00 19.75 ? 81  ASN C O   1 
ATOM   612 C  CB  . ASN B 1 36 ? -5.438  5.824   -5.008  1.00 18.27 ? 81  ASN C CB  1 
ATOM   613 C  CG  . ASN B 1 36 ? -4.546  6.184   -6.166  1.00 22.35 ? 81  ASN C CG  1 
ATOM   614 O  OD1 . ASN B 1 36 ? -3.982  5.320   -6.831  1.00 31.61 ? 81  ASN C OD1 1 
ATOM   615 N  ND2 . ASN B 1 36 ? -4.425  7.468   -6.423  1.00 40.52 ? 81  ASN C ND2 1 
ATOM   616 N  N   . CYS B 1 37 ? -8.703  4.578   -4.250  1.00 17.27 ? 82  CYS C N   1 
ATOM   617 C  CA  . CYS B 1 37 ? -9.564  4.287   -3.104  1.00 15.32 ? 82  CYS C CA  1 
ATOM   618 C  C   . CYS B 1 37 ? -9.468  5.323   -1.991  1.00 12.86 ? 82  CYS C C   1 
ATOM   619 O  O   . CYS B 1 37 ? -9.710  5.003   -0.832  1.00 19.73 ? 82  CYS C O   1 
ATOM   620 C  CB  . CYS B 1 37 ? -9.281  2.907   -2.519  1.00 14.11 ? 82  CYS C CB  1 
ATOM   621 S  SG  . CYS B 1 37 ? -9.210  1.595   -3.772  1.00 20.75 ? 82  CYS C SG  1 
ATOM   622 N  N   . GLU B 1 38 ? -9.115  6.557   -2.333  1.00 23.72 ? 83  GLU C N   1 
ATOM   623 C  CA  . GLU B 1 38 ? -8.841  7.541   -1.288  1.00 21.74 ? 83  GLU C CA  1 
ATOM   624 C  C   . GLU B 1 38 ? -10.100 8.293   -0.865  1.00 40.08 ? 83  GLU C C   1 
ATOM   625 O  O   . GLU B 1 38 ? -10.079 9.001   0.144   1.00 38.15 ? 83  GLU C O   1 
ATOM   626 C  CB  . GLU B 1 38 ? -7.758  8.533   -1.861  1.00 19.31 ? 83  GLU C CB  1 
ATOM   627 C  CG  1 GLU B 1 38 ? -8.307  9.627   -2.830  0.50 29.25 ? 83  GLU C CG  1 
ATOM   628 C  CG  2 GLU B 1 38 ? -7.904  9.414   -3.053  0.50 28.75 ? 83  GLU C CG  1 
ATOM   629 C  CD  1 GLU B 1 38 ? -7.888  9.474   -4.335  0.50 20.47 ? 83  GLU C CD  1 
ATOM   630 C  CD  2 GLU B 1 38 ? -7.724  8.743   -4.376  0.50 21.67 ? 83  GLU C CD  1 
ATOM   631 O  OE1 1 GLU B 1 38 ? -6.644  9.363   -4.688  0.50 14.04 ? 83  GLU C OE1 1 
ATOM   632 O  OE1 2 GLU B 1 38 ? -6.574  8.311   -4.802  0.50 36.68 ? 83  GLU C OE1 1 
ATOM   633 O  OE2 1 GLU B 1 38 ? -8.787  9.464   -5.265  0.50 49.77 ? 83  GLU C OE2 1 
ATOM   634 O  OE2 2 GLU B 1 38 ? -8.755  8.517   -5.145  0.50 25.87 ? 83  GLU C OE2 1 
ATOM   635 N  N   . LEU B 1 39 ? -11.188 8.126   -1.621  1.00 25.79 ? 84  LEU C N   1 
ATOM   636 C  CA  . LEU B 1 39 ? -12.488 8.689   -1.233  1.00 35.10 ? 84  LEU C CA  1 
ATOM   637 C  C   . LEU B 1 39 ? -13.478 7.690   -0.632  1.00 43.55 ? 84  LEU C C   1 
ATOM   638 O  O   . LEU B 1 39 ? -13.551 6.537   -1.102  1.00 56.65 ? 84  LEU C O   1 
ATOM   639 C  CB  . LEU B 1 39 ? -13.146 9.386   -2.416  1.00 24.69 ? 84  LEU C CB  1 
ATOM   640 C  CG  . LEU B 1 39 ? -12.402 10.624  -2.885  1.00 29.01 ? 84  LEU C CG  1 
ATOM   641 C  CD1 . LEU B 1 39 ? -11.942 11.403  -1.678  1.00 47.31 ? 84  LEU C CD1 1 
ATOM   642 C  CD2 . LEU B 1 39 ? -11.202 10.222  -3.706  1.00 71.49 ? 84  LEU C CD2 1 
ATOM   643 O  OXT . LEU B 1 39 ? -14.225 8.097   0.278   1.00 59.48 ? 84  LEU C OXT 1 
HETATM 644 CA CA  . CA  C 2 .  ? 8.279   9.614   9.495   1.00 23.10 ? 3   CA  B CA  1 
HETATM 645 CA CA  . CA  D 2 .  ? -6.139  3.944   5.302   1.00 13.36 ? 2   CA  B CA  1 
HETATM 646 CA CA  . CA  E 2 .  ? 2.758   -2.825  -15.745 1.00 11.35 ? 1   CA  C CA  1 
HETATM 647 O  O   . HOH F 3 .  ? 10.805  4.898   6.975   1.00 18.56 ? 201 HOH B O   1 
HETATM 648 O  O   . HOH F 3 .  ? 7.337   3.169   5.196   1.00 17.50 ? 202 HOH B O   1 
HETATM 649 O  O   . HOH F 3 .  ? 4.410   -4.477  0.323   1.00 38.41 ? 203 HOH B O   1 
HETATM 650 O  O   . HOH F 3 .  ? 18.349  -10.504 11.938  1.00 37.42 ? 204 HOH B O   1 
HETATM 651 O  O   . HOH F 3 .  ? 15.733  -9.246  13.433  1.00 21.94 ? 206 HOH B O   1 
HETATM 652 O  O   . HOH F 3 .  ? 10.267  8.457   8.379   1.00 26.29 ? 208 HOH B O   1 
HETATM 653 O  O   . HOH F 3 .  ? 8.636   11.928  10.029  1.00 38.31 ? 209 HOH B O   1 
HETATM 654 O  O   . HOH F 3 .  ? 8.801   10.649  7.276   1.00 27.84 ? 210 HOH B O   1 
HETATM 655 O  O   . HOH F 3 .  ? 5.487   4.537   3.046   1.00 31.45 ? 211 HOH B O   1 
HETATM 656 O  O   . HOH F 3 .  ? 14.480  -9.438  1.625   1.00 25.86 ? 212 HOH B O   1 
HETATM 657 O  O   . HOH F 3 .  ? 6.666   2.195   1.801   1.00 26.24 ? 214 HOH B O   1 
HETATM 658 O  O   . HOH F 3 .  ? 3.396   -4.406  10.021  1.00 26.40 ? 216 HOH B O   1 
HETATM 659 O  O   . HOH F 3 .  ? 7.979   4.284   12.438  1.00 25.72 ? 217 HOH B O   1 
HETATM 660 O  O   . HOH F 3 .  ? -4.264  -1.022  0.355   1.00 32.85 ? 218 HOH B O   1 
HETATM 661 O  O   . HOH F 3 .  ? 6.896   -4.481  16.740  1.00 30.53 ? 219 HOH B O   1 
HETATM 662 O  O   . HOH F 3 .  ? 0.324   4.181   0.692   1.00 31.70 ? 224 HOH B O   1 
HETATM 663 O  O   . HOH F 3 .  ? 3.161   -4.104  2.688   1.00 40.57 ? 225 HOH B O   1 
HETATM 664 O  O   . HOH F 3 .  ? 12.372  -11.527 8.961   1.00 40.64 ? 226 HOH B O   1 
HETATM 665 O  O   . HOH F 3 .  ? 9.169   -9.557  8.842   1.00 36.60 ? 228 HOH B O   1 
HETATM 666 O  O   . HOH F 3 .  ? 4.870   10.775  4.065   1.00 34.24 ? 229 HOH B O   1 
HETATM 667 O  O   . HOH F 3 .  ? 2.295   6.623   1.713   1.00 48.82 ? 230 HOH B O   1 
HETATM 668 O  O   . HOH F 3 .  ? -11.079 0.515   12.820  1.00 51.37 ? 231 HOH B O   1 
HETATM 669 O  O   . HOH F 3 .  ? 8.629   7.379   10.043  1.00 28.50 ? 234 HOH B O   1 
HETATM 670 O  O   . HOH F 3 .  ? 4.447   8.523   2.576   1.00 49.19 ? 235 HOH B O   1 
HETATM 671 O  O   . HOH F 3 .  ? -1.898  -1.003  11.964  1.00 44.13 ? 236 HOH B O   1 
HETATM 672 O  O   . HOH F 3 .  ? -2.288  -4.095  10.709  1.00 46.55 ? 237 HOH B O   1 
HETATM 673 O  O   . HOH F 3 .  ? 4.543   1.312   -0.300  1.00 48.88 ? 240 HOH B O   1 
HETATM 674 O  O   . HOH F 3 .  ? 17.868  -8.015  3.847   1.00 60.99 ? 241 HOH B O   1 
HETATM 675 O  O   . HOH F 3 .  ? -6.438  -0.030  13.942  1.00 36.80 ? 243 HOH B O   1 
HETATM 676 O  O   . HOH F 3 .  ? -3.265  -2.654  -1.332  1.00 49.14 ? 247 HOH B O   1 
HETATM 677 O  O   . HOH F 3 .  ? 10.748  -0.649  0.187   1.00 46.17 ? 248 HOH B O   1 
HETATM 678 O  O   . HOH F 3 .  ? 6.434   -8.646  8.966   1.00 47.07 ? 250 HOH B O   1 
HETATM 679 O  O   . HOH F 3 .  ? 13.299  0.565   -0.345  1.00 47.61 ? 251 HOH B O   1 
HETATM 680 O  O   . HOH F 3 .  ? 10.556  10.362  10.084  1.00 44.48 ? 254 HOH B O   1 
HETATM 681 O  O   . HOH F 3 .  ? 9.774   2.623   14.466  1.00 46.00 ? 255 HOH B O   1 
HETATM 682 O  O   . HOH F 3 .  ? 5.703   -6.161  10.039  1.00 53.96 ? 258 HOH B O   1 
HETATM 683 O  O   . HOH F 3 .  ? 18.661  -9.975  1.090   1.00 51.60 ? 259 HOH B O   1 
HETATM 684 O  O   . HOH F 3 .  ? 1.102   -5.709  10.915  1.00 52.85 ? 261 HOH B O   1 
HETATM 685 O  O   . HOH F 3 .  ? 9.452   -2.450  19.096  1.00 56.23 ? 263 HOH B O   1 
HETATM 686 O  O   . HOH F 3 .  ? 3.306   -8.043  5.154   1.00 22.76 ? 264 HOH B O   1 
HETATM 687 O  O   . HOH F 3 .  ? 1.988   -6.510  3.252   1.00 30.15 ? 265 HOH B O   1 
HETATM 688 O  O   . HOH F 3 .  ? 7.965   -8.975  6.496   1.00 21.66 ? 266 HOH B O   1 
HETATM 689 O  O   . HOH F 3 .  ? -10.107 12.622  6.836   1.00 39.46 ? 272 HOH B O   1 
HETATM 690 O  O   . HOH F 3 .  ? -11.785 7.334   2.439   1.00 31.86 ? 276 HOH B O   1 
HETATM 691 O  O   . HOH F 3 .  ? -8.625  -2.825  10.435  1.00 49.60 ? 279 HOH B O   1 
HETATM 692 O  O   . HOH F 3 .  ? -4.894  9.935   0.255   1.00 34.14 ? 280 HOH B O   1 
HETATM 693 O  O   . HOH F 3 .  ? 6.687   12.835  7.062   1.00 41.28 ? 281 HOH B O   1 
HETATM 694 O  O   . HOH F 3 .  ? -10.500 6.564   9.813   0.50 43.97 ? 400 HOH B O   1 
HETATM 695 O  O   . HOH F 3 .  ? 8.437   0.589   -0.475  0.50 51.82 ? 402 HOH B O   1 
HETATM 696 O  O   . HOH F 3 .  ? -8.591  -4.392  4.261   0.50 46.26 ? 403 HOH B O   1 
HETATM 697 O  O   . HOH F 3 .  ? -11.226 5.398   9.437   0.50 54.02 ? 404 HOH B O   1 
HETATM 698 O  O   . HOH F 3 .  ? 4.178   4.843   0.758   0.50 41.39 ? 406 HOH B O   1 
HETATM 699 O  O   . HOH F 3 .  ? -8.251  -2.492  5.332   0.50 45.70 ? 408 HOH B O   1 
HETATM 700 O  O   . HOH F 3 .  ? 4.006   0.705   16.226  0.50 43.35 ? 410 HOH B O   1 
HETATM 701 O  O   . HOH F 3 .  ? 1.459   -3.150  14.495  0.50 44.36 ? 411 HOH B O   1 
HETATM 702 O  O   . HOH F 3 .  ? -0.982  1.630   0.366   0.50 20.13 ? 412 HOH B O   1 
HETATM 703 O  O   . HOH F 3 .  ? -12.653 7.409   6.426   0.50 49.06 ? 414 HOH B O   1 
HETATM 704 O  O   . HOH F 3 .  ? 0.570   10.188  4.816   0.50 55.18 ? 415 HOH B O   1 
HETATM 705 O  O   . HOH F 3 .  ? 14.164  -3.188  0.481   0.50 33.17 ? 417 HOH B O   1 
HETATM 706 O  O   . HOH F 3 .  ? -1.471  1.095   0.183   0.50 11.06 ? 420 HOH B O   1 
HETATM 707 O  O   . HOH F 3 .  ? -0.736  -6.179  4.633   0.50 23.47 ? 421 HOH B O   1 
HETATM 708 O  O   . HOH F 3 .  ? 7.716   -9.334  13.957  0.50 25.19 ? 424 HOH B O   1 
HETATM 709 O  O   . HOH F 3 .  ? 3.180   4.380   0.615   0.50 52.12 ? 425 HOH B O   1 
HETATM 710 O  O   . HOH F 3 .  ? -4.203  10.301  8.223   0.50 39.95 ? 428 HOH B O   1 
HETATM 711 O  O   . HOH F 3 .  ? -2.739  10.601  6.774   0.50 28.91 ? 429 HOH B O   1 
HETATM 712 O  O   . HOH F 3 .  ? -3.770  10.948  5.176   0.50 24.05 ? 435 HOH B O   1 
HETATM 713 O  O   . HOH F 3 .  ? 7.636   -10.139 15.542  0.50 41.46 ? 438 HOH B O   1 
HETATM 714 O  O   . HOH F 3 .  ? 0.877   -7.831  6.675   0.50 49.93 ? 439 HOH B O   1 
HETATM 715 O  O   . HOH F 3 .  ? 10.900  -12.960 16.331  0.50 61.26 ? 442 HOH B O   1 
HETATM 716 O  O   . HOH F 3 .  ? -10.514 -4.534  3.895   0.50 49.73 ? 444 HOH B O   1 
HETATM 717 O  O   . HOH F 3 .  ? 19.176  -8.047  10.189  0.50 26.64 ? 445 HOH B O   1 
HETATM 718 O  O   . HOH F 3 .  ? -13.385 12.154  1.486   0.50 35.74 ? 446 HOH B O   1 
HETATM 719 O  O   . HOH G 3 .  ? -2.121  -1.293  -3.391  1.00 18.51 ? 200 HOH C O   1 
HETATM 720 O  O   . HOH G 3 .  ? -0.149  -3.605  -4.365  1.00 22.45 ? 205 HOH C O   1 
HETATM 721 O  O   . HOH G 3 .  ? 6.813   -0.961  -2.013  1.00 39.92 ? 207 HOH C O   1 
HETATM 722 O  O   . HOH G 3 .  ? 10.679  -7.286  -18.109 1.00 28.30 ? 213 HOH C O   1 
HETATM 723 O  O   . HOH G 3 .  ? -9.591  9.668   -7.730  1.00 38.37 ? 215 HOH C O   1 
HETATM 724 O  O   . HOH G 3 .  ? -7.893  3.151   -10.496 1.00 30.85 ? 220 HOH C O   1 
HETATM 725 O  O   . HOH G 3 .  ? 0.584   -6.535  -9.657  1.00 33.21 ? 221 HOH C O   1 
HETATM 726 O  O   . HOH G 3 .  ? 7.861   -7.048  -15.896 1.00 34.91 ? 222 HOH C O   1 
HETATM 727 O  O   . HOH G 3 .  ? -2.695  -4.430  -3.971  1.00 34.87 ? 223 HOH C O   1 
HETATM 728 O  O   . HOH G 3 .  ? 11.719  -6.546  -4.091  1.00 46.01 ? 227 HOH C O   1 
HETATM 729 O  O   . HOH G 3 .  ? 9.252   -5.136  -11.519 1.00 48.02 ? 232 HOH C O   1 
HETATM 730 O  O   . HOH G 3 .  ? 9.744   -6.038  -13.868 1.00 50.46 ? 233 HOH C O   1 
HETATM 731 O  O   . HOH G 3 .  ? 2.671   -8.710  -8.460  1.00 51.90 ? 238 HOH C O   1 
HETATM 732 O  O   . HOH G 3 .  ? 5.429   -8.891  -6.429  1.00 55.11 ? 239 HOH C O   1 
HETATM 733 O  O   . HOH G 3 .  ? -1.355  6.380   -3.560  1.00 53.26 ? 242 HOH C O   1 
HETATM 734 O  O   . HOH G 3 .  ? -5.610  -6.132  -0.817  1.00 50.21 ? 244 HOH C O   1 
HETATM 735 O  O   . HOH G 3 .  ? -5.919  4.206   -12.355 1.00 56.41 ? 245 HOH C O   1 
HETATM 736 O  O   . HOH G 3 .  ? -10.783 3.108   -8.512  1.00 47.44 ? 246 HOH C O   1 
HETATM 737 O  O   . HOH G 3 .  ? -10.566 2.001   -11.480 1.00 45.59 ? 249 HOH C O   1 
HETATM 738 O  O   . HOH G 3 .  ? -9.868  8.697   -12.972 1.00 53.39 ? 252 HOH C O   1 
HETATM 739 O  O   . HOH G 3 .  ? -18.345 4.049   -8.706  1.00 60.71 ? 253 HOH C O   1 
HETATM 740 O  O   . HOH G 3 .  ? 2.255   5.394   -6.485  1.00 54.62 ? 256 HOH C O   1 
HETATM 741 O  O   . HOH G 3 .  ? -2.639  8.222   -9.285  1.00 66.89 ? 257 HOH C O   1 
HETATM 742 O  O   . HOH G 3 .  ? 6.412   -2.950  -22.151 1.00 27.95 ? 260 HOH C O   1 
HETATM 743 O  O   . HOH G 3 .  ? 4.656   -1.445  -23.314 1.00 58.25 ? 262 HOH C O   1 
HETATM 744 O  O   . HOH G 3 .  ? 3.348   -6.458  -4.160  1.00 21.82 ? 267 HOH C O   1 
HETATM 745 O  O   . HOH G 3 .  ? -0.594  6.035   -16.280 1.00 47.82 ? 268 HOH C O   1 
HETATM 746 O  O   . HOH G 3 .  ? 0.582   4.744   -1.914  1.00 31.52 ? 269 HOH C O   1 
HETATM 747 O  O   . HOH G 3 .  ? 2.938   -5.931  -6.657  1.00 25.07 ? 270 HOH C O   1 
HETATM 748 O  O   . HOH G 3 .  ? -7.141  7.058   -12.497 1.00 53.68 ? 271 HOH C O   1 
HETATM 749 O  O   . HOH G 3 .  ? 2.299   4.381   -3.937  1.00 45.25 ? 273 HOH C O   1 
HETATM 750 O  O   . HOH G 3 .  ? 6.050   -0.284  -8.287  1.00 55.02 ? 274 HOH C O   1 
HETATM 751 O  O   . HOH G 3 .  ? 2.836   2.951   -8.887  1.00 31.11 ? 275 HOH C O   1 
HETATM 752 O  O   . HOH G 3 .  ? -14.377 6.329   -8.335  1.00 43.76 ? 277 HOH C O   1 
HETATM 753 O  O   . HOH G 3 .  ? -2.500  4.597   -13.242 1.00 29.74 ? 278 HOH C O   1 
HETATM 754 O  O   . HOH G 3 .  ? 9.700   -5.068  -5.353  1.00 50.32 ? 282 HOH C O   1 
HETATM 755 O  O   . HOH G 3 .  ? 7.281   0.053   -16.012 0.50 25.70 ? 401 HOH C O   1 
HETATM 756 O  O   . HOH G 3 .  ? -4.945  1.910   -15.784 0.50 57.95 ? 405 HOH C O   1 
HETATM 757 O  O   . HOH G 3 .  ? -13.907 2.882   -7.248  0.50 34.25 ? 407 HOH C O   1 
HETATM 758 O  O   . HOH G 3 .  ? 4.626   1.301   -20.496 0.50 39.88 ? 409 HOH C O   1 
HETATM 759 O  O   . HOH G 3 .  ? 12.432  -2.335  -6.515  0.50 49.86 ? 413 HOH C O   1 
HETATM 760 O  O   . HOH G 3 .  ? -3.108  -7.259  -15.183 0.50 14.01 ? 416 HOH C O   1 
HETATM 761 O  O   . HOH G 3 .  ? 5.828   1.029   -20.780 0.50 20.52 ? 418 HOH C O   1 
HETATM 762 O  O   . HOH G 3 .  ? -11.125 -5.050  -2.402  0.50 43.86 ? 419 HOH C O   1 
HETATM 763 O  O   . HOH G 3 .  ? 6.172   -7.318  -8.437  0.50 39.22 ? 422 HOH C O   1 
HETATM 764 O  O   . HOH G 3 .  ? 6.628   -3.906  -25.117 0.50 45.10 ? 423 HOH C O   1 
HETATM 765 O  O   . HOH G 3 .  ? -16.114 -0.365  3.231   0.50 41.13 ? 426 HOH C O   1 
HETATM 766 O  O   . HOH G 3 .  ? -21.181 -0.915  -2.276  0.50 23.62 ? 427 HOH C O   1 
HETATM 767 O  O   . HOH G 3 .  ? 7.515   1.389   -0.772  0.50 45.24 ? 430 HOH C O   1 
HETATM 768 O  O   . HOH G 3 .  ? -18.721 6.807   -1.082  0.50 37.48 ? 431 HOH C O   1 
HETATM 769 O  O   . HOH G 3 .  ? 6.356   2.041   -17.155 0.50 46.81 ? 432 HOH C O   1 
HETATM 770 O  O   . HOH G 3 .  ? -18.091 6.657   -0.859  0.50 21.66 ? 433 HOH C O   1 
HETATM 771 O  O   . HOH G 3 .  ? -5.334  9.626   -7.998  0.50 43.19 ? 434 HOH C O   1 
HETATM 772 O  O   . HOH G 3 .  ? -13.095 1.223   -7.131  0.50 26.81 ? 436 HOH C O   1 
HETATM 773 O  O   . HOH G 3 .  ? -6.690  9.293   -7.327  0.50 41.23 ? 437 HOH C O   1 
HETATM 774 O  O   . HOH G 3 .  ? 6.214   -7.760  -9.782  0.50 25.97 ? 440 HOH C O   1 
HETATM 775 O  O   . HOH G 3 .  ? 7.510   -9.302  -10.602 0.50 33.36 ? 441 HOH C O   1 
HETATM 776 O  O   . HOH G 3 .  ? -4.979  -4.636  -16.180 0.50 19.87 ? 443 HOH C O   1 
HETATM 777 O  O   . HOH G 3 .  ? -5.185  -1.031  -15.662 0.50 26.92 ? 447 HOH C O   1 
# 
